data_2LRS
#
_entry.id   2LRS
#
_entity_poly.entity_id   1
_entity_poly.type   'polypeptide(L)'
_entity_poly.pdbx_seq_one_letter_code
;NDICLRKNWPMPSYRCVKEGGPAHAKRFTFGVRVNTSDRGWTDECIGEPMPSVKKAKDSAAVLLLELLNKT
;
_entity_poly.pdbx_strand_id   A
#
# COMPACT_ATOMS: atom_id res chain seq x y z
N ASN A 1 1.90 8.45 5.10
CA ASN A 1 1.06 9.47 4.43
C ASN A 1 1.81 10.79 4.31
N ASP A 2 2.85 10.98 5.12
CA ASP A 2 3.57 12.25 5.16
C ASP A 2 4.21 12.56 3.82
N ILE A 3 4.83 11.55 3.21
CA ILE A 3 5.55 11.73 1.96
C ILE A 3 4.60 12.13 0.84
N CYS A 4 3.43 11.50 0.81
CA CYS A 4 2.43 11.79 -0.22
C CYS A 4 1.86 13.19 -0.01
N LEU A 5 1.64 13.53 1.24
CA LEU A 5 1.14 14.84 1.62
C LEU A 5 2.14 15.92 1.23
N ARG A 6 3.38 15.69 1.61
CA ARG A 6 4.48 16.61 1.33
C ARG A 6 4.68 16.80 -0.18
N LYS A 7 4.49 15.73 -0.95
CA LYS A 7 4.63 15.77 -2.39
C LYS A 7 3.48 16.50 -3.06
N ASN A 8 2.54 16.90 -2.23
CA ASN A 8 1.34 17.62 -2.64
C ASN A 8 0.46 16.74 -3.53
N TRP A 9 0.30 15.49 -3.12
CA TRP A 9 -0.60 14.58 -3.81
C TRP A 9 -1.85 14.39 -2.96
N PRO A 10 -2.95 13.88 -3.55
CA PRO A 10 -4.13 13.49 -2.81
C PRO A 10 -3.83 12.27 -1.93
N MET A 11 -4.83 11.78 -1.21
CA MET A 11 -4.61 10.65 -0.32
C MET A 11 -4.64 9.35 -1.11
N PRO A 12 -3.60 8.51 -0.96
CA PRO A 12 -3.44 7.28 -1.75
C PRO A 12 -4.55 6.26 -1.52
N SER A 13 -4.57 5.26 -2.38
CA SER A 13 -5.56 4.20 -2.31
C SER A 13 -5.06 3.09 -1.37
N TYR A 14 -5.97 2.54 -0.59
CA TYR A 14 -5.63 1.51 0.38
C TYR A 14 -6.78 0.52 0.51
N ARG A 15 -6.60 -0.71 0.03
CA ARG A 15 -7.64 -1.72 0.10
C ARG A 15 -7.04 -3.11 0.00
N CYS A 16 -7.42 -3.99 0.91
CA CYS A 16 -6.90 -5.36 0.94
C CYS A 16 -7.33 -6.11 -0.30
N VAL A 17 -6.35 -6.65 -1.01
CA VAL A 17 -6.61 -7.38 -2.25
C VAL A 17 -7.01 -8.80 -1.95
N LYS A 18 -6.46 -9.34 -0.88
CA LYS A 18 -6.83 -10.65 -0.39
C LYS A 18 -6.98 -10.61 1.13
N GLU A 19 -8.14 -11.00 1.62
CA GLU A 19 -8.41 -11.03 3.05
C GLU A 19 -9.37 -12.17 3.37
N GLY A 20 -8.99 -13.01 4.32
CA GLY A 20 -9.82 -14.14 4.70
C GLY A 20 -9.72 -15.27 3.70
N GLY A 21 -10.49 -16.32 3.94
CA GLY A 21 -10.50 -17.45 3.04
C GLY A 21 -10.96 -18.72 3.73
N PRO A 22 -10.45 -19.88 3.30
CA PRO A 22 -10.79 -21.18 3.88
C PRO A 22 -10.14 -21.41 5.25
N ALA A 23 -10.41 -20.48 6.18
CA ALA A 23 -9.93 -20.57 7.58
C ALA A 23 -8.42 -20.34 7.69
N HIS A 24 -7.65 -21.19 7.03
CA HIS A 24 -6.18 -21.11 7.10
C HIS A 24 -5.62 -20.01 6.20
N ALA A 25 -6.48 -19.08 5.81
CA ALA A 25 -6.08 -18.01 4.92
C ALA A 25 -6.41 -16.65 5.50
N LYS A 26 -6.21 -16.51 6.81
CA LYS A 26 -6.49 -15.26 7.50
C LYS A 26 -5.27 -14.34 7.45
N ARG A 27 -4.36 -14.65 6.53
CA ARG A 27 -3.27 -13.73 6.26
C ARG A 27 -3.77 -12.72 5.23
N PHE A 28 -3.42 -11.47 5.42
CA PHE A 28 -3.97 -10.43 4.59
C PHE A 28 -2.92 -9.85 3.68
N THR A 29 -3.27 -9.74 2.41
CA THR A 29 -2.37 -9.20 1.41
C THR A 29 -3.03 -7.98 0.81
N PHE A 30 -2.30 -6.87 0.71
CA PHE A 30 -2.90 -5.62 0.27
C PHE A 30 -1.94 -4.92 -0.69
N GLY A 31 -2.48 -4.12 -1.61
CA GLY A 31 -1.67 -3.38 -2.55
C GLY A 31 -1.96 -1.90 -2.53
N VAL A 32 -0.92 -1.08 -2.55
CA VAL A 32 -1.07 0.37 -2.43
C VAL A 32 -0.81 1.03 -3.77
N ARG A 33 -1.39 2.19 -3.98
CA ARG A 33 -1.07 2.99 -5.15
C ARG A 33 -1.23 4.47 -4.80
N VAL A 34 -0.38 5.31 -5.37
CA VAL A 34 -0.41 6.74 -5.10
C VAL A 34 -0.52 7.53 -6.41
N ASN A 35 -1.05 8.75 -6.33
CA ASN A 35 -1.20 9.56 -7.53
C ASN A 35 -0.01 10.50 -7.68
N THR A 36 1.03 9.97 -8.28
CA THR A 36 2.23 10.74 -8.55
C THR A 36 1.94 11.71 -9.67
N SER A 37 1.73 12.97 -9.32
CA SER A 37 1.27 14.00 -10.25
C SER A 37 2.01 13.98 -11.59
N ASP A 38 3.28 13.63 -11.56
CA ASP A 38 4.11 13.59 -12.77
C ASP A 38 3.75 12.42 -13.70
N ARG A 39 3.14 11.37 -13.16
CA ARG A 39 2.85 10.18 -13.96
C ARG A 39 1.42 9.68 -13.72
N GLY A 40 1.02 9.63 -12.46
CA GLY A 40 -0.29 9.15 -12.09
C GLY A 40 -0.23 8.05 -11.07
N TRP A 41 -1.25 7.22 -11.05
CA TRP A 41 -1.29 6.04 -10.20
C TRP A 41 0.00 5.23 -10.33
N THR A 42 0.69 5.08 -9.21
CA THR A 42 1.95 4.34 -9.17
C THR A 42 1.71 2.85 -9.36
N ASP A 43 2.80 2.10 -9.48
CA ASP A 43 2.72 0.66 -9.51
C ASP A 43 2.12 0.17 -8.21
N GLU A 44 1.15 -0.71 -8.31
CA GLU A 44 0.46 -1.22 -7.14
C GLU A 44 1.44 -2.01 -6.28
N CYS A 45 1.68 -1.50 -5.10
CA CYS A 45 2.66 -2.07 -4.21
C CYS A 45 2.01 -3.07 -3.28
N ILE A 46 2.09 -4.33 -3.63
CA ILE A 46 1.55 -5.40 -2.83
C ILE A 46 2.50 -5.72 -1.66
N GLY A 47 1.95 -5.69 -0.46
CA GLY A 47 2.72 -6.02 0.72
C GLY A 47 2.74 -7.51 0.97
N GLU A 48 3.25 -7.91 2.12
CA GLU A 48 3.32 -9.31 2.47
C GLU A 48 2.04 -9.75 3.17
N PRO A 49 1.68 -11.03 3.05
CA PRO A 49 0.55 -11.61 3.81
C PRO A 49 0.77 -11.43 5.31
N MET A 50 -0.01 -10.55 5.91
CA MET A 50 0.18 -10.17 7.31
C MET A 50 -0.97 -10.70 8.16
N PRO A 51 -0.71 -11.06 9.43
CA PRO A 51 -1.71 -11.62 10.32
C PRO A 51 -2.62 -10.57 10.98
N SER A 52 -2.45 -9.31 10.60
CA SER A 52 -3.30 -8.24 11.12
C SER A 52 -3.49 -7.17 10.05
N VAL A 53 -4.71 -6.68 9.92
CA VAL A 53 -5.09 -5.77 8.83
C VAL A 53 -4.37 -4.44 8.92
N LYS A 54 -4.02 -4.04 10.14
CA LYS A 54 -3.29 -2.80 10.35
C LYS A 54 -1.85 -2.95 9.87
N LYS A 55 -1.29 -4.14 10.07
CA LYS A 55 0.09 -4.42 9.64
C LYS A 55 0.13 -4.57 8.13
N ALA A 56 -0.99 -5.02 7.56
CA ALA A 56 -1.09 -5.19 6.12
C ALA A 56 -0.84 -3.87 5.41
N LYS A 57 -1.65 -2.87 5.72
CA LYS A 57 -1.51 -1.53 5.14
C LYS A 57 -0.11 -0.99 5.32
N ASP A 58 0.32 -0.89 6.58
CA ASP A 58 1.58 -0.25 6.91
C ASP A 58 2.77 -0.90 6.22
N SER A 59 2.81 -2.22 6.16
CA SER A 59 3.96 -2.92 5.60
C SER A 59 4.04 -2.74 4.08
N ALA A 60 2.89 -2.69 3.42
CA ALA A 60 2.87 -2.40 2.00
C ALA A 60 3.29 -0.96 1.76
N ALA A 61 2.77 -0.09 2.61
CA ALA A 61 3.12 1.33 2.60
C ALA A 61 4.63 1.54 2.71
N VAL A 62 5.32 0.67 3.45
CA VAL A 62 6.78 0.77 3.61
C VAL A 62 7.49 0.56 2.27
N LEU A 63 6.93 -0.32 1.45
CA LEU A 63 7.47 -0.60 0.13
C LEU A 63 7.15 0.58 -0.79
N LEU A 64 6.00 1.18 -0.54
CA LEU A 64 5.53 2.34 -1.28
C LEU A 64 6.46 3.51 -1.04
N LEU A 65 6.95 3.61 0.19
CA LEU A 65 7.89 4.65 0.57
C LEU A 65 9.16 4.57 -0.27
N GLU A 66 9.49 3.36 -0.71
CA GLU A 66 10.67 3.16 -1.55
C GLU A 66 10.42 3.70 -2.95
N LEU A 67 9.18 3.52 -3.40
CA LEU A 67 8.76 4.03 -4.69
C LEU A 67 8.76 5.55 -4.67
N LEU A 68 8.20 6.09 -3.59
CA LEU A 68 8.14 7.52 -3.36
C LEU A 68 9.50 8.12 -3.04
N ASN A 69 10.47 7.26 -2.78
CA ASN A 69 11.84 7.71 -2.53
C ASN A 69 12.57 7.89 -3.85
N LYS A 70 11.90 7.53 -4.93
CA LYS A 70 12.44 7.63 -6.27
C LYS A 70 11.65 8.66 -7.07
N THR A 71 11.39 9.80 -6.45
CA THR A 71 10.56 10.82 -7.06
C THR A 71 11.31 12.15 -7.19
N ASN A 1 0.99 9.27 5.34
CA ASN A 1 0.23 10.21 4.47
C ASN A 1 0.98 11.52 4.27
N ASP A 2 1.93 11.81 5.16
CA ASP A 2 2.64 13.08 5.15
C ASP A 2 3.42 13.28 3.86
N ILE A 3 4.14 12.22 3.46
CA ILE A 3 4.97 12.28 2.27
C ILE A 3 4.13 12.54 1.02
N CYS A 4 2.99 11.86 0.94
CA CYS A 4 2.11 12.01 -0.21
C CYS A 4 1.46 13.39 -0.19
N LEU A 5 1.05 13.80 1.00
CA LEU A 5 0.42 15.10 1.20
C LEU A 5 1.38 16.22 0.83
N ARG A 6 2.59 16.12 1.36
CA ARG A 6 3.61 17.13 1.19
C ARG A 6 4.03 17.27 -0.27
N LYS A 7 3.97 16.16 -1.01
CA LYS A 7 4.29 16.16 -2.44
C LYS A 7 3.18 16.80 -3.26
N ASN A 8 2.17 17.31 -2.57
CA ASN A 8 1.02 17.96 -3.17
C ASN A 8 0.18 16.95 -3.95
N TRP A 9 0.25 15.70 -3.51
CA TRP A 9 -0.57 14.65 -4.08
C TRP A 9 -1.84 14.49 -3.26
N PRO A 10 -2.88 13.87 -3.84
CA PRO A 10 -4.09 13.53 -3.09
C PRO A 10 -3.85 12.39 -2.11
N MET A 11 -4.91 11.84 -1.53
CA MET A 11 -4.78 10.73 -0.60
C MET A 11 -4.56 9.43 -1.34
N PRO A 12 -3.60 8.60 -0.90
CA PRO A 12 -3.32 7.30 -1.51
C PRO A 12 -4.46 6.32 -1.33
N SER A 13 -4.53 5.33 -2.20
CA SER A 13 -5.57 4.32 -2.14
C SER A 13 -5.12 3.16 -1.26
N TYR A 14 -6.06 2.61 -0.51
CA TYR A 14 -5.76 1.53 0.41
C TYR A 14 -6.92 0.52 0.42
N ARG A 15 -6.70 -0.68 -0.11
CA ARG A 15 -7.73 -1.70 -0.17
C ARG A 15 -7.09 -3.06 -0.41
N CYS A 16 -7.34 -3.99 0.49
CA CYS A 16 -6.73 -5.31 0.43
C CYS A 16 -7.11 -6.06 -0.84
N VAL A 17 -6.10 -6.60 -1.50
CA VAL A 17 -6.29 -7.33 -2.75
C VAL A 17 -6.70 -8.76 -2.45
N LYS A 18 -6.22 -9.28 -1.34
CA LYS A 18 -6.61 -10.59 -0.88
C LYS A 18 -6.91 -10.54 0.61
N GLU A 19 -8.10 -10.98 0.97
CA GLU A 19 -8.55 -11.01 2.36
C GLU A 19 -9.54 -12.14 2.54
N GLY A 20 -9.47 -12.83 3.66
CA GLY A 20 -10.47 -13.83 3.99
C GLY A 20 -10.20 -15.17 3.36
N GLY A 21 -11.06 -16.13 3.67
CA GLY A 21 -10.91 -17.47 3.18
C GLY A 21 -11.41 -18.47 4.20
N PRO A 22 -10.93 -19.72 4.16
CA PRO A 22 -11.31 -20.75 5.15
C PRO A 22 -10.95 -20.33 6.57
N ALA A 23 -9.67 -20.37 6.88
CA ALA A 23 -9.16 -19.94 8.17
C ALA A 23 -7.66 -19.76 8.11
N HIS A 24 -6.99 -20.69 7.45
CA HIS A 24 -5.54 -20.62 7.25
C HIS A 24 -5.18 -19.52 6.26
N ALA A 25 -6.19 -18.89 5.68
CA ALA A 25 -5.98 -17.84 4.70
C ALA A 25 -6.46 -16.49 5.23
N LYS A 26 -6.33 -16.30 6.53
CA LYS A 26 -6.69 -15.03 7.14
C LYS A 26 -5.48 -14.12 7.20
N ARG A 27 -4.48 -14.47 6.41
CA ARG A 27 -3.35 -13.59 6.20
C ARG A 27 -3.74 -12.62 5.11
N PHE A 28 -3.41 -11.36 5.28
CA PHE A 28 -3.93 -10.33 4.41
C PHE A 28 -2.84 -9.80 3.52
N THR A 29 -3.18 -9.67 2.25
CA THR A 29 -2.27 -9.16 1.26
C THR A 29 -2.92 -7.96 0.60
N PHE A 30 -2.23 -6.83 0.56
CA PHE A 30 -2.85 -5.59 0.12
C PHE A 30 -1.87 -4.82 -0.77
N GLY A 31 -2.40 -3.97 -1.65
CA GLY A 31 -1.57 -3.18 -2.53
C GLY A 31 -1.91 -1.70 -2.45
N VAL A 32 -0.89 -0.86 -2.42
CA VAL A 32 -1.10 0.59 -2.27
C VAL A 32 -0.82 1.26 -3.58
N ARG A 33 -1.41 2.40 -3.81
CA ARG A 33 -1.09 3.19 -4.98
C ARG A 33 -1.15 4.66 -4.60
N VAL A 34 -0.31 5.45 -5.21
CA VAL A 34 -0.28 6.88 -4.98
C VAL A 34 -0.42 7.61 -6.31
N ASN A 35 -1.00 8.80 -6.28
CA ASN A 35 -1.19 9.57 -7.49
C ASN A 35 0.01 10.48 -7.71
N THR A 36 1.03 9.91 -8.33
CA THR A 36 2.24 10.66 -8.61
C THR A 36 1.98 11.66 -9.71
N SER A 37 1.98 12.91 -9.32
CA SER A 37 1.55 14.02 -10.18
C SER A 37 2.20 14.03 -11.56
N ASP A 38 3.36 13.39 -11.70
CA ASP A 38 4.08 13.40 -12.98
C ASP A 38 3.71 12.20 -13.85
N ARG A 39 3.08 11.17 -13.28
CA ARG A 39 2.74 9.96 -14.04
C ARG A 39 1.33 9.48 -13.75
N GLY A 40 0.93 9.54 -12.48
CA GLY A 40 -0.39 9.13 -12.09
C GLY A 40 -0.38 8.04 -11.04
N TRP A 41 -1.45 7.26 -11.02
CA TRP A 41 -1.56 6.15 -10.08
C TRP A 41 -0.41 5.16 -10.26
N THR A 42 0.30 4.92 -9.17
CA THR A 42 1.44 4.03 -9.17
C THR A 42 0.98 2.58 -9.22
N ASP A 43 1.83 1.72 -9.76
CA ASP A 43 1.58 0.28 -9.74
C ASP A 43 1.53 -0.19 -8.29
N GLU A 44 0.48 -0.92 -7.96
CA GLU A 44 0.22 -1.32 -6.59
C GLU A 44 1.41 -1.96 -5.93
N CYS A 45 1.77 -1.40 -4.79
CA CYS A 45 2.82 -1.93 -3.96
C CYS A 45 2.23 -2.97 -3.02
N ILE A 46 2.40 -4.23 -3.37
CA ILE A 46 1.84 -5.32 -2.61
C ILE A 46 2.71 -5.66 -1.41
N GLY A 47 2.13 -5.62 -0.23
CA GLY A 47 2.85 -5.95 0.97
C GLY A 47 2.89 -7.45 1.22
N GLU A 48 3.46 -7.84 2.35
CA GLU A 48 3.57 -9.25 2.69
C GLU A 48 2.31 -9.72 3.41
N PRO A 49 1.95 -11.01 3.25
CA PRO A 49 0.80 -11.60 3.95
C PRO A 49 0.88 -11.37 5.45
N MET A 50 0.01 -10.51 5.96
CA MET A 50 0.06 -10.11 7.36
C MET A 50 -1.11 -10.70 8.13
N PRO A 51 -0.88 -11.08 9.39
CA PRO A 51 -1.92 -11.66 10.24
C PRO A 51 -2.80 -10.60 10.91
N SER A 52 -2.66 -9.35 10.48
CA SER A 52 -3.47 -8.27 11.02
C SER A 52 -3.60 -7.16 9.97
N VAL A 53 -4.80 -6.60 9.85
CA VAL A 53 -5.12 -5.66 8.78
C VAL A 53 -4.38 -4.32 8.96
N LYS A 54 -4.04 -4.00 10.21
CA LYS A 54 -3.35 -2.75 10.49
C LYS A 54 -1.90 -2.79 10.03
N LYS A 55 -1.24 -3.92 10.26
CA LYS A 55 0.16 -4.05 9.86
C LYS A 55 0.25 -4.42 8.38
N ALA A 56 -0.86 -4.89 7.81
CA ALA A 56 -0.93 -5.18 6.39
C ALA A 56 -0.65 -3.94 5.55
N LYS A 57 -1.49 -2.90 5.71
CA LYS A 57 -1.29 -1.65 5.00
C LYS A 57 0.09 -1.07 5.29
N ASP A 58 0.49 -1.13 6.55
CA ASP A 58 1.80 -0.67 6.99
C ASP A 58 2.93 -1.31 6.18
N SER A 59 2.86 -2.62 5.99
CA SER A 59 3.90 -3.35 5.26
C SER A 59 3.96 -2.89 3.81
N ALA A 60 2.81 -2.74 3.18
CA ALA A 60 2.77 -2.34 1.80
C ALA A 60 3.23 -0.88 1.66
N ALA A 61 2.79 -0.05 2.60
CA ALA A 61 3.18 1.35 2.67
C ALA A 61 4.69 1.52 2.75
N VAL A 62 5.39 0.64 3.47
CA VAL A 62 6.84 0.77 3.64
C VAL A 62 7.56 0.46 2.33
N LEU A 63 6.92 -0.36 1.50
CA LEU A 63 7.44 -0.66 0.17
C LEU A 63 7.10 0.49 -0.77
N LEU A 64 5.97 1.12 -0.49
CA LEU A 64 5.52 2.30 -1.21
C LEU A 64 6.46 3.48 -0.94
N LEU A 65 6.94 3.56 0.29
CA LEU A 65 7.92 4.57 0.67
C LEU A 65 9.20 4.43 -0.15
N GLU A 66 9.47 3.22 -0.63
CA GLU A 66 10.60 2.97 -1.51
C GLU A 66 10.34 3.57 -2.87
N LEU A 67 9.10 3.48 -3.32
CA LEU A 67 8.68 4.06 -4.58
C LEU A 67 8.85 5.58 -4.51
N LEU A 68 8.37 6.14 -3.41
CA LEU A 68 8.46 7.57 -3.16
C LEU A 68 9.88 7.99 -2.76
N ASN A 69 10.77 7.03 -2.73
CA ASN A 69 12.18 7.30 -2.48
C ASN A 69 12.94 7.38 -3.81
N LYS A 70 12.27 6.90 -4.84
CA LYS A 70 12.86 6.82 -6.16
C LYS A 70 12.05 7.65 -7.15
N THR A 71 11.67 8.84 -6.72
CA THR A 71 10.88 9.75 -7.54
C THR A 71 11.78 10.71 -8.30
N ASN A 1 1.35 8.23 4.24
CA ASN A 1 0.52 9.30 3.62
C ASN A 1 1.19 10.67 3.74
N ASP A 2 2.14 10.80 4.67
CA ASP A 2 2.76 12.10 4.93
C ASP A 2 3.66 12.53 3.78
N ILE A 3 4.36 11.57 3.18
CA ILE A 3 5.16 11.86 1.98
C ILE A 3 4.26 12.29 0.83
N CYS A 4 3.13 11.59 0.71
CA CYS A 4 2.16 11.86 -0.34
C CYS A 4 1.56 13.24 -0.17
N LEU A 5 1.24 13.56 1.07
CA LEU A 5 0.66 14.83 1.43
C LEU A 5 1.61 15.97 1.07
N ARG A 6 2.85 15.84 1.53
CA ARG A 6 3.91 16.82 1.27
C ARG A 6 4.12 17.02 -0.23
N LYS A 7 4.00 15.94 -0.99
CA LYS A 7 4.24 15.97 -2.43
C LYS A 7 3.11 16.67 -3.18
N ASN A 8 2.15 17.15 -2.40
CA ASN A 8 0.99 17.86 -2.93
C ASN A 8 0.13 16.91 -3.76
N TRP A 9 0.13 15.66 -3.36
CA TRP A 9 -0.71 14.65 -3.98
C TRP A 9 -1.96 14.44 -3.14
N PRO A 10 -3.00 13.87 -3.74
CA PRO A 10 -4.18 13.43 -2.98
C PRO A 10 -3.85 12.18 -2.18
N MET A 11 -4.74 11.77 -1.30
CA MET A 11 -4.47 10.66 -0.41
C MET A 11 -4.51 9.36 -1.19
N PRO A 12 -3.51 8.48 -0.94
CA PRO A 12 -3.38 7.21 -1.66
C PRO A 12 -4.53 6.26 -1.39
N SER A 13 -4.66 5.29 -2.28
CA SER A 13 -5.69 4.28 -2.16
C SER A 13 -5.19 3.13 -1.31
N TYR A 14 -6.07 2.58 -0.48
CA TYR A 14 -5.71 1.48 0.40
C TYR A 14 -6.87 0.49 0.43
N ARG A 15 -6.66 -0.70 -0.16
CA ARG A 15 -7.72 -1.69 -0.25
C ARG A 15 -7.12 -3.09 -0.32
N CYS A 16 -7.52 -3.95 0.61
CA CYS A 16 -6.98 -5.30 0.69
C CYS A 16 -7.26 -6.10 -0.58
N VAL A 17 -6.20 -6.62 -1.18
CA VAL A 17 -6.30 -7.39 -2.41
C VAL A 17 -6.73 -8.82 -2.09
N LYS A 18 -6.35 -9.29 -0.92
CA LYS A 18 -6.71 -10.61 -0.48
C LYS A 18 -7.18 -10.58 0.97
N GLU A 19 -8.34 -11.17 1.19
CA GLU A 19 -8.95 -11.21 2.51
C GLU A 19 -8.66 -12.55 3.18
N GLY A 20 -8.67 -12.57 4.50
CA GLY A 20 -8.39 -13.78 5.23
C GLY A 20 -9.54 -14.76 5.19
N GLY A 21 -9.20 -16.03 4.99
CA GLY A 21 -10.20 -17.07 4.93
C GLY A 21 -10.70 -17.49 6.30
N PRO A 22 -10.96 -18.79 6.47
CA PRO A 22 -11.46 -19.37 7.73
C PRO A 22 -10.69 -18.89 8.96
N ALA A 23 -9.42 -19.30 9.06
CA ALA A 23 -8.54 -18.84 10.13
C ALA A 23 -7.10 -19.19 9.80
N HIS A 24 -6.91 -20.40 9.28
CA HIS A 24 -5.58 -20.86 8.85
C HIS A 24 -5.13 -20.14 7.57
N ALA A 25 -5.92 -19.17 7.14
CA ALA A 25 -5.62 -18.40 5.95
C ALA A 25 -6.06 -16.96 6.13
N LYS A 26 -6.00 -16.47 7.36
CA LYS A 26 -6.45 -15.12 7.68
C LYS A 26 -5.34 -14.10 7.44
N ARG A 27 -4.36 -14.45 6.64
CA ARG A 27 -3.34 -13.48 6.27
C ARG A 27 -3.84 -12.64 5.11
N PHE A 28 -3.61 -11.36 5.21
CA PHE A 28 -4.15 -10.41 4.26
C PHE A 28 -3.03 -9.84 3.40
N THR A 29 -3.29 -9.75 2.13
CA THR A 29 -2.33 -9.22 1.19
C THR A 29 -2.94 -8.00 0.53
N PHE A 30 -2.26 -6.87 0.57
CA PHE A 30 -2.86 -5.62 0.14
C PHE A 30 -1.89 -4.88 -0.78
N GLY A 31 -2.44 -4.09 -1.69
CA GLY A 31 -1.63 -3.32 -2.61
C GLY A 31 -1.99 -1.85 -2.55
N VAL A 32 -0.98 -1.00 -2.39
CA VAL A 32 -1.21 0.42 -2.19
C VAL A 32 -0.76 1.20 -3.42
N ARG A 33 -1.44 2.28 -3.73
CA ARG A 33 -1.14 3.05 -4.93
C ARG A 33 -1.26 4.54 -4.61
N VAL A 34 -0.44 5.34 -5.24
CA VAL A 34 -0.45 6.78 -5.02
C VAL A 34 -0.60 7.51 -6.35
N ASN A 35 -1.14 8.74 -6.31
CA ASN A 35 -1.31 9.52 -7.53
C ASN A 35 -0.11 10.44 -7.73
N THR A 36 0.94 9.88 -8.31
CA THR A 36 2.15 10.63 -8.57
C THR A 36 1.91 11.63 -9.66
N SER A 37 2.04 12.89 -9.30
CA SER A 37 1.71 14.01 -10.17
C SER A 37 2.37 13.93 -11.54
N ASP A 38 3.50 13.23 -11.65
CA ASP A 38 4.22 13.15 -12.92
C ASP A 38 3.82 11.93 -13.75
N ARG A 39 3.11 10.97 -13.16
CA ARG A 39 2.76 9.74 -13.87
C ARG A 39 1.31 9.33 -13.64
N GLY A 40 0.87 9.45 -12.40
CA GLY A 40 -0.48 9.05 -12.04
C GLY A 40 -0.48 7.94 -11.01
N TRP A 41 -1.53 7.14 -11.01
CA TRP A 41 -1.62 5.99 -10.11
C TRP A 41 -0.39 5.09 -10.27
N THR A 42 0.35 4.97 -9.19
CA THR A 42 1.54 4.14 -9.16
C THR A 42 1.17 2.67 -9.25
N ASP A 43 2.05 1.86 -9.82
CA ASP A 43 1.88 0.42 -9.78
C ASP A 43 1.88 -0.02 -8.34
N GLU A 44 0.76 -0.55 -7.91
CA GLU A 44 0.50 -0.81 -6.52
C GLU A 44 1.59 -1.67 -5.88
N CYS A 45 1.92 -1.32 -4.67
CA CYS A 45 2.95 -2.01 -3.93
C CYS A 45 2.32 -3.02 -3.00
N ILE A 46 2.36 -4.28 -3.41
CA ILE A 46 1.84 -5.35 -2.62
C ILE A 46 2.76 -5.65 -1.44
N GLY A 47 2.23 -5.51 -0.24
CA GLY A 47 3.03 -5.75 0.96
C GLY A 47 3.07 -7.21 1.33
N GLU A 48 3.50 -7.50 2.55
CA GLU A 48 3.58 -8.88 3.02
C GLU A 48 2.21 -9.34 3.49
N PRO A 49 1.85 -10.61 3.17
CA PRO A 49 0.63 -11.21 3.71
C PRO A 49 0.66 -11.21 5.23
N MET A 50 -0.19 -10.41 5.83
CA MET A 50 -0.12 -10.14 7.26
C MET A 50 -1.33 -10.70 7.98
N PRO A 51 -1.13 -11.26 9.18
CA PRO A 51 -2.21 -11.83 9.98
C PRO A 51 -3.06 -10.76 10.68
N SER A 52 -2.86 -9.49 10.34
CA SER A 52 -3.61 -8.40 10.93
C SER A 52 -3.65 -7.23 9.96
N VAL A 53 -4.82 -6.61 9.85
CA VAL A 53 -5.08 -5.60 8.81
C VAL A 53 -4.24 -4.34 8.98
N LYS A 54 -3.96 -3.95 10.21
CA LYS A 54 -3.24 -2.72 10.48
C LYS A 54 -1.79 -2.82 10.00
N LYS A 55 -1.16 -3.97 10.22
CA LYS A 55 0.23 -4.16 9.83
C LYS A 55 0.30 -4.51 8.34
N ALA A 56 -0.81 -4.99 7.78
CA ALA A 56 -0.90 -5.26 6.35
C ALA A 56 -0.63 -4.02 5.52
N LYS A 57 -1.47 -2.99 5.69
CA LYS A 57 -1.27 -1.71 5.02
C LYS A 57 0.09 -1.13 5.32
N ASP A 58 0.47 -1.22 6.59
CA ASP A 58 1.79 -0.77 7.05
C ASP A 58 2.92 -1.37 6.23
N SER A 59 2.86 -2.69 6.00
CA SER A 59 3.89 -3.39 5.24
C SER A 59 4.00 -2.85 3.82
N ALA A 60 2.87 -2.70 3.15
CA ALA A 60 2.87 -2.25 1.76
C ALA A 60 3.37 -0.82 1.66
N ALA A 61 2.97 0.00 2.64
CA ALA A 61 3.42 1.37 2.75
C ALA A 61 4.94 1.47 2.76
N VAL A 62 5.61 0.51 3.40
CA VAL A 62 7.06 0.49 3.49
C VAL A 62 7.69 0.43 2.09
N LEU A 63 7.11 -0.38 1.23
CA LEU A 63 7.62 -0.57 -0.11
C LEU A 63 7.25 0.62 -0.98
N LEU A 64 6.11 1.21 -0.65
CA LEU A 64 5.59 2.39 -1.33
C LEU A 64 6.51 3.59 -1.09
N LEU A 65 6.92 3.76 0.16
CA LEU A 65 7.81 4.85 0.53
C LEU A 65 9.17 4.73 -0.17
N GLU A 66 9.50 3.52 -0.61
CA GLU A 66 10.69 3.29 -1.40
C GLU A 66 10.49 3.84 -2.82
N LEU A 67 9.28 3.64 -3.32
CA LEU A 67 8.89 4.10 -4.64
C LEU A 67 8.87 5.63 -4.66
N LEU A 68 8.27 6.19 -3.62
CA LEU A 68 8.17 7.64 -3.45
C LEU A 68 9.54 8.28 -3.23
N ASN A 69 10.53 7.48 -2.89
CA ASN A 69 11.89 7.98 -2.73
C ASN A 69 12.58 8.04 -4.09
N LYS A 70 11.90 7.56 -5.11
CA LYS A 70 12.45 7.48 -6.45
C LYS A 70 11.57 8.25 -7.42
N THR A 71 11.09 9.40 -6.98
CA THR A 71 10.23 10.24 -7.79
C THR A 71 10.14 11.64 -7.19
N ASN A 1 1.32 8.31 4.26
CA ASN A 1 0.52 9.42 3.67
C ASN A 1 1.21 10.76 3.79
N ASP A 2 2.18 10.87 4.71
CA ASP A 2 2.82 12.16 5.00
C ASP A 2 3.67 12.62 3.83
N ILE A 3 4.46 11.71 3.29
CA ILE A 3 5.32 12.01 2.16
C ILE A 3 4.47 12.31 0.92
N CYS A 4 3.35 11.60 0.81
CA CYS A 4 2.42 11.80 -0.28
C CYS A 4 1.78 13.18 -0.19
N LEU A 5 1.37 13.51 1.03
CA LEU A 5 0.75 14.79 1.33
C LEU A 5 1.70 15.92 1.01
N ARG A 6 2.92 15.76 1.48
CA ARG A 6 3.96 16.77 1.33
C ARG A 6 4.27 17.04 -0.14
N LYS A 7 4.22 15.98 -0.94
CA LYS A 7 4.52 16.07 -2.37
C LYS A 7 3.38 16.74 -3.14
N ASN A 8 2.40 17.22 -2.40
CA ASN A 8 1.23 17.90 -2.97
C ASN A 8 0.38 16.91 -3.76
N TRP A 9 0.40 15.67 -3.32
CA TRP A 9 -0.43 14.64 -3.92
C TRP A 9 -1.71 14.49 -3.10
N PRO A 10 -2.76 13.93 -3.69
CA PRO A 10 -3.98 13.60 -2.95
C PRO A 10 -3.79 12.43 -2.01
N MET A 11 -4.86 11.93 -1.42
CA MET A 11 -4.77 10.79 -0.53
C MET A 11 -4.59 9.51 -1.33
N PRO A 12 -3.72 8.61 -0.87
CA PRO A 12 -3.46 7.34 -1.58
C PRO A 12 -4.61 6.37 -1.46
N SER A 13 -4.58 5.36 -2.32
CA SER A 13 -5.59 4.31 -2.32
C SER A 13 -5.17 3.19 -1.40
N TYR A 14 -6.13 2.58 -0.73
CA TYR A 14 -5.85 1.48 0.16
C TYR A 14 -6.95 0.43 -0.01
N ARG A 15 -6.61 -0.72 -0.58
CA ARG A 15 -7.60 -1.73 -0.91
C ARG A 15 -7.01 -3.12 -0.71
N CYS A 16 -7.61 -3.91 0.17
CA CYS A 16 -7.11 -5.25 0.45
C CYS A 16 -7.26 -6.15 -0.77
N VAL A 17 -6.16 -6.74 -1.21
CA VAL A 17 -6.17 -7.57 -2.40
C VAL A 17 -6.57 -8.99 -2.06
N LYS A 18 -6.06 -9.52 -0.96
CA LYS A 18 -6.38 -10.87 -0.54
C LYS A 18 -6.63 -10.95 0.96
N GLU A 19 -7.76 -11.54 1.34
CA GLU A 19 -8.10 -11.80 2.74
C GLU A 19 -8.94 -13.06 2.86
N GLY A 20 -8.69 -13.84 3.91
CA GLY A 20 -9.54 -15.00 4.18
C GLY A 20 -9.14 -16.23 3.39
N GLY A 21 -9.12 -16.12 2.06
CA GLY A 21 -8.81 -17.26 1.22
C GLY A 21 -9.80 -18.38 1.41
N PRO A 22 -9.34 -19.64 1.35
CA PRO A 22 -10.18 -20.81 1.62
C PRO A 22 -10.78 -20.73 3.02
N ALA A 23 -9.91 -20.53 4.00
CA ALA A 23 -10.30 -20.35 5.41
C ALA A 23 -9.05 -20.25 6.26
N HIS A 24 -8.08 -21.11 5.97
CA HIS A 24 -6.81 -21.12 6.69
C HIS A 24 -5.86 -20.04 6.20
N ALA A 25 -6.40 -19.03 5.54
CA ALA A 25 -5.59 -17.96 4.99
C ALA A 25 -6.03 -16.61 5.56
N LYS A 26 -5.93 -16.47 6.87
CA LYS A 26 -6.28 -15.25 7.54
C LYS A 26 -5.11 -14.27 7.52
N ARG A 27 -4.17 -14.54 6.65
CA ARG A 27 -3.11 -13.59 6.38
C ARG A 27 -3.66 -12.61 5.38
N PHE A 28 -3.39 -11.34 5.59
CA PHE A 28 -3.98 -10.32 4.79
C PHE A 28 -2.92 -9.69 3.91
N THR A 29 -3.24 -9.58 2.64
CA THR A 29 -2.33 -9.04 1.67
C THR A 29 -3.00 -7.86 0.98
N PHE A 30 -2.32 -6.75 0.87
CA PHE A 30 -2.94 -5.54 0.34
C PHE A 30 -1.92 -4.78 -0.52
N GLY A 31 -2.40 -3.98 -1.45
CA GLY A 31 -1.50 -3.18 -2.28
C GLY A 31 -1.88 -1.71 -2.31
N VAL A 32 -0.89 -0.83 -2.26
CA VAL A 32 -1.14 0.61 -2.20
C VAL A 32 -0.81 1.25 -3.53
N ARG A 33 -1.41 2.40 -3.80
CA ARG A 33 -1.06 3.17 -4.99
C ARG A 33 -1.20 4.66 -4.67
N VAL A 34 -0.37 5.48 -5.29
CA VAL A 34 -0.38 6.92 -5.07
C VAL A 34 -0.50 7.67 -6.39
N ASN A 35 -1.04 8.89 -6.35
CA ASN A 35 -1.17 9.73 -7.54
C ASN A 35 0.06 10.60 -7.72
N THR A 36 1.09 10.02 -8.32
CA THR A 36 2.31 10.76 -8.57
C THR A 36 2.06 11.80 -9.64
N SER A 37 2.19 13.03 -9.24
CA SER A 37 1.84 14.18 -10.06
C SER A 37 2.46 14.14 -11.46
N ASP A 38 3.61 13.47 -11.61
CA ASP A 38 4.29 13.43 -12.90
C ASP A 38 4.00 12.14 -13.68
N ARG A 39 3.35 11.17 -13.05
CA ARG A 39 3.06 9.90 -13.73
C ARG A 39 1.58 9.53 -13.61
N GLY A 40 1.07 9.62 -12.40
CA GLY A 40 -0.28 9.19 -12.11
C GLY A 40 -0.32 8.10 -11.08
N TRP A 41 -1.36 7.27 -11.16
CA TRP A 41 -1.45 6.10 -10.29
C TRP A 41 -0.21 5.23 -10.39
N THR A 42 0.46 5.04 -9.27
CA THR A 42 1.66 4.23 -9.21
C THR A 42 1.33 2.75 -9.30
N ASP A 43 2.35 1.95 -9.61
CA ASP A 43 2.19 0.50 -9.60
C ASP A 43 1.80 0.05 -8.21
N GLU A 44 0.75 -0.74 -8.14
CA GLU A 44 0.21 -1.20 -6.88
C GLU A 44 1.25 -1.96 -6.09
N CYS A 45 1.61 -1.40 -4.95
CA CYS A 45 2.65 -1.95 -4.12
C CYS A 45 2.04 -2.95 -3.15
N ILE A 46 2.14 -4.21 -3.51
CA ILE A 46 1.61 -5.29 -2.70
C ILE A 46 2.53 -5.56 -1.52
N GLY A 47 1.97 -5.49 -0.32
CA GLY A 47 2.73 -5.78 0.88
C GLY A 47 2.84 -7.25 1.15
N GLU A 48 3.34 -7.60 2.31
CA GLU A 48 3.49 -9.00 2.69
C GLU A 48 2.22 -9.48 3.39
N PRO A 49 1.92 -10.78 3.27
CA PRO A 49 0.77 -11.38 3.94
C PRO A 49 0.92 -11.32 5.46
N MET A 50 0.11 -10.48 6.10
CA MET A 50 0.26 -10.19 7.51
C MET A 50 -0.95 -10.68 8.29
N PRO A 51 -0.75 -11.17 9.52
CA PRO A 51 -1.84 -11.77 10.31
C PRO A 51 -2.74 -10.72 10.97
N SER A 52 -2.61 -9.46 10.57
CA SER A 52 -3.45 -8.39 11.10
C SER A 52 -3.54 -7.25 10.08
N VAL A 53 -4.74 -6.69 9.94
CA VAL A 53 -5.03 -5.73 8.87
C VAL A 53 -4.26 -4.43 9.02
N LYS A 54 -3.93 -4.05 10.25
CA LYS A 54 -3.20 -2.80 10.49
C LYS A 54 -1.77 -2.90 9.98
N LYS A 55 -1.13 -4.04 10.23
CA LYS A 55 0.24 -4.23 9.81
C LYS A 55 0.31 -4.63 8.34
N ALA A 56 -0.81 -5.09 7.81
CA ALA A 56 -0.93 -5.36 6.37
C ALA A 56 -0.68 -4.08 5.57
N LYS A 57 -1.50 -3.05 5.83
CA LYS A 57 -1.31 -1.74 5.21
C LYS A 57 0.09 -1.23 5.44
N ASP A 58 0.56 -1.34 6.68
CA ASP A 58 1.91 -0.96 7.06
C ASP A 58 2.96 -1.56 6.13
N SER A 59 2.88 -2.87 5.91
CA SER A 59 3.85 -3.57 5.09
C SER A 59 3.85 -3.04 3.65
N ALA A 60 2.67 -2.84 3.10
CA ALA A 60 2.55 -2.37 1.72
C ALA A 60 3.04 -0.92 1.61
N ALA A 61 2.57 -0.08 2.52
CA ALA A 61 2.93 1.33 2.56
C ALA A 61 4.45 1.52 2.64
N VAL A 62 5.16 0.65 3.36
CA VAL A 62 6.61 0.82 3.52
C VAL A 62 7.33 0.51 2.22
N LEU A 63 6.73 -0.34 1.40
CA LEU A 63 7.25 -0.65 0.08
C LEU A 63 6.89 0.46 -0.89
N LEU A 64 5.75 1.07 -0.63
CA LEU A 64 5.31 2.24 -1.37
C LEU A 64 6.26 3.41 -1.14
N LEU A 65 6.79 3.49 0.07
CA LEU A 65 7.78 4.51 0.42
C LEU A 65 9.04 4.36 -0.42
N GLU A 66 9.28 3.16 -0.95
CA GLU A 66 10.40 2.95 -1.86
C GLU A 66 10.13 3.65 -3.18
N LEU A 67 8.88 3.61 -3.59
CA LEU A 67 8.43 4.25 -4.82
C LEU A 67 8.52 5.77 -4.68
N LEU A 68 8.33 6.22 -3.47
CA LEU A 68 8.46 7.63 -3.13
C LEU A 68 9.91 8.01 -2.84
N ASN A 69 10.80 7.03 -2.85
CA ASN A 69 12.21 7.29 -2.64
C ASN A 69 12.98 7.03 -3.92
N LYS A 70 12.34 6.33 -4.83
CA LYS A 70 12.93 5.92 -6.09
C LYS A 70 11.86 5.86 -7.15
N THR A 71 12.20 6.14 -8.40
CA THR A 71 11.20 6.39 -9.42
C THR A 71 11.85 6.45 -10.79
N ASN A 1 1.18 9.13 4.16
CA ASN A 1 0.40 10.19 3.51
C ASN A 1 1.16 11.52 3.51
N ASP A 2 2.17 11.63 4.37
CA ASP A 2 2.88 12.88 4.58
C ASP A 2 3.83 13.19 3.43
N ILE A 3 4.54 12.18 2.93
CA ILE A 3 5.38 12.37 1.76
C ILE A 3 4.52 12.70 0.55
N CYS A 4 3.38 12.03 0.45
CA CYS A 4 2.45 12.23 -0.65
C CYS A 4 1.90 13.64 -0.61
N LEU A 5 1.56 14.07 0.59
CA LEU A 5 1.00 15.39 0.83
C LEU A 5 2.00 16.47 0.45
N ARG A 6 3.23 16.28 0.87
CA ARG A 6 4.30 17.23 0.61
C ARG A 6 4.60 17.30 -0.89
N LYS A 7 4.49 16.17 -1.57
CA LYS A 7 4.73 16.09 -3.00
C LYS A 7 3.56 16.67 -3.79
N ASN A 8 2.58 17.20 -3.05
CA ASN A 8 1.39 17.83 -3.61
C ASN A 8 0.55 16.79 -4.34
N TRP A 9 0.48 15.60 -3.75
CA TRP A 9 -0.38 14.55 -4.26
C TRP A 9 -1.62 14.43 -3.39
N PRO A 10 -2.71 13.89 -3.93
CA PRO A 10 -3.90 13.56 -3.14
C PRO A 10 -3.65 12.36 -2.25
N MET A 11 -4.68 11.86 -1.58
CA MET A 11 -4.54 10.73 -0.70
C MET A 11 -4.39 9.44 -1.49
N PRO A 12 -3.55 8.51 -1.02
CA PRO A 12 -3.28 7.26 -1.71
C PRO A 12 -4.42 6.24 -1.58
N SER A 13 -4.36 5.22 -2.42
CA SER A 13 -5.34 4.15 -2.39
C SER A 13 -4.95 3.12 -1.35
N TYR A 14 -5.93 2.58 -0.66
CA TYR A 14 -5.70 1.58 0.36
C TYR A 14 -6.86 0.59 0.38
N ARG A 15 -6.61 -0.64 -0.06
CA ARG A 15 -7.65 -1.65 -0.14
C ARG A 15 -7.03 -3.05 -0.14
N CYS A 16 -7.51 -3.91 0.74
CA CYS A 16 -7.02 -5.28 0.80
C CYS A 16 -7.33 -6.03 -0.48
N VAL A 17 -6.30 -6.56 -1.11
CA VAL A 17 -6.48 -7.32 -2.34
C VAL A 17 -6.85 -8.75 -2.01
N LYS A 18 -6.29 -9.25 -0.93
CA LYS A 18 -6.58 -10.59 -0.45
C LYS A 18 -6.78 -10.55 1.06
N GLU A 19 -7.97 -10.87 1.51
CA GLU A 19 -8.31 -10.86 2.92
C GLU A 19 -9.41 -11.86 3.24
N GLY A 20 -9.21 -12.63 4.31
CA GLY A 20 -10.25 -13.51 4.81
C GLY A 20 -10.75 -14.51 3.78
N GLY A 21 -9.86 -15.39 3.34
CA GLY A 21 -10.26 -16.43 2.41
C GLY A 21 -10.62 -17.72 3.12
N PRO A 22 -10.52 -18.87 2.42
CA PRO A 22 -10.87 -20.18 2.98
C PRO A 22 -9.89 -20.67 4.04
N ALA A 23 -9.97 -20.07 5.23
CA ALA A 23 -9.17 -20.49 6.40
C ALA A 23 -7.69 -20.15 6.24
N HIS A 24 -7.04 -20.80 5.26
CA HIS A 24 -5.60 -20.63 5.03
C HIS A 24 -5.27 -19.27 4.45
N ALA A 25 -6.26 -18.39 4.41
CA ALA A 25 -6.09 -17.08 3.84
C ALA A 25 -6.57 -16.00 4.81
N LYS A 26 -6.25 -16.17 6.09
CA LYS A 26 -6.43 -15.12 7.07
C LYS A 26 -5.13 -14.36 7.21
N ARG A 27 -4.22 -14.67 6.31
CA ARG A 27 -3.09 -13.81 6.04
C ARG A 27 -3.57 -12.78 5.04
N PHE A 28 -3.28 -11.53 5.30
CA PHE A 28 -3.87 -10.47 4.52
C PHE A 28 -2.82 -9.83 3.66
N THR A 29 -3.15 -9.66 2.40
CA THR A 29 -2.25 -9.09 1.43
C THR A 29 -2.94 -7.87 0.82
N PHE A 30 -2.24 -6.75 0.74
CA PHE A 30 -2.86 -5.52 0.31
C PHE A 30 -1.87 -4.73 -0.55
N GLY A 31 -2.37 -3.90 -1.46
CA GLY A 31 -1.51 -3.10 -2.31
C GLY A 31 -1.86 -1.63 -2.28
N VAL A 32 -0.86 -0.77 -2.28
CA VAL A 32 -1.08 0.67 -2.15
C VAL A 32 -0.86 1.33 -3.50
N ARG A 33 -1.46 2.50 -3.69
CA ARG A 33 -1.32 3.24 -4.92
C ARG A 33 -1.26 4.72 -4.59
N VAL A 34 -0.48 5.48 -5.35
CA VAL A 34 -0.40 6.92 -5.15
C VAL A 34 -0.57 7.64 -6.49
N ASN A 35 -1.05 8.88 -6.46
CA ASN A 35 -1.23 9.64 -7.69
C ASN A 35 -0.03 10.56 -7.91
N THR A 36 0.99 9.99 -8.53
CA THR A 36 2.19 10.74 -8.84
C THR A 36 1.87 11.77 -9.93
N SER A 37 1.81 13.03 -9.53
CA SER A 37 1.36 14.11 -10.40
C SER A 37 2.05 14.10 -11.77
N ASP A 38 3.26 13.57 -11.85
CA ASP A 38 4.02 13.57 -13.09
C ASP A 38 3.72 12.33 -13.96
N ARG A 39 3.15 11.28 -13.36
CA ARG A 39 2.88 10.05 -14.11
C ARG A 39 1.43 9.58 -13.89
N GLY A 40 1.00 9.59 -12.65
CA GLY A 40 -0.34 9.18 -12.32
C GLY A 40 -0.37 8.09 -11.26
N TRP A 41 -1.44 7.33 -11.25
CA TRP A 41 -1.56 6.19 -10.35
C TRP A 41 -0.34 5.27 -10.47
N THR A 42 0.35 5.11 -9.36
CA THR A 42 1.61 4.38 -9.31
C THR A 42 1.43 2.89 -9.52
N ASP A 43 2.53 2.17 -9.48
CA ASP A 43 2.50 0.72 -9.50
C ASP A 43 1.99 0.23 -8.15
N GLU A 44 1.04 -0.68 -8.19
CA GLU A 44 0.43 -1.17 -6.96
C GLU A 44 1.45 -1.91 -6.12
N CYS A 45 1.72 -1.33 -4.97
CA CYS A 45 2.73 -1.86 -4.06
C CYS A 45 2.08 -2.86 -3.13
N ILE A 46 2.22 -4.13 -3.47
CA ILE A 46 1.66 -5.21 -2.70
C ILE A 46 2.57 -5.54 -1.52
N GLY A 47 2.02 -5.45 -0.32
CA GLY A 47 2.78 -5.72 0.88
C GLY A 47 2.84 -7.19 1.21
N GLU A 48 3.35 -7.49 2.38
CA GLU A 48 3.50 -8.88 2.82
C GLU A 48 2.18 -9.38 3.40
N PRO A 49 1.90 -10.68 3.21
CA PRO A 49 0.75 -11.32 3.86
C PRO A 49 0.91 -11.31 5.37
N MET A 50 0.09 -10.52 6.04
CA MET A 50 0.24 -10.28 7.46
C MET A 50 -0.96 -10.82 8.22
N PRO A 51 -0.78 -11.28 9.47
CA PRO A 51 -1.85 -11.86 10.26
C PRO A 51 -2.78 -10.82 10.90
N SER A 52 -2.68 -9.57 10.47
CA SER A 52 -3.51 -8.51 10.99
C SER A 52 -3.64 -7.39 9.95
N VAL A 53 -4.83 -6.81 9.87
CA VAL A 53 -5.15 -5.82 8.84
C VAL A 53 -4.37 -4.53 9.03
N LYS A 54 -4.01 -4.22 10.27
CA LYS A 54 -3.25 -3.02 10.58
C LYS A 54 -1.86 -3.09 9.94
N LYS A 55 -1.18 -4.20 10.17
CA LYS A 55 0.19 -4.35 9.73
C LYS A 55 0.25 -4.71 8.26
N ALA A 56 -0.89 -5.17 7.72
CA ALA A 56 -1.02 -5.39 6.29
C ALA A 56 -0.79 -4.09 5.54
N LYS A 57 -1.56 -3.05 5.92
CA LYS A 57 -1.41 -1.72 5.36
C LYS A 57 0.00 -1.20 5.52
N ASP A 58 0.50 -1.26 6.76
CA ASP A 58 1.85 -0.80 7.06
C ASP A 58 2.90 -1.45 6.17
N SER A 59 2.83 -2.76 6.01
CA SER A 59 3.82 -3.50 5.22
C SER A 59 3.87 -2.97 3.79
N ALA A 60 2.70 -2.77 3.20
CA ALA A 60 2.62 -2.31 1.83
C ALA A 60 3.09 -0.87 1.73
N ALA A 61 2.64 -0.06 2.67
CA ALA A 61 3.05 1.34 2.78
C ALA A 61 4.57 1.47 2.82
N VAL A 62 5.25 0.54 3.50
CA VAL A 62 6.72 0.55 3.56
C VAL A 62 7.32 0.37 2.16
N LEU A 63 6.68 -0.47 1.37
CA LEU A 63 7.15 -0.74 0.02
C LEU A 63 6.76 0.42 -0.89
N LEU A 64 5.72 1.12 -0.50
CA LEU A 64 5.32 2.36 -1.15
C LEU A 64 6.35 3.45 -0.90
N LEU A 65 6.88 3.47 0.32
CA LEU A 65 7.87 4.47 0.72
C LEU A 65 9.16 4.35 -0.07
N GLU A 66 9.50 3.15 -0.52
CA GLU A 66 10.69 2.99 -1.33
C GLU A 66 10.41 3.47 -2.76
N LEU A 67 9.18 3.29 -3.19
CA LEU A 67 8.75 3.81 -4.49
C LEU A 67 8.92 5.33 -4.50
N LEU A 68 8.43 5.95 -3.44
CA LEU A 68 8.53 7.38 -3.23
C LEU A 68 9.96 7.81 -2.89
N ASN A 69 10.85 6.85 -2.75
CA ASN A 69 12.25 7.14 -2.45
C ASN A 69 13.06 7.20 -3.74
N LYS A 70 12.45 6.70 -4.79
CA LYS A 70 13.09 6.60 -6.10
C LYS A 70 12.43 7.54 -7.09
N THR A 71 12.10 8.72 -6.62
CA THR A 71 11.41 9.71 -7.45
C THR A 71 12.33 10.89 -7.75
N ASN A 1 1.45 8.39 4.95
CA ASN A 1 0.61 9.39 4.25
C ASN A 1 1.31 10.74 4.18
N ASP A 2 2.28 10.97 5.07
CA ASP A 2 2.96 12.26 5.17
C ASP A 2 3.72 12.58 3.89
N ILE A 3 4.39 11.58 3.35
CA ILE A 3 5.21 11.77 2.15
C ILE A 3 4.34 12.13 0.95
N CYS A 4 3.18 11.49 0.85
CA CYS A 4 2.28 11.72 -0.27
C CYS A 4 1.64 13.10 -0.12
N LEU A 5 1.33 13.43 1.11
CA LEU A 5 0.75 14.71 1.47
C LEU A 5 1.75 15.83 1.17
N ARG A 6 2.99 15.62 1.58
CA ARG A 6 4.05 16.61 1.37
C ARG A 6 4.29 16.86 -0.12
N LYS A 7 4.09 15.83 -0.93
CA LYS A 7 4.25 15.93 -2.38
C LYS A 7 3.12 16.72 -3.01
N ASN A 8 2.18 17.09 -2.17
CA ASN A 8 0.97 17.82 -2.58
C ASN A 8 0.12 16.93 -3.49
N TRP A 9 0.20 15.63 -3.26
CA TRP A 9 -0.65 14.68 -3.95
C TRP A 9 -1.93 14.48 -3.16
N PRO A 10 -2.96 13.87 -3.77
CA PRO A 10 -4.15 13.46 -3.04
C PRO A 10 -3.85 12.29 -2.09
N MET A 11 -4.87 11.79 -1.41
CA MET A 11 -4.69 10.68 -0.50
C MET A 11 -4.48 9.37 -1.26
N PRO A 12 -3.53 8.54 -0.82
CA PRO A 12 -3.19 7.29 -1.48
C PRO A 12 -4.29 6.24 -1.34
N SER A 13 -4.25 5.25 -2.21
CA SER A 13 -5.24 4.19 -2.21
C SER A 13 -4.82 3.07 -1.27
N TYR A 14 -5.78 2.55 -0.51
CA TYR A 14 -5.50 1.51 0.47
C TYR A 14 -6.67 0.53 0.52
N ARG A 15 -6.45 -0.70 0.06
CA ARG A 15 -7.48 -1.73 0.07
C ARG A 15 -6.85 -3.11 -0.14
N CYS A 16 -7.23 -4.06 0.71
CA CYS A 16 -6.67 -5.40 0.65
C CYS A 16 -7.04 -6.09 -0.65
N VAL A 17 -6.02 -6.67 -1.30
CA VAL A 17 -6.22 -7.37 -2.56
C VAL A 17 -6.61 -8.81 -2.30
N LYS A 18 -6.16 -9.34 -1.17
CA LYS A 18 -6.51 -10.69 -0.76
C LYS A 18 -6.85 -10.69 0.72
N GLU A 19 -8.06 -11.09 1.04
CA GLU A 19 -8.53 -11.15 2.42
C GLU A 19 -9.57 -12.25 2.57
N GLY A 20 -9.35 -13.14 3.52
CA GLY A 20 -10.30 -14.20 3.78
C GLY A 20 -9.99 -15.45 2.99
N GLY A 21 -10.63 -16.55 3.37
CA GLY A 21 -10.42 -17.80 2.69
C GLY A 21 -10.87 -18.97 3.55
N PRO A 22 -10.31 -20.16 3.31
CA PRO A 22 -10.66 -21.38 4.07
C PRO A 22 -10.60 -21.17 5.59
N ALA A 23 -9.38 -21.05 6.10
CA ALA A 23 -9.16 -20.81 7.53
C ALA A 23 -7.76 -20.27 7.75
N HIS A 24 -6.79 -20.94 7.15
CA HIS A 24 -5.38 -20.51 7.21
C HIS A 24 -5.10 -19.38 6.22
N ALA A 25 -6.15 -18.73 5.77
CA ALA A 25 -6.01 -17.67 4.78
C ALA A 25 -6.57 -16.36 5.29
N LYS A 26 -6.47 -16.15 6.60
CA LYS A 26 -6.88 -14.90 7.20
C LYS A 26 -5.67 -13.98 7.31
N ARG A 27 -4.64 -14.34 6.55
CA ARG A 27 -3.53 -13.44 6.33
C ARG A 27 -3.90 -12.54 5.17
N PHE A 28 -3.58 -11.27 5.30
CA PHE A 28 -4.05 -10.28 4.38
C PHE A 28 -2.92 -9.78 3.51
N THR A 29 -3.19 -9.71 2.22
CA THR A 29 -2.21 -9.24 1.26
C THR A 29 -2.79 -8.02 0.57
N PHE A 30 -2.16 -6.88 0.74
CA PHE A 30 -2.74 -5.64 0.31
C PHE A 30 -1.76 -4.88 -0.59
N GLY A 31 -2.28 -4.06 -1.48
CA GLY A 31 -1.43 -3.29 -2.36
C GLY A 31 -1.75 -1.81 -2.30
N VAL A 32 -0.74 -0.97 -2.34
CA VAL A 32 -0.94 0.47 -2.19
C VAL A 32 -0.78 1.15 -3.52
N ARG A 33 -1.39 2.32 -3.67
CA ARG A 33 -1.26 3.09 -4.88
C ARG A 33 -1.19 4.56 -4.51
N VAL A 34 -0.42 5.32 -5.28
CA VAL A 34 -0.30 6.75 -5.04
C VAL A 34 -0.49 7.52 -6.34
N ASN A 35 -0.97 8.75 -6.25
CA ASN A 35 -1.19 9.56 -7.44
C ASN A 35 0.01 10.46 -7.66
N THR A 36 1.01 9.88 -8.31
CA THR A 36 2.24 10.60 -8.60
C THR A 36 2.00 11.58 -9.73
N SER A 37 1.83 12.84 -9.38
CA SER A 37 1.40 13.90 -10.30
C SER A 37 2.11 13.84 -11.65
N ASP A 38 3.37 13.45 -11.66
CA ASP A 38 4.14 13.33 -12.89
C ASP A 38 3.55 12.31 -13.86
N ARG A 39 2.94 11.24 -13.35
CA ARG A 39 2.41 10.18 -14.21
C ARG A 39 0.96 9.82 -13.83
N GLY A 40 0.68 9.80 -12.54
CA GLY A 40 -0.64 9.44 -12.06
C GLY A 40 -0.59 8.27 -11.09
N TRP A 41 -1.67 7.51 -11.04
CA TRP A 41 -1.73 6.32 -10.23
C TRP A 41 -0.57 5.39 -10.54
N THR A 42 0.16 5.02 -9.49
CA THR A 42 1.36 4.21 -9.62
C THR A 42 1.05 2.75 -9.93
N ASP A 43 2.09 1.94 -9.96
CA ASP A 43 1.91 0.50 -9.93
C ASP A 43 1.57 0.10 -8.51
N GLU A 44 1.17 -1.14 -8.32
CA GLU A 44 0.66 -1.56 -7.04
C GLU A 44 1.74 -2.12 -6.15
N CYS A 45 1.93 -1.48 -5.01
CA CYS A 45 2.90 -1.92 -4.03
C CYS A 45 2.27 -2.98 -3.14
N ILE A 46 2.52 -4.23 -3.45
CA ILE A 46 1.94 -5.33 -2.72
C ILE A 46 2.78 -5.68 -1.51
N GLY A 47 2.18 -5.61 -0.33
CA GLY A 47 2.89 -5.94 0.88
C GLY A 47 2.84 -7.42 1.18
N GLU A 48 3.35 -7.82 2.32
CA GLU A 48 3.38 -9.21 2.68
C GLU A 48 2.07 -9.63 3.34
N PRO A 49 1.67 -10.89 3.16
CA PRO A 49 0.50 -11.46 3.85
C PRO A 49 0.67 -11.36 5.36
N MET A 50 -0.11 -10.49 5.98
CA MET A 50 0.04 -10.19 7.40
C MET A 50 -1.21 -10.58 8.15
N PRO A 51 -1.08 -10.97 9.42
CA PRO A 51 -2.19 -11.51 10.21
C PRO A 51 -3.14 -10.45 10.79
N SER A 52 -3.07 -9.21 10.30
CA SER A 52 -3.98 -8.18 10.76
C SER A 52 -3.98 -6.99 9.80
N VAL A 53 -5.12 -6.35 9.64
CA VAL A 53 -5.26 -5.30 8.62
C VAL A 53 -4.27 -4.15 8.83
N LYS A 54 -4.22 -3.61 10.04
CA LYS A 54 -3.38 -2.45 10.33
C LYS A 54 -1.91 -2.69 9.97
N LYS A 55 -1.38 -3.87 10.31
CA LYS A 55 0.02 -4.16 10.03
C LYS A 55 0.19 -4.59 8.57
N ALA A 56 -0.89 -5.06 7.95
CA ALA A 56 -0.86 -5.37 6.52
C ALA A 56 -0.60 -4.10 5.70
N LYS A 57 -1.44 -3.08 5.89
CA LYS A 57 -1.26 -1.81 5.19
C LYS A 57 0.13 -1.24 5.48
N ASP A 58 0.54 -1.35 6.75
CA ASP A 58 1.85 -0.90 7.19
C ASP A 58 2.98 -1.55 6.36
N SER A 59 2.90 -2.86 6.17
CA SER A 59 3.94 -3.58 5.43
C SER A 59 4.07 -3.07 4.00
N ALA A 60 2.94 -2.89 3.34
CA ALA A 60 2.93 -2.45 1.95
C ALA A 60 3.39 -1.00 1.83
N ALA A 61 2.94 -0.17 2.77
CA ALA A 61 3.34 1.22 2.84
C ALA A 61 4.87 1.36 2.87
N VAL A 62 5.55 0.39 3.48
CA VAL A 62 7.02 0.39 3.54
C VAL A 62 7.61 0.34 2.14
N LEU A 63 6.98 -0.42 1.26
CA LEU A 63 7.45 -0.59 -0.11
C LEU A 63 7.09 0.65 -0.92
N LEU A 64 5.95 1.23 -0.57
CA LEU A 64 5.45 2.44 -1.21
C LEU A 64 6.38 3.61 -0.93
N LEU A 65 6.87 3.69 0.30
CA LEU A 65 7.82 4.71 0.69
C LEU A 65 9.11 4.60 -0.11
N GLU A 66 9.41 3.40 -0.59
CA GLU A 66 10.57 3.18 -1.41
C GLU A 66 10.33 3.73 -2.82
N LEU A 67 9.10 3.60 -3.27
CA LEU A 67 8.66 4.12 -4.55
C LEU A 67 8.72 5.65 -4.52
N LEU A 68 8.20 6.21 -3.45
CA LEU A 68 8.19 7.65 -3.22
C LEU A 68 9.60 8.19 -2.92
N ASN A 69 10.54 7.29 -2.71
CA ASN A 69 11.93 7.68 -2.53
C ASN A 69 12.61 7.80 -3.89
N LYS A 70 11.88 7.38 -4.91
CA LYS A 70 12.40 7.38 -6.27
C LYS A 70 11.65 8.39 -7.11
N THR A 71 11.44 9.57 -6.54
CA THR A 71 10.72 10.64 -7.23
C THR A 71 11.70 11.68 -7.75
N ASN A 1 0.85 7.61 4.30
CA ASN A 1 0.08 8.72 3.68
C ASN A 1 0.86 10.04 3.76
N ASP A 2 1.84 10.11 4.65
CA ASP A 2 2.53 11.37 4.93
C ASP A 2 3.36 11.84 3.73
N ILE A 3 4.09 10.92 3.11
CA ILE A 3 4.92 11.26 1.96
C ILE A 3 4.06 11.67 0.78
N CYS A 4 2.91 11.03 0.65
CA CYS A 4 1.99 11.33 -0.43
C CYS A 4 1.37 12.70 -0.20
N LEU A 5 1.04 12.97 1.06
CA LEU A 5 0.46 14.23 1.46
C LEU A 5 1.43 15.38 1.21
N ARG A 6 2.66 15.19 1.68
CA ARG A 6 3.71 16.21 1.58
C ARG A 6 4.02 16.57 0.13
N LYS A 7 3.97 15.56 -0.74
CA LYS A 7 4.29 15.74 -2.16
C LYS A 7 3.20 16.49 -2.91
N ASN A 8 2.25 17.01 -2.14
CA ASN A 8 1.12 17.76 -2.68
C ASN A 8 0.31 16.88 -3.62
N TRP A 9 0.25 15.60 -3.29
CA TRP A 9 -0.57 14.65 -4.00
C TRP A 9 -1.89 14.48 -3.25
N PRO A 10 -2.92 13.92 -3.89
CA PRO A 10 -4.18 13.60 -3.21
C PRO A 10 -4.01 12.44 -2.23
N MET A 11 -5.10 11.89 -1.74
CA MET A 11 -5.03 10.78 -0.81
C MET A 11 -4.81 9.48 -1.57
N PRO A 12 -3.91 8.62 -1.07
CA PRO A 12 -3.57 7.37 -1.73
C PRO A 12 -4.69 6.34 -1.64
N SER A 13 -4.62 5.34 -2.49
CA SER A 13 -5.60 4.27 -2.48
C SER A 13 -5.16 3.18 -1.51
N TYR A 14 -6.11 2.63 -0.78
CA TYR A 14 -5.84 1.57 0.15
C TYR A 14 -6.98 0.55 0.08
N ARG A 15 -6.70 -0.62 -0.47
CA ARG A 15 -7.74 -1.62 -0.70
C ARG A 15 -7.20 -3.03 -0.49
N CYS A 16 -7.92 -3.82 0.28
CA CYS A 16 -7.50 -5.19 0.58
C CYS A 16 -7.51 -6.03 -0.69
N VAL A 17 -6.35 -6.56 -1.05
CA VAL A 17 -6.20 -7.36 -2.26
C VAL A 17 -6.55 -8.82 -1.99
N LYS A 18 -6.07 -9.35 -0.87
CA LYS A 18 -6.35 -10.72 -0.50
C LYS A 18 -6.67 -10.83 0.97
N GLU A 19 -7.81 -11.44 1.28
CA GLU A 19 -8.22 -11.71 2.65
C GLU A 19 -9.07 -12.98 2.69
N GLY A 20 -8.88 -13.78 3.72
CA GLY A 20 -9.66 -14.99 3.87
C GLY A 20 -9.17 -16.12 2.99
N GLY A 21 -10.01 -17.10 2.78
CA GLY A 21 -9.63 -18.30 2.07
C GLY A 21 -10.22 -19.53 2.69
N PRO A 22 -9.53 -20.68 2.60
CA PRO A 22 -9.98 -21.93 3.19
C PRO A 22 -10.32 -21.76 4.68
N ALA A 23 -9.30 -21.48 5.49
CA ALA A 23 -9.47 -21.21 6.91
C ALA A 23 -8.16 -20.74 7.51
N HIS A 24 -7.08 -21.39 7.09
CA HIS A 24 -5.73 -21.04 7.55
C HIS A 24 -5.18 -19.85 6.79
N ALA A 25 -6.04 -19.08 6.15
CA ALA A 25 -5.60 -17.99 5.29
C ALA A 25 -6.11 -16.64 5.78
N LYS A 26 -6.03 -16.42 7.09
CA LYS A 26 -6.43 -15.14 7.66
C LYS A 26 -5.24 -14.19 7.66
N ARG A 27 -4.25 -14.51 6.86
CA ARG A 27 -3.16 -13.58 6.60
C ARG A 27 -3.59 -12.70 5.45
N PHE A 28 -3.40 -11.39 5.60
CA PHE A 28 -3.95 -10.43 4.68
C PHE A 28 -2.86 -9.81 3.84
N THR A 29 -3.16 -9.60 2.57
CA THR A 29 -2.22 -9.01 1.64
C THR A 29 -2.90 -7.87 0.90
N PHE A 30 -2.30 -6.69 0.95
CA PHE A 30 -2.92 -5.50 0.40
C PHE A 30 -1.89 -4.74 -0.46
N GLY A 31 -2.37 -3.93 -1.39
CA GLY A 31 -1.47 -3.15 -2.23
C GLY A 31 -1.87 -1.69 -2.27
N VAL A 32 -0.89 -0.79 -2.27
CA VAL A 32 -1.16 0.64 -2.19
C VAL A 32 -0.97 1.30 -3.54
N ARG A 33 -1.62 2.44 -3.75
CA ARG A 33 -1.50 3.18 -4.98
C ARG A 33 -1.37 4.66 -4.62
N VAL A 34 -0.54 5.38 -5.35
CA VAL A 34 -0.39 6.82 -5.13
C VAL A 34 -0.46 7.58 -6.45
N ASN A 35 -0.94 8.81 -6.42
CA ASN A 35 -1.11 9.60 -7.64
C ASN A 35 0.05 10.58 -7.83
N THR A 36 1.09 10.08 -8.47
CA THR A 36 2.25 10.90 -8.77
C THR A 36 1.89 11.96 -9.80
N SER A 37 1.93 13.20 -9.36
CA SER A 37 1.54 14.36 -10.18
C SER A 37 2.19 14.36 -11.57
N ASP A 38 3.34 13.72 -11.69
CA ASP A 38 4.08 13.72 -12.94
C ASP A 38 3.75 12.51 -13.81
N ARG A 39 3.16 11.47 -13.23
CA ARG A 39 2.97 10.22 -13.96
C ARG A 39 1.56 9.68 -13.77
N GLY A 40 1.12 9.66 -12.52
CA GLY A 40 -0.21 9.18 -12.19
C GLY A 40 -0.19 8.08 -11.15
N TRP A 41 -1.24 7.27 -11.15
CA TRP A 41 -1.34 6.13 -10.25
C TRP A 41 -0.10 5.23 -10.35
N THR A 42 0.57 5.05 -9.23
CA THR A 42 1.81 4.30 -9.18
C THR A 42 1.59 2.81 -9.33
N ASP A 43 2.68 2.05 -9.34
CA ASP A 43 2.60 0.60 -9.32
C ASP A 43 2.05 0.16 -7.98
N GLU A 44 1.08 -0.74 -8.01
CA GLU A 44 0.45 -1.22 -6.80
C GLU A 44 1.45 -1.98 -5.96
N CYS A 45 1.78 -1.38 -4.85
CA CYS A 45 2.77 -1.93 -3.94
C CYS A 45 2.11 -2.92 -3.00
N ILE A 46 2.22 -4.19 -3.36
CA ILE A 46 1.65 -5.27 -2.58
C ILE A 46 2.50 -5.56 -1.35
N GLY A 47 1.87 -5.50 -0.19
CA GLY A 47 2.56 -5.75 1.06
C GLY A 47 2.63 -7.22 1.39
N GLU A 48 3.07 -7.51 2.60
CA GLU A 48 3.28 -8.89 3.04
C GLU A 48 1.97 -9.50 3.55
N PRO A 49 1.84 -10.83 3.43
CA PRO A 49 0.75 -11.57 4.05
C PRO A 49 0.83 -11.48 5.57
N MET A 50 0.03 -10.60 6.15
CA MET A 50 0.15 -10.26 7.56
C MET A 50 -1.09 -10.72 8.32
N PRO A 51 -0.90 -11.28 9.52
CA PRO A 51 -2.00 -11.81 10.33
C PRO A 51 -2.85 -10.72 10.99
N SER A 52 -2.59 -9.46 10.65
CA SER A 52 -3.36 -8.35 11.19
C SER A 52 -3.50 -7.27 10.12
N VAL A 53 -4.71 -6.72 10.01
CA VAL A 53 -5.03 -5.75 8.95
C VAL A 53 -4.17 -4.50 9.05
N LYS A 54 -3.73 -4.19 10.25
CA LYS A 54 -2.88 -3.03 10.48
C LYS A 54 -1.51 -3.25 9.85
N LYS A 55 -0.97 -4.45 10.02
CA LYS A 55 0.37 -4.76 9.54
C LYS A 55 0.34 -4.91 8.02
N ALA A 56 -0.83 -5.30 7.50
CA ALA A 56 -1.02 -5.42 6.06
C ALA A 56 -0.77 -4.09 5.37
N LYS A 57 -1.53 -3.06 5.76
CA LYS A 57 -1.36 -1.71 5.23
C LYS A 57 0.08 -1.24 5.41
N ASP A 58 0.58 -1.35 6.63
CA ASP A 58 1.94 -0.91 6.95
C ASP A 58 2.99 -1.53 6.04
N SER A 59 2.94 -2.84 5.85
CA SER A 59 3.97 -3.52 5.06
C SER A 59 3.95 -3.06 3.60
N ALA A 60 2.75 -2.85 3.06
CA ALA A 60 2.61 -2.36 1.70
C ALA A 60 3.12 -0.94 1.59
N ALA A 61 2.71 -0.11 2.55
CA ALA A 61 3.11 1.28 2.64
C ALA A 61 4.63 1.42 2.62
N VAL A 62 5.34 0.48 3.25
CA VAL A 62 6.81 0.53 3.29
C VAL A 62 7.40 0.39 1.89
N LEU A 63 6.77 -0.43 1.07
CA LEU A 63 7.22 -0.66 -0.30
C LEU A 63 6.81 0.51 -1.18
N LEU A 64 5.71 1.13 -0.80
CA LEU A 64 5.24 2.34 -1.45
C LEU A 64 6.21 3.50 -1.19
N LEU A 65 6.63 3.62 0.06
CA LEU A 65 7.54 4.69 0.48
C LEU A 65 8.89 4.62 -0.22
N GLU A 66 9.33 3.41 -0.56
CA GLU A 66 10.60 3.28 -1.27
C GLU A 66 10.42 3.61 -2.75
N LEU A 67 9.22 3.33 -3.27
CA LEU A 67 8.88 3.69 -4.63
C LEU A 67 8.84 5.21 -4.73
N LEU A 68 8.22 5.83 -3.74
CA LEU A 68 8.17 7.27 -3.60
C LEU A 68 9.55 7.87 -3.34
N ASN A 69 10.47 7.04 -2.86
CA ASN A 69 11.84 7.49 -2.60
C ASN A 69 12.67 7.36 -3.87
N LYS A 70 12.06 6.77 -4.89
CA LYS A 70 12.70 6.57 -6.18
C LYS A 70 11.98 7.39 -7.24
N THR A 71 11.58 8.58 -6.85
CA THR A 71 10.84 9.47 -7.73
C THR A 71 11.76 10.48 -8.40
N ASN A 1 2.02 8.63 5.16
CA ASN A 1 1.22 9.60 4.39
C ASN A 1 1.97 10.91 4.19
N ASP A 2 2.99 11.14 5.00
CA ASP A 2 3.73 12.40 4.97
C ASP A 2 4.46 12.58 3.66
N ILE A 3 5.09 11.51 3.19
CA ILE A 3 5.85 11.55 1.94
C ILE A 3 4.96 11.95 0.77
N CYS A 4 3.75 11.39 0.76
CA CYS A 4 2.78 11.68 -0.29
C CYS A 4 2.25 13.10 -0.15
N LEU A 5 1.97 13.47 1.10
CA LEU A 5 1.44 14.79 1.43
C LEU A 5 2.43 15.87 1.04
N ARG A 6 3.67 15.66 1.44
CA ARG A 6 4.77 16.58 1.16
C ARG A 6 4.94 16.81 -0.35
N LYS A 7 4.74 15.76 -1.13
CA LYS A 7 4.86 15.83 -2.58
C LYS A 7 3.68 16.58 -3.20
N ASN A 8 2.78 17.03 -2.33
CA ASN A 8 1.59 17.78 -2.73
C ASN A 8 0.60 16.87 -3.44
N TRP A 9 0.75 15.58 -3.21
CA TRP A 9 -0.15 14.59 -3.79
C TRP A 9 -1.35 14.40 -2.85
N PRO A 10 -2.47 13.89 -3.38
CA PRO A 10 -3.64 13.55 -2.56
C PRO A 10 -3.35 12.34 -1.66
N MET A 11 -4.39 11.81 -1.05
CA MET A 11 -4.21 10.63 -0.21
C MET A 11 -4.23 9.37 -1.08
N PRO A 12 -3.29 8.44 -0.83
CA PRO A 12 -3.16 7.22 -1.62
C PRO A 12 -4.34 6.26 -1.45
N SER A 13 -4.40 5.28 -2.34
CA SER A 13 -5.43 4.26 -2.29
C SER A 13 -5.01 3.15 -1.34
N TYR A 14 -5.97 2.58 -0.63
CA TYR A 14 -5.70 1.51 0.31
C TYR A 14 -6.84 0.52 0.25
N ARG A 15 -6.57 -0.68 -0.26
CA ARG A 15 -7.59 -1.70 -0.41
C ARG A 15 -6.93 -3.07 -0.47
N CYS A 16 -7.35 -3.96 0.42
CA CYS A 16 -6.75 -5.28 0.53
C CYS A 16 -7.11 -6.12 -0.69
N VAL A 17 -6.09 -6.70 -1.32
CA VAL A 17 -6.31 -7.50 -2.51
C VAL A 17 -6.80 -8.88 -2.11
N LYS A 18 -6.32 -9.34 -0.97
CA LYS A 18 -6.82 -10.55 -0.36
C LYS A 18 -7.02 -10.33 1.13
N GLU A 19 -8.20 -10.65 1.62
CA GLU A 19 -8.48 -10.56 3.05
C GLU A 19 -9.43 -11.67 3.46
N GLY A 20 -9.17 -12.28 4.61
CA GLY A 20 -10.01 -13.37 5.05
C GLY A 20 -9.77 -14.63 4.26
N GLY A 21 -10.79 -15.45 4.14
CA GLY A 21 -10.66 -16.73 3.52
C GLY A 21 -10.77 -17.82 4.56
N PRO A 22 -10.32 -19.05 4.25
CA PRO A 22 -10.34 -20.15 5.22
C PRO A 22 -9.50 -19.84 6.46
N ALA A 23 -9.74 -20.56 7.54
CA ALA A 23 -9.06 -20.31 8.81
C ALA A 23 -7.55 -20.22 8.64
N HIS A 24 -6.99 -21.17 7.90
CA HIS A 24 -5.55 -21.25 7.71
C HIS A 24 -5.03 -20.12 6.81
N ALA A 25 -5.94 -19.45 6.12
CA ALA A 25 -5.55 -18.45 5.13
C ALA A 25 -6.04 -17.06 5.54
N LYS A 26 -5.99 -16.78 6.82
CA LYS A 26 -6.42 -15.48 7.34
C LYS A 26 -5.30 -14.45 7.23
N ARG A 27 -4.34 -14.73 6.36
CA ARG A 27 -3.29 -13.77 6.09
C ARG A 27 -3.82 -12.78 5.08
N PHE A 28 -3.49 -11.52 5.28
CA PHE A 28 -4.06 -10.46 4.47
C PHE A 28 -2.98 -9.86 3.59
N THR A 29 -3.29 -9.74 2.32
CA THR A 29 -2.37 -9.21 1.35
C THR A 29 -2.98 -7.96 0.76
N PHE A 30 -2.27 -6.84 0.75
CA PHE A 30 -2.84 -5.58 0.32
C PHE A 30 -1.82 -4.83 -0.53
N GLY A 31 -2.30 -4.01 -1.47
CA GLY A 31 -1.41 -3.23 -2.30
C GLY A 31 -1.78 -1.76 -2.32
N VAL A 32 -0.78 -0.88 -2.31
CA VAL A 32 -1.03 0.56 -2.25
C VAL A 32 -0.71 1.18 -3.60
N ARG A 33 -1.31 2.33 -3.89
CA ARG A 33 -0.98 3.08 -5.08
C ARG A 33 -1.10 4.56 -4.77
N VAL A 34 -0.26 5.38 -5.42
CA VAL A 34 -0.26 6.83 -5.20
C VAL A 34 -0.46 7.57 -6.52
N ASN A 35 -1.03 8.77 -6.45
CA ASN A 35 -1.30 9.55 -7.64
C ASN A 35 -0.16 10.54 -7.89
N THR A 36 0.86 10.04 -8.56
CA THR A 36 2.01 10.86 -8.90
C THR A 36 1.59 11.92 -9.91
N SER A 37 1.64 13.17 -9.47
CA SER A 37 1.16 14.30 -10.26
C SER A 37 1.78 14.34 -11.65
N ASP A 38 2.97 13.77 -11.79
CA ASP A 38 3.69 13.82 -13.06
C ASP A 38 3.44 12.57 -13.91
N ARG A 39 2.94 11.49 -13.32
CA ARG A 39 2.77 10.24 -14.06
C ARG A 39 1.39 9.63 -13.84
N GLY A 40 0.95 9.59 -12.60
CA GLY A 40 -0.38 9.09 -12.29
C GLY A 40 -0.38 8.00 -11.25
N TRP A 41 -1.44 7.21 -11.24
CA TRP A 41 -1.53 6.05 -10.36
C TRP A 41 -0.30 5.17 -10.50
N THR A 42 0.43 5.01 -9.42
CA THR A 42 1.63 4.20 -9.41
C THR A 42 1.29 2.72 -9.48
N ASP A 43 2.27 1.92 -9.87
CA ASP A 43 2.11 0.47 -9.85
C ASP A 43 1.85 0.03 -8.43
N GLU A 44 0.76 -0.70 -8.26
CA GLU A 44 0.32 -1.11 -6.95
C GLU A 44 1.36 -1.93 -6.23
N CYS A 45 1.72 -1.46 -5.05
CA CYS A 45 2.76 -2.08 -4.24
C CYS A 45 2.16 -3.02 -3.22
N ILE A 46 2.17 -4.31 -3.55
CA ILE A 46 1.63 -5.33 -2.67
C ILE A 46 2.58 -5.61 -1.52
N GLY A 47 2.07 -5.53 -0.31
CA GLY A 47 2.86 -5.77 0.87
C GLY A 47 2.95 -7.25 1.22
N GLU A 48 3.42 -7.54 2.41
CA GLU A 48 3.60 -8.91 2.86
C GLU A 48 2.34 -9.39 3.57
N PRO A 49 1.89 -10.62 3.28
CA PRO A 49 0.71 -11.22 3.90
C PRO A 49 0.78 -11.21 5.41
N MET A 50 -0.11 -10.47 6.04
CA MET A 50 -0.05 -10.22 7.47
C MET A 50 -1.23 -10.87 8.18
N PRO A 51 -1.05 -11.24 9.46
CA PRO A 51 -2.11 -11.83 10.26
C PRO A 51 -3.02 -10.79 10.92
N SER A 52 -2.87 -9.53 10.53
CA SER A 52 -3.71 -8.45 11.05
C SER A 52 -3.74 -7.30 10.05
N VAL A 53 -4.93 -6.73 9.87
CA VAL A 53 -5.17 -5.76 8.80
C VAL A 53 -4.38 -4.46 8.99
N LYS A 54 -4.08 -4.13 10.23
CA LYS A 54 -3.41 -2.86 10.51
C LYS A 54 -1.96 -2.90 10.07
N LYS A 55 -1.28 -4.01 10.33
CA LYS A 55 0.13 -4.14 9.96
C LYS A 55 0.25 -4.50 8.48
N ALA A 56 -0.85 -4.99 7.90
CA ALA A 56 -0.90 -5.25 6.46
C ALA A 56 -0.61 -3.98 5.69
N LYS A 57 -1.43 -2.94 5.91
CA LYS A 57 -1.22 -1.63 5.30
C LYS A 57 0.21 -1.14 5.55
N ASP A 58 0.66 -1.25 6.79
CA ASP A 58 2.02 -0.83 7.16
C ASP A 58 3.07 -1.44 6.25
N SER A 59 3.02 -2.75 6.08
CA SER A 59 4.03 -3.45 5.29
C SER A 59 4.05 -2.94 3.84
N ALA A 60 2.88 -2.78 3.27
CA ALA A 60 2.78 -2.30 1.89
C ALA A 60 3.24 -0.86 1.77
N ALA A 61 2.81 -0.05 2.74
CA ALA A 61 3.20 1.36 2.82
C ALA A 61 4.72 1.51 2.84
N VAL A 62 5.42 0.60 3.51
CA VAL A 62 6.88 0.68 3.59
C VAL A 62 7.52 0.48 2.22
N LEU A 63 6.92 -0.40 1.42
CA LEU A 63 7.41 -0.68 0.08
C LEU A 63 7.08 0.50 -0.83
N LEU A 64 5.92 1.09 -0.55
CA LEU A 64 5.45 2.26 -1.25
C LEU A 64 6.35 3.46 -1.00
N LEU A 65 6.74 3.62 0.25
CA LEU A 65 7.64 4.71 0.64
C LEU A 65 8.99 4.58 -0.06
N GLU A 66 9.35 3.35 -0.44
CA GLU A 66 10.58 3.13 -1.19
C GLU A 66 10.38 3.60 -2.63
N LEU A 67 9.20 3.35 -3.16
CA LEU A 67 8.83 3.75 -4.51
C LEU A 67 8.84 5.25 -4.63
N LEU A 68 8.13 5.88 -3.71
CA LEU A 68 8.02 7.33 -3.66
C LEU A 68 9.36 7.99 -3.36
N ASN A 69 10.29 7.21 -2.83
CA ASN A 69 11.64 7.71 -2.56
C ASN A 69 12.51 7.52 -3.79
N LYS A 70 11.91 6.92 -4.81
CA LYS A 70 12.54 6.73 -6.10
C LYS A 70 11.90 7.68 -7.10
N THR A 71 11.81 7.23 -8.34
CA THR A 71 11.16 7.96 -9.43
C THR A 71 11.43 9.46 -9.38
N ASN A 1 0.95 7.01 4.29
CA ASN A 1 0.19 8.14 3.70
C ASN A 1 0.89 9.48 3.96
N ASP A 2 1.80 9.53 4.94
CA ASP A 2 2.39 10.79 5.37
C ASP A 2 3.26 11.41 4.28
N ILE A 3 4.04 10.57 3.62
CA ILE A 3 4.92 11.04 2.55
C ILE A 3 4.11 11.49 1.34
N CYS A 4 3.09 10.71 0.99
CA CYS A 4 2.20 11.05 -0.12
C CYS A 4 1.53 12.40 0.14
N LEU A 5 1.17 12.60 1.38
CA LEU A 5 0.55 13.84 1.84
C LEU A 5 1.50 15.00 1.66
N ARG A 6 2.74 14.76 2.06
CA ARG A 6 3.80 15.77 2.04
C ARG A 6 4.16 16.19 0.62
N LYS A 7 4.07 15.24 -0.31
CA LYS A 7 4.37 15.49 -1.72
C LYS A 7 3.27 16.31 -2.39
N ASN A 8 2.32 16.75 -1.58
CA ASN A 8 1.18 17.54 -2.03
C ASN A 8 0.33 16.75 -3.02
N TRP A 9 0.35 15.43 -2.86
CA TRP A 9 -0.48 14.56 -3.65
C TRP A 9 -1.80 14.33 -2.92
N PRO A 10 -2.84 13.85 -3.61
CA PRO A 10 -4.09 13.47 -2.96
C PRO A 10 -3.91 12.25 -2.05
N MET A 11 -5.00 11.68 -1.58
CA MET A 11 -4.92 10.54 -0.69
C MET A 11 -4.75 9.26 -1.50
N PRO A 12 -3.77 8.42 -1.13
CA PRO A 12 -3.49 7.18 -1.84
C PRO A 12 -4.61 6.15 -1.67
N SER A 13 -4.53 5.10 -2.48
CA SER A 13 -5.51 4.04 -2.41
C SER A 13 -5.06 2.98 -1.42
N TYR A 14 -5.99 2.49 -0.62
CA TYR A 14 -5.69 1.51 0.41
C TYR A 14 -6.88 0.55 0.58
N ARG A 15 -6.71 -0.70 0.15
CA ARG A 15 -7.77 -1.69 0.27
C ARG A 15 -7.19 -3.09 0.18
N CYS A 16 -7.55 -3.94 1.13
CA CYS A 16 -7.04 -5.30 1.18
C CYS A 16 -7.44 -6.09 -0.05
N VAL A 17 -6.46 -6.67 -0.72
CA VAL A 17 -6.66 -7.38 -1.97
C VAL A 17 -7.00 -8.84 -1.73
N LYS A 18 -6.33 -9.45 -0.76
CA LYS A 18 -6.44 -10.88 -0.55
C LYS A 18 -6.55 -11.21 0.94
N GLU A 19 -6.84 -12.48 1.21
CA GLU A 19 -7.08 -12.97 2.56
C GLU A 19 -6.65 -14.43 2.65
N GLY A 20 -6.37 -14.92 3.86
CA GLY A 20 -5.83 -16.26 4.00
C GLY A 20 -6.78 -17.35 3.59
N GLY A 21 -7.73 -17.67 4.44
CA GLY A 21 -8.58 -18.82 4.23
C GLY A 21 -9.11 -19.36 5.55
N PRO A 22 -8.91 -20.66 5.79
CA PRO A 22 -9.24 -21.32 7.05
C PRO A 22 -8.37 -20.83 8.21
N ALA A 23 -8.48 -21.47 9.37
CA ALA A 23 -7.78 -21.01 10.58
C ALA A 23 -6.27 -20.91 10.37
N HIS A 24 -5.70 -21.85 9.62
CA HIS A 24 -4.25 -21.87 9.40
C HIS A 24 -3.80 -20.77 8.44
N ALA A 25 -4.74 -20.16 7.75
CA ALA A 25 -4.42 -19.15 6.78
C ALA A 25 -5.21 -17.88 7.07
N LYS A 26 -4.59 -16.92 7.72
CA LYS A 26 -5.25 -15.68 8.05
C LYS A 26 -4.40 -14.51 7.58
N ARG A 27 -3.52 -14.79 6.64
CA ARG A 27 -2.62 -13.75 6.16
C ARG A 27 -3.32 -12.92 5.11
N PHE A 28 -3.21 -11.62 5.27
CA PHE A 28 -3.88 -10.69 4.39
C PHE A 28 -2.85 -9.98 3.53
N THR A 29 -3.20 -9.80 2.28
CA THR A 29 -2.30 -9.22 1.31
C THR A 29 -2.97 -8.00 0.71
N PHE A 30 -2.33 -6.85 0.79
CA PHE A 30 -2.95 -5.61 0.36
C PHE A 30 -2.04 -4.92 -0.65
N GLY A 31 -2.63 -4.12 -1.54
CA GLY A 31 -1.84 -3.40 -2.53
C GLY A 31 -2.15 -1.92 -2.50
N VAL A 32 -1.12 -1.09 -2.38
CA VAL A 32 -1.29 0.34 -2.26
C VAL A 32 -0.82 1.04 -3.54
N ARG A 33 -1.43 2.16 -3.87
CA ARG A 33 -1.02 2.94 -5.02
C ARG A 33 -1.20 4.42 -4.72
N VAL A 34 -0.36 5.24 -5.33
CA VAL A 34 -0.37 6.68 -5.09
C VAL A 34 -0.52 7.45 -6.39
N ASN A 35 -1.04 8.67 -6.32
CA ASN A 35 -1.19 9.52 -7.50
C ASN A 35 0.02 10.45 -7.62
N THR A 36 1.06 9.91 -8.21
CA THR A 36 2.27 10.68 -8.46
C THR A 36 2.00 11.75 -9.51
N SER A 37 2.03 13.00 -9.10
CA SER A 37 1.64 14.13 -9.94
C SER A 37 2.34 14.12 -11.31
N ASP A 38 3.48 13.46 -11.39
CA ASP A 38 4.24 13.40 -12.64
C ASP A 38 3.67 12.40 -13.64
N ARG A 39 3.04 11.33 -13.15
CA ARG A 39 2.59 10.26 -14.04
C ARG A 39 1.20 9.76 -13.68
N GLY A 40 0.90 9.71 -12.38
CA GLY A 40 -0.40 9.26 -11.94
C GLY A 40 -0.31 8.07 -11.02
N TRP A 41 -1.32 7.22 -11.08
CA TRP A 41 -1.36 6.00 -10.29
C TRP A 41 -0.07 5.20 -10.41
N THR A 42 0.58 5.00 -9.28
CA THR A 42 1.79 4.22 -9.20
C THR A 42 1.48 2.73 -9.35
N ASP A 43 2.52 1.94 -9.56
CA ASP A 43 2.37 0.50 -9.59
C ASP A 43 1.91 0.02 -8.22
N GLU A 44 0.84 -0.76 -8.22
CA GLU A 44 0.25 -1.23 -6.99
C GLU A 44 1.25 -2.07 -6.21
N CYS A 45 1.62 -1.56 -5.06
CA CYS A 45 2.61 -2.17 -4.22
C CYS A 45 1.97 -3.12 -3.23
N ILE A 46 2.07 -4.41 -3.53
CA ILE A 46 1.53 -5.44 -2.68
C ILE A 46 2.40 -5.61 -1.44
N GLY A 47 1.80 -5.44 -0.28
CA GLY A 47 2.51 -5.59 0.97
C GLY A 47 2.72 -7.03 1.35
N GLU A 48 3.23 -7.24 2.55
CA GLU A 48 3.54 -8.58 3.02
C GLU A 48 2.31 -9.21 3.65
N PRO A 49 2.07 -10.50 3.37
CA PRO A 49 0.95 -11.24 3.95
C PRO A 49 0.98 -11.20 5.48
N MET A 50 0.08 -10.40 6.04
CA MET A 50 0.08 -10.11 7.47
C MET A 50 -1.14 -10.70 8.15
N PRO A 51 -1.00 -11.12 9.40
CA PRO A 51 -2.12 -11.69 10.17
C PRO A 51 -3.06 -10.62 10.76
N SER A 52 -2.94 -9.37 10.28
CA SER A 52 -3.79 -8.29 10.73
C SER A 52 -3.86 -7.21 9.65
N VAL A 53 -5.05 -6.67 9.42
CA VAL A 53 -5.28 -5.73 8.32
C VAL A 53 -4.59 -4.39 8.54
N LYS A 54 -4.33 -4.06 9.79
CA LYS A 54 -3.70 -2.80 10.13
C LYS A 54 -2.23 -2.80 9.70
N LYS A 55 -1.53 -3.89 10.00
CA LYS A 55 -0.11 -3.98 9.68
C LYS A 55 0.08 -4.39 8.22
N ALA A 56 -0.98 -4.90 7.62
CA ALA A 56 -0.99 -5.19 6.20
C ALA A 56 -0.67 -3.93 5.40
N LYS A 57 -1.47 -2.88 5.64
CA LYS A 57 -1.24 -1.56 5.05
C LYS A 57 0.21 -1.10 5.25
N ASP A 58 0.66 -1.16 6.50
CA ASP A 58 2.00 -0.70 6.87
C ASP A 58 3.08 -1.32 6.00
N SER A 59 3.05 -2.63 5.81
CA SER A 59 4.09 -3.31 5.05
C SER A 59 4.13 -2.81 3.59
N ALA A 60 2.95 -2.59 3.02
CA ALA A 60 2.88 -2.09 1.65
C ALA A 60 3.32 -0.64 1.61
N ALA A 61 2.93 0.12 2.63
CA ALA A 61 3.30 1.51 2.76
C ALA A 61 4.82 1.68 2.84
N VAL A 62 5.52 0.69 3.40
CA VAL A 62 6.98 0.71 3.47
C VAL A 62 7.57 0.52 2.07
N LEU A 63 6.88 -0.26 1.24
CA LEU A 63 7.28 -0.46 -0.13
C LEU A 63 6.97 0.80 -0.94
N LEU A 64 5.98 1.52 -0.47
CA LEU A 64 5.62 2.80 -1.01
C LEU A 64 6.74 3.81 -0.75
N LEU A 65 7.42 3.65 0.38
CA LEU A 65 8.55 4.51 0.74
C LEU A 65 9.67 4.41 -0.28
N GLU A 66 9.94 3.21 -0.80
CA GLU A 66 11.01 3.04 -1.77
C GLU A 66 10.54 3.46 -3.15
N LEU A 67 9.26 3.23 -3.43
CA LEU A 67 8.63 3.68 -4.66
C LEU A 67 8.72 5.20 -4.75
N LEU A 68 8.24 5.84 -3.68
CA LEU A 68 8.34 7.29 -3.51
C LEU A 68 9.78 7.78 -3.36
N ASN A 69 10.72 6.84 -3.33
CA ASN A 69 12.13 7.19 -3.26
C ASN A 69 12.74 7.06 -4.66
N LYS A 70 11.92 6.55 -5.57
CA LYS A 70 12.33 6.34 -6.95
C LYS A 70 11.53 7.26 -7.86
N THR A 71 11.17 8.40 -7.32
CA THR A 71 10.36 9.36 -8.04
C THR A 71 10.98 10.75 -7.96
N ASN A 1 1.02 9.13 4.84
CA ASN A 1 0.34 10.06 3.92
C ASN A 1 1.04 11.43 3.88
N ASP A 2 1.89 11.71 4.86
CA ASP A 2 2.49 13.04 4.99
C ASP A 2 3.41 13.34 3.81
N ILE A 3 4.17 12.34 3.38
CA ILE A 3 5.07 12.49 2.24
C ILE A 3 4.27 12.75 0.98
N CYS A 4 3.17 12.02 0.83
CA CYS A 4 2.30 12.16 -0.33
C CYS A 4 1.68 13.55 -0.33
N LEU A 5 1.26 13.97 0.85
CA LEU A 5 0.64 15.28 1.04
C LEU A 5 1.61 16.38 0.64
N ARG A 6 2.82 16.27 1.15
CA ARG A 6 3.87 17.25 0.90
C ARG A 6 4.16 17.38 -0.60
N LYS A 7 4.07 16.25 -1.30
CA LYS A 7 4.35 16.20 -2.73
C LYS A 7 3.23 16.82 -3.54
N ASN A 8 2.23 17.35 -2.83
CA ASN A 8 1.09 18.02 -3.44
C ASN A 8 0.18 17.00 -4.11
N TRP A 9 0.33 15.75 -3.69
CA TRP A 9 -0.52 14.68 -4.16
C TRP A 9 -1.73 14.53 -3.24
N PRO A 10 -2.84 13.99 -3.74
CA PRO A 10 -3.96 13.58 -2.90
C PRO A 10 -3.58 12.46 -1.95
N MET A 11 -4.56 11.93 -1.26
CA MET A 11 -4.33 10.80 -0.36
C MET A 11 -4.34 9.50 -1.14
N PRO A 12 -3.32 8.65 -0.92
CA PRO A 12 -3.16 7.40 -1.66
C PRO A 12 -4.31 6.43 -1.43
N SER A 13 -4.45 5.48 -2.35
CA SER A 13 -5.49 4.48 -2.27
C SER A 13 -5.02 3.33 -1.39
N TYR A 14 -5.92 2.77 -0.60
CA TYR A 14 -5.61 1.66 0.27
C TYR A 14 -6.76 0.67 0.24
N ARG A 15 -6.53 -0.52 -0.33
CA ARG A 15 -7.58 -1.51 -0.53
C ARG A 15 -7.02 -2.92 -0.39
N CYS A 16 -7.59 -3.69 0.53
CA CYS A 16 -7.15 -5.06 0.74
C CYS A 16 -7.41 -5.90 -0.50
N VAL A 17 -6.34 -6.49 -1.04
CA VAL A 17 -6.45 -7.26 -2.27
C VAL A 17 -6.82 -8.71 -1.96
N LYS A 18 -6.27 -9.24 -0.90
CA LYS A 18 -6.54 -10.61 -0.50
C LYS A 18 -6.77 -10.72 1.00
N GLU A 19 -7.90 -11.33 1.37
CA GLU A 19 -8.21 -11.58 2.76
C GLU A 19 -8.16 -13.08 3.03
N GLY A 20 -7.71 -13.46 4.22
CA GLY A 20 -7.50 -14.86 4.52
C GLY A 20 -8.78 -15.64 4.71
N GLY A 21 -8.70 -16.94 4.47
CA GLY A 21 -9.85 -17.82 4.54
C GLY A 21 -10.28 -18.15 5.96
N PRO A 22 -10.52 -19.45 6.20
CA PRO A 22 -11.03 -19.98 7.47
C PRO A 22 -10.40 -19.35 8.71
N ALA A 23 -9.14 -19.68 8.97
CA ALA A 23 -8.42 -19.13 10.12
C ALA A 23 -6.94 -19.45 10.02
N HIS A 24 -6.63 -20.66 9.54
CA HIS A 24 -5.24 -21.10 9.36
C HIS A 24 -4.58 -20.39 8.17
N ALA A 25 -5.28 -19.41 7.62
CA ALA A 25 -4.78 -18.66 6.48
C ALA A 25 -5.27 -17.23 6.54
N LYS A 26 -5.41 -16.71 7.76
CA LYS A 26 -5.95 -15.37 7.98
C LYS A 26 -4.90 -14.30 7.72
N ARG A 27 -3.90 -14.64 6.93
CA ARG A 27 -2.89 -13.68 6.56
C ARG A 27 -3.41 -12.82 5.42
N PHE A 28 -3.23 -11.52 5.57
CA PHE A 28 -3.83 -10.56 4.67
C PHE A 28 -2.78 -9.89 3.80
N THR A 29 -3.16 -9.64 2.57
CA THR A 29 -2.28 -9.00 1.62
C THR A 29 -3.00 -7.82 0.99
N PHE A 30 -2.31 -6.70 0.84
CA PHE A 30 -2.93 -5.50 0.31
C PHE A 30 -1.93 -4.79 -0.61
N GLY A 31 -2.43 -4.02 -1.57
CA GLY A 31 -1.55 -3.29 -2.47
C GLY A 31 -1.88 -1.81 -2.48
N VAL A 32 -0.83 -0.96 -2.50
CA VAL A 32 -1.02 0.48 -2.39
C VAL A 32 -0.77 1.13 -3.74
N ARG A 33 -1.37 2.29 -3.97
CA ARG A 33 -1.08 3.07 -5.15
C ARG A 33 -1.17 4.54 -4.78
N VAL A 34 -0.30 5.35 -5.37
CA VAL A 34 -0.27 6.78 -5.10
C VAL A 34 -0.46 7.58 -6.39
N ASN A 35 -1.00 8.79 -6.27
CA ASN A 35 -1.24 9.64 -7.43
C ASN A 35 -0.04 10.55 -7.66
N THR A 36 0.95 10.01 -8.33
CA THR A 36 2.15 10.76 -8.64
C THR A 36 1.85 11.75 -9.76
N SER A 37 1.83 13.03 -9.39
CA SER A 37 1.41 14.10 -10.30
C SER A 37 2.10 14.03 -11.67
N ASP A 38 3.29 13.47 -11.71
CA ASP A 38 4.05 13.40 -12.96
C ASP A 38 3.66 12.19 -13.82
N ARG A 39 3.06 11.17 -13.21
CA ARG A 39 2.78 9.94 -13.93
C ARG A 39 1.34 9.49 -13.72
N GLY A 40 0.89 9.56 -12.48
CA GLY A 40 -0.44 9.15 -12.13
C GLY A 40 -0.44 8.07 -11.07
N TRP A 41 -1.47 7.24 -11.07
CA TRP A 41 -1.53 6.08 -10.21
C TRP A 41 -0.27 5.22 -10.38
N THR A 42 0.47 5.05 -9.30
CA THR A 42 1.70 4.28 -9.29
C THR A 42 1.42 2.79 -9.48
N ASP A 43 2.48 2.03 -9.70
CA ASP A 43 2.37 0.58 -9.73
C ASP A 43 1.94 0.10 -8.37
N GLU A 44 0.86 -0.65 -8.33
CA GLU A 44 0.30 -1.11 -7.07
C GLU A 44 1.29 -1.96 -6.31
N CYS A 45 1.65 -1.48 -5.14
CA CYS A 45 2.66 -2.11 -4.31
C CYS A 45 2.02 -3.10 -3.36
N ILE A 46 2.04 -4.36 -3.73
CA ILE A 46 1.50 -5.41 -2.88
C ILE A 46 2.44 -5.69 -1.72
N GLY A 47 1.89 -5.60 -0.52
CA GLY A 47 2.65 -5.82 0.68
C GLY A 47 2.72 -7.29 1.07
N GLU A 48 3.18 -7.54 2.28
CA GLU A 48 3.40 -8.89 2.75
C GLU A 48 2.16 -9.46 3.42
N PRO A 49 1.95 -10.78 3.32
CA PRO A 49 0.88 -11.47 4.04
C PRO A 49 1.03 -11.31 5.55
N MET A 50 0.18 -10.50 6.14
CA MET A 50 0.29 -10.14 7.55
C MET A 50 -0.91 -10.67 8.31
N PRO A 51 -0.71 -11.13 9.56
CA PRO A 51 -1.77 -11.71 10.38
C PRO A 51 -2.73 -10.67 10.96
N SER A 52 -2.53 -9.40 10.59
CA SER A 52 -3.40 -8.32 11.04
C SER A 52 -3.57 -7.31 9.91
N VAL A 53 -4.79 -6.80 9.78
CA VAL A 53 -5.15 -5.88 8.70
C VAL A 53 -4.38 -4.57 8.82
N LYS A 54 -4.10 -4.15 10.05
CA LYS A 54 -3.34 -2.96 10.29
C LYS A 54 -1.91 -3.12 9.76
N LYS A 55 -1.34 -4.30 9.98
CA LYS A 55 0.03 -4.57 9.58
C LYS A 55 0.11 -4.78 8.08
N ALA A 56 -1.02 -5.19 7.50
CA ALA A 56 -1.11 -5.36 6.05
C ALA A 56 -0.82 -4.05 5.34
N LYS A 57 -1.63 -3.03 5.63
CA LYS A 57 -1.43 -1.72 5.01
C LYS A 57 -0.08 -1.14 5.41
N ASP A 58 0.27 -1.27 6.68
CA ASP A 58 1.59 -0.84 7.16
C ASP A 58 2.74 -1.42 6.34
N SER A 59 2.75 -2.73 6.14
CA SER A 59 3.86 -3.38 5.45
C SER A 59 3.97 -2.97 3.99
N ALA A 60 2.82 -2.82 3.33
CA ALA A 60 2.81 -2.41 1.93
C ALA A 60 3.27 -0.96 1.79
N ALA A 61 2.79 -0.13 2.72
CA ALA A 61 3.20 1.28 2.79
C ALA A 61 4.72 1.41 2.87
N VAL A 62 5.38 0.48 3.56
CA VAL A 62 6.84 0.50 3.69
C VAL A 62 7.50 0.37 2.33
N LEU A 63 6.90 -0.46 1.48
CA LEU A 63 7.42 -0.67 0.13
C LEU A 63 7.10 0.54 -0.74
N LEU A 64 5.96 1.14 -0.44
CA LEU A 64 5.50 2.34 -1.13
C LEU A 64 6.44 3.51 -0.88
N LEU A 65 6.92 3.60 0.35
CA LEU A 65 7.87 4.63 0.73
C LEU A 65 9.14 4.53 -0.11
N GLU A 66 9.46 3.33 -0.56
CA GLU A 66 10.60 3.11 -1.43
C GLU A 66 10.33 3.64 -2.82
N LEU A 67 9.09 3.52 -3.26
CA LEU A 67 8.65 4.07 -4.53
C LEU A 67 8.79 5.58 -4.49
N LEU A 68 8.25 6.18 -3.43
CA LEU A 68 8.35 7.61 -3.21
C LEU A 68 9.77 8.05 -2.86
N ASN A 69 10.66 7.09 -2.77
CA ASN A 69 12.07 7.37 -2.50
C ASN A 69 12.85 7.38 -3.80
N LYS A 70 12.22 6.88 -4.84
CA LYS A 70 12.85 6.78 -6.15
C LYS A 70 12.16 7.71 -7.14
N THR A 71 11.87 8.92 -6.70
CA THR A 71 11.21 9.90 -7.52
C THR A 71 11.60 11.31 -7.09
N ASN A 1 2.32 8.00 4.91
CA ASN A 1 1.47 9.13 4.48
C ASN A 1 2.26 10.43 4.44
N ASP A 2 3.37 10.49 5.17
CA ASP A 2 4.16 11.71 5.29
C ASP A 2 4.84 12.03 3.96
N ILE A 3 5.46 11.02 3.38
CA ILE A 3 6.16 11.17 2.12
C ILE A 3 5.19 11.57 1.01
N CYS A 4 4.00 10.98 1.03
CA CYS A 4 2.98 11.24 0.04
C CYS A 4 2.44 12.66 0.20
N LEU A 5 2.21 13.01 1.46
CA LEU A 5 1.69 14.30 1.83
C LEU A 5 2.67 15.41 1.44
N ARG A 6 3.94 15.18 1.73
CA ARG A 6 4.99 16.15 1.46
C ARG A 6 5.10 16.46 -0.03
N LYS A 7 4.92 15.43 -0.83
CA LYS A 7 5.07 15.52 -2.28
C LYS A 7 3.91 16.29 -2.92
N ASN A 8 2.99 16.73 -2.08
CA ASN A 8 1.79 17.45 -2.50
C ASN A 8 0.93 16.57 -3.39
N TRP A 9 0.65 15.37 -2.90
CA TRP A 9 -0.23 14.44 -3.58
C TRP A 9 -1.48 14.26 -2.75
N PRO A 10 -2.53 13.68 -3.33
CA PRO A 10 -3.67 13.20 -2.56
C PRO A 10 -3.31 11.90 -1.86
N MET A 11 -4.07 11.52 -0.86
CA MET A 11 -3.74 10.37 -0.04
C MET A 11 -4.02 9.09 -0.81
N PRO A 12 -3.02 8.19 -0.87
CA PRO A 12 -3.06 6.96 -1.68
C PRO A 12 -4.29 6.09 -1.44
N SER A 13 -4.51 5.19 -2.38
CA SER A 13 -5.57 4.22 -2.31
C SER A 13 -5.13 3.07 -1.41
N TYR A 14 -6.06 2.51 -0.66
CA TYR A 14 -5.75 1.43 0.25
C TYR A 14 -6.88 0.41 0.22
N ARG A 15 -6.61 -0.77 -0.32
CA ARG A 15 -7.64 -1.80 -0.46
C ARG A 15 -7.01 -3.18 -0.43
N CYS A 16 -7.48 -4.02 0.49
CA CYS A 16 -6.95 -5.37 0.62
C CYS A 16 -7.28 -6.20 -0.61
N VAL A 17 -6.26 -6.76 -1.24
CA VAL A 17 -6.43 -7.51 -2.47
C VAL A 17 -6.80 -8.96 -2.16
N LYS A 18 -6.23 -9.49 -1.09
CA LYS A 18 -6.53 -10.84 -0.67
C LYS A 18 -6.62 -10.90 0.86
N GLU A 19 -7.71 -11.43 1.37
CA GLU A 19 -7.86 -11.62 2.80
C GLU A 19 -8.77 -12.81 3.08
N GLY A 20 -8.63 -13.43 4.24
CA GLY A 20 -9.49 -14.54 4.61
C GLY A 20 -9.29 -15.76 3.73
N GLY A 21 -10.16 -16.74 3.90
CA GLY A 21 -10.06 -17.97 3.16
C GLY A 21 -10.69 -19.12 3.92
N PRO A 22 -10.13 -20.32 3.80
CA PRO A 22 -10.60 -21.50 4.55
C PRO A 22 -10.22 -21.44 6.02
N ALA A 23 -10.57 -20.33 6.68
CA ALA A 23 -10.32 -20.10 8.12
C ALA A 23 -8.82 -19.94 8.43
N HIS A 24 -8.03 -20.95 8.08
CA HIS A 24 -6.60 -20.94 8.37
C HIS A 24 -5.84 -20.06 7.37
N ALA A 25 -6.56 -19.18 6.69
CA ALA A 25 -5.96 -18.29 5.72
C ALA A 25 -6.28 -16.84 6.07
N LYS A 26 -6.16 -16.51 7.36
CA LYS A 26 -6.48 -15.19 7.85
C LYS A 26 -5.32 -14.24 7.61
N ARG A 27 -4.45 -14.59 6.69
CA ARG A 27 -3.38 -13.72 6.28
C ARG A 27 -3.90 -12.76 5.25
N PHE A 28 -3.56 -11.50 5.40
CA PHE A 28 -4.09 -10.45 4.56
C PHE A 28 -2.99 -9.88 3.69
N THR A 29 -3.28 -9.76 2.41
CA THR A 29 -2.36 -9.20 1.45
C THR A 29 -3.00 -7.98 0.83
N PHE A 30 -2.29 -6.86 0.80
CA PHE A 30 -2.87 -5.63 0.31
C PHE A 30 -1.87 -4.90 -0.58
N GLY A 31 -2.36 -4.10 -1.51
CA GLY A 31 -1.49 -3.33 -2.38
C GLY A 31 -1.88 -1.86 -2.41
N VAL A 32 -0.88 -0.98 -2.38
CA VAL A 32 -1.15 0.46 -2.33
C VAL A 32 -0.85 1.07 -3.68
N ARG A 33 -1.45 2.22 -3.96
CA ARG A 33 -1.16 2.97 -5.15
C ARG A 33 -1.28 4.44 -4.81
N VAL A 34 -0.40 5.25 -5.37
CA VAL A 34 -0.38 6.69 -5.09
C VAL A 34 -0.62 7.48 -6.37
N ASN A 35 -1.13 8.70 -6.23
CA ASN A 35 -1.35 9.55 -7.38
C ASN A 35 -0.16 10.49 -7.57
N THR A 36 0.85 9.96 -8.24
CA THR A 36 2.04 10.73 -8.52
C THR A 36 1.71 11.83 -9.52
N SER A 37 1.80 13.07 -9.06
CA SER A 37 1.34 14.22 -9.83
C SER A 37 1.94 14.26 -11.23
N ASP A 38 3.12 13.69 -11.41
CA ASP A 38 3.79 13.75 -12.71
C ASP A 38 3.62 12.46 -13.51
N ARG A 39 2.99 11.44 -12.92
CA ARG A 39 2.79 10.16 -13.64
C ARG A 39 1.33 9.72 -13.53
N GLY A 40 0.84 9.67 -12.31
CA GLY A 40 -0.49 9.18 -12.04
C GLY A 40 -0.49 8.03 -11.05
N TRP A 41 -1.50 7.17 -11.15
CA TRP A 41 -1.58 5.99 -10.31
C TRP A 41 -0.32 5.13 -10.44
N THR A 42 0.36 4.94 -9.33
CA THR A 42 1.55 4.10 -9.28
C THR A 42 1.19 2.63 -9.43
N ASP A 43 2.17 1.81 -9.79
CA ASP A 43 1.98 0.37 -9.83
C ASP A 43 1.65 -0.13 -8.44
N GLU A 44 0.60 -0.95 -8.35
CA GLU A 44 0.12 -1.44 -7.07
C GLU A 44 1.21 -2.15 -6.31
N CYS A 45 1.54 -1.59 -5.16
CA CYS A 45 2.62 -2.10 -4.33
C CYS A 45 2.06 -3.06 -3.29
N ILE A 46 2.16 -4.34 -3.60
CA ILE A 46 1.69 -5.39 -2.71
C ILE A 46 2.67 -5.57 -1.55
N GLY A 47 2.17 -5.44 -0.34
CA GLY A 47 2.97 -5.65 0.84
C GLY A 47 3.04 -7.10 1.24
N GLU A 48 3.53 -7.38 2.43
CA GLU A 48 3.69 -8.74 2.90
C GLU A 48 2.41 -9.22 3.58
N PRO A 49 1.98 -10.46 3.31
CA PRO A 49 0.80 -11.06 3.95
C PRO A 49 0.91 -10.99 5.48
N MET A 50 0.00 -10.27 6.08
CA MET A 50 0.04 -10.01 7.51
C MET A 50 -1.15 -10.65 8.22
N PRO A 51 -0.99 -10.98 9.51
CA PRO A 51 -2.07 -11.57 10.32
C PRO A 51 -3.03 -10.53 10.89
N SER A 52 -2.91 -9.29 10.43
CA SER A 52 -3.77 -8.20 10.88
C SER A 52 -3.82 -7.11 9.81
N VAL A 53 -5.00 -6.56 9.60
CA VAL A 53 -5.23 -5.60 8.51
C VAL A 53 -4.48 -4.29 8.73
N LYS A 54 -4.16 -4.01 9.99
CA LYS A 54 -3.54 -2.73 10.34
C LYS A 54 -2.07 -2.73 9.93
N LYS A 55 -1.38 -3.84 10.18
CA LYS A 55 0.01 -3.96 9.81
C LYS A 55 0.14 -4.36 8.35
N ALA A 56 -0.95 -4.86 7.77
CA ALA A 56 -0.99 -5.16 6.35
C ALA A 56 -0.71 -3.90 5.53
N LYS A 57 -1.54 -2.86 5.75
CA LYS A 57 -1.34 -1.56 5.13
C LYS A 57 0.09 -1.07 5.38
N ASP A 58 0.48 -1.13 6.65
CA ASP A 58 1.82 -0.73 7.09
C ASP A 58 2.93 -1.35 6.23
N SER A 59 2.86 -2.66 6.04
CA SER A 59 3.86 -3.38 5.27
C SER A 59 3.98 -2.83 3.85
N ALA A 60 2.84 -2.68 3.18
CA ALA A 60 2.83 -2.23 1.81
C ALA A 60 3.32 -0.78 1.69
N ALA A 61 2.94 0.03 2.68
CA ALA A 61 3.36 1.42 2.75
C ALA A 61 4.88 1.55 2.84
N VAL A 62 5.55 0.57 3.46
CA VAL A 62 7.01 0.57 3.53
C VAL A 62 7.61 0.47 2.14
N LEU A 63 6.97 -0.33 1.28
CA LEU A 63 7.45 -0.51 -0.07
C LEU A 63 7.10 0.71 -0.92
N LEU A 64 6.03 1.39 -0.53
CA LEU A 64 5.64 2.65 -1.14
C LEU A 64 6.74 3.69 -0.96
N LEU A 65 7.28 3.74 0.25
CA LEU A 65 8.33 4.69 0.59
C LEU A 65 9.58 4.47 -0.26
N GLU A 66 9.80 3.24 -0.69
CA GLU A 66 10.91 2.94 -1.58
C GLU A 66 10.65 3.49 -2.97
N LEU A 67 9.43 3.28 -3.45
CA LEU A 67 9.02 3.75 -4.77
C LEU A 67 9.12 5.27 -4.82
N LEU A 68 8.55 5.89 -3.80
CA LEU A 68 8.54 7.34 -3.67
C LEU A 68 9.93 7.92 -3.48
N ASN A 69 10.87 7.09 -3.06
CA ASN A 69 12.25 7.55 -2.87
C ASN A 69 13.05 7.32 -4.14
N LYS A 70 12.39 6.70 -5.12
CA LYS A 70 13.01 6.44 -6.41
C LYS A 70 12.31 7.24 -7.49
N THR A 71 11.91 8.44 -7.12
CA THR A 71 11.17 9.31 -8.02
C THR A 71 12.13 10.24 -8.77
N ASN A 1 1.41 9.30 4.11
CA ASN A 1 0.59 10.39 3.52
C ASN A 1 1.32 11.73 3.55
N ASP A 2 2.36 11.84 4.38
CA ASP A 2 3.12 13.09 4.53
C ASP A 2 3.84 13.42 3.23
N ILE A 3 4.51 12.41 2.68
CA ILE A 3 5.27 12.59 1.44
C ILE A 3 4.34 12.97 0.31
N CYS A 4 3.17 12.34 0.29
CA CYS A 4 2.16 12.63 -0.71
C CYS A 4 1.64 14.06 -0.54
N LEU A 5 1.41 14.43 0.70
CA LEU A 5 0.94 15.76 1.04
C LEU A 5 1.94 16.80 0.59
N ARG A 6 3.18 16.59 1.00
CA ARG A 6 4.30 17.46 0.64
C ARG A 6 4.43 17.60 -0.88
N LYS A 7 4.26 16.49 -1.58
CA LYS A 7 4.41 16.43 -3.03
C LYS A 7 3.21 17.06 -3.75
N ASN A 8 2.27 17.55 -2.96
CA ASN A 8 1.05 18.18 -3.47
C ASN A 8 0.17 17.15 -4.15
N TRP A 9 0.33 15.91 -3.74
CA TRP A 9 -0.49 14.81 -4.22
C TRP A 9 -1.70 14.63 -3.33
N PRO A 10 -2.71 13.94 -3.84
CA PRO A 10 -3.82 13.49 -3.03
C PRO A 10 -3.40 12.31 -2.17
N MET A 11 -4.33 11.82 -1.36
CA MET A 11 -4.04 10.72 -0.46
C MET A 11 -4.09 9.41 -1.21
N PRO A 12 -3.17 8.48 -0.91
CA PRO A 12 -3.03 7.23 -1.64
C PRO A 12 -4.22 6.31 -1.44
N SER A 13 -4.38 5.39 -2.37
CA SER A 13 -5.44 4.40 -2.31
C SER A 13 -5.00 3.26 -1.40
N TYR A 14 -5.93 2.71 -0.65
CA TYR A 14 -5.63 1.61 0.23
C TYR A 14 -6.74 0.57 0.12
N ARG A 15 -6.42 -0.57 -0.48
CA ARG A 15 -7.43 -1.59 -0.78
C ARG A 15 -6.86 -2.98 -0.58
N CYS A 16 -7.50 -3.77 0.27
CA CYS A 16 -7.05 -5.12 0.55
C CYS A 16 -7.33 -6.01 -0.66
N VAL A 17 -6.28 -6.59 -1.21
CA VAL A 17 -6.41 -7.40 -2.42
C VAL A 17 -6.75 -8.84 -2.08
N LYS A 18 -6.23 -9.34 -0.98
CA LYS A 18 -6.49 -10.70 -0.55
C LYS A 18 -6.75 -10.76 0.95
N GLU A 19 -7.91 -11.30 1.29
CA GLU A 19 -8.31 -11.49 2.66
C GLU A 19 -9.28 -12.66 2.76
N GLY A 20 -9.01 -13.59 3.66
CA GLY A 20 -9.93 -14.69 3.89
C GLY A 20 -9.63 -15.89 3.02
N GLY A 21 -10.39 -16.94 3.23
CA GLY A 21 -10.19 -18.18 2.50
C GLY A 21 -10.59 -19.38 3.33
N PRO A 22 -9.97 -20.55 3.09
CA PRO A 22 -10.25 -21.78 3.84
C PRO A 22 -10.15 -21.56 5.36
N ALA A 23 -8.93 -21.44 5.85
CA ALA A 23 -8.68 -21.18 7.27
C ALA A 23 -7.28 -20.63 7.47
N HIS A 24 -6.32 -21.23 6.78
CA HIS A 24 -4.93 -20.77 6.84
C HIS A 24 -4.72 -19.54 5.96
N ALA A 25 -5.81 -18.94 5.50
CA ALA A 25 -5.73 -17.82 4.59
C ALA A 25 -6.26 -16.56 5.23
N LYS A 26 -6.14 -16.48 6.56
CA LYS A 26 -6.53 -15.28 7.28
C LYS A 26 -5.32 -14.36 7.38
N ARG A 27 -4.34 -14.65 6.55
CA ARG A 27 -3.25 -13.72 6.33
C ARG A 27 -3.69 -12.76 5.25
N PHE A 28 -3.41 -11.49 5.47
CA PHE A 28 -3.99 -10.46 4.64
C PHE A 28 -2.93 -9.82 3.77
N THR A 29 -3.26 -9.60 2.52
CA THR A 29 -2.36 -9.00 1.57
C THR A 29 -3.05 -7.81 0.92
N PHE A 30 -2.35 -6.69 0.83
CA PHE A 30 -2.96 -5.46 0.33
C PHE A 30 -1.95 -4.73 -0.56
N GLY A 31 -2.44 -3.94 -1.51
CA GLY A 31 -1.54 -3.18 -2.37
C GLY A 31 -1.88 -1.70 -2.38
N VAL A 32 -0.85 -0.85 -2.39
CA VAL A 32 -1.05 0.60 -2.31
C VAL A 32 -0.73 1.23 -3.65
N ARG A 33 -1.30 2.39 -3.93
CA ARG A 33 -0.95 3.16 -5.10
C ARG A 33 -1.05 4.64 -4.76
N VAL A 34 -0.22 5.46 -5.39
CA VAL A 34 -0.22 6.90 -5.16
C VAL A 34 -0.43 7.65 -6.46
N ASN A 35 -1.01 8.85 -6.37
CA ASN A 35 -1.29 9.67 -7.55
C ASN A 35 -0.15 10.65 -7.78
N THR A 36 0.83 10.19 -8.54
CA THR A 36 1.96 11.03 -8.90
C THR A 36 1.50 12.08 -9.93
N SER A 37 1.53 13.34 -9.51
CA SER A 37 0.99 14.45 -10.28
C SER A 37 1.54 14.49 -11.72
N ASP A 38 2.72 13.94 -11.94
CA ASP A 38 3.35 14.01 -13.25
C ASP A 38 3.44 12.65 -13.92
N ARG A 39 2.76 11.65 -13.38
CA ARG A 39 2.80 10.31 -13.96
C ARG A 39 1.45 9.59 -13.78
N GLY A 40 0.95 9.58 -12.55
CA GLY A 40 -0.35 9.01 -12.27
C GLY A 40 -0.32 7.96 -11.19
N TRP A 41 -1.37 7.16 -11.13
CA TRP A 41 -1.42 6.02 -10.21
C TRP A 41 -0.18 5.14 -10.37
N THR A 42 0.59 5.05 -9.30
CA THR A 42 1.84 4.31 -9.30
C THR A 42 1.62 2.80 -9.37
N ASP A 43 2.71 2.06 -9.40
CA ASP A 43 2.66 0.61 -9.35
C ASP A 43 2.06 0.17 -8.03
N GLU A 44 1.15 -0.78 -8.11
CA GLU A 44 0.51 -1.30 -6.91
C GLU A 44 1.52 -2.02 -6.05
N CYS A 45 1.77 -1.45 -4.90
CA CYS A 45 2.74 -2.00 -3.98
C CYS A 45 2.07 -3.01 -3.06
N ILE A 46 2.21 -4.27 -3.42
CA ILE A 46 1.63 -5.36 -2.64
C ILE A 46 2.54 -5.70 -1.48
N GLY A 47 1.99 -5.63 -0.27
CA GLY A 47 2.75 -5.94 0.91
C GLY A 47 2.80 -7.43 1.18
N GLU A 48 3.33 -7.79 2.33
CA GLU A 48 3.45 -9.19 2.71
C GLU A 48 2.16 -9.66 3.37
N PRO A 49 1.85 -10.95 3.25
CA PRO A 49 0.73 -11.56 3.97
C PRO A 49 0.90 -11.38 5.47
N MET A 50 0.02 -10.58 6.06
CA MET A 50 0.14 -10.22 7.46
C MET A 50 -1.04 -10.78 8.26
N PRO A 51 -0.79 -11.23 9.49
CA PRO A 51 -1.82 -11.82 10.33
C PRO A 51 -2.75 -10.79 10.99
N SER A 52 -2.71 -9.55 10.52
CA SER A 52 -3.60 -8.51 11.02
C SER A 52 -3.73 -7.40 9.97
N VAL A 53 -4.93 -6.85 9.87
CA VAL A 53 -5.26 -5.87 8.83
C VAL A 53 -4.56 -4.53 9.07
N LYS A 54 -4.19 -4.29 10.32
CA LYS A 54 -3.57 -3.03 10.69
C LYS A 54 -2.13 -2.97 10.18
N LYS A 55 -1.40 -4.06 10.41
CA LYS A 55 0.00 -4.13 10.03
C LYS A 55 0.12 -4.47 8.55
N ALA A 56 -0.96 -5.00 7.96
CA ALA A 56 -1.00 -5.26 6.53
C ALA A 56 -0.73 -3.99 5.73
N LYS A 57 -1.54 -2.96 5.99
CA LYS A 57 -1.37 -1.66 5.35
C LYS A 57 0.06 -1.14 5.57
N ASP A 58 0.53 -1.22 6.81
CA ASP A 58 1.88 -0.78 7.15
C ASP A 58 2.93 -1.42 6.26
N SER A 59 2.85 -2.75 6.10
CA SER A 59 3.86 -3.48 5.33
C SER A 59 3.92 -3.00 3.89
N ALA A 60 2.77 -2.85 3.26
CA ALA A 60 2.73 -2.42 1.86
C ALA A 60 3.23 -0.99 1.73
N ALA A 61 2.81 -0.15 2.67
CA ALA A 61 3.24 1.24 2.74
C ALA A 61 4.77 1.36 2.74
N VAL A 62 5.45 0.45 3.43
CA VAL A 62 6.91 0.48 3.51
C VAL A 62 7.54 0.31 2.13
N LEU A 63 6.92 -0.54 1.31
CA LEU A 63 7.40 -0.78 -0.04
C LEU A 63 7.06 0.41 -0.93
N LEU A 64 5.94 1.03 -0.61
CA LEU A 64 5.48 2.22 -1.29
C LEU A 64 6.44 3.40 -1.04
N LEU A 65 6.93 3.48 0.19
CA LEU A 65 7.91 4.49 0.56
C LEU A 65 9.17 4.38 -0.29
N GLU A 66 9.47 3.15 -0.73
CA GLU A 66 10.61 2.92 -1.61
C GLU A 66 10.33 3.49 -2.99
N LEU A 67 9.09 3.35 -3.44
CA LEU A 67 8.66 3.87 -4.72
C LEU A 67 8.77 5.39 -4.73
N LEU A 68 8.17 6.01 -3.71
CA LEU A 68 8.17 7.45 -3.55
C LEU A 68 9.57 7.99 -3.23
N ASN A 69 10.49 7.09 -2.95
CA ASN A 69 11.86 7.49 -2.65
C ASN A 69 12.70 7.44 -3.91
N LYS A 70 12.13 6.88 -4.96
CA LYS A 70 12.82 6.74 -6.23
C LYS A 70 12.03 7.39 -7.35
N THR A 71 11.52 8.57 -7.07
CA THR A 71 10.76 9.33 -8.04
C THR A 71 10.95 10.83 -7.81
N ASN A 1 1.48 7.27 3.49
CA ASN A 1 0.66 8.39 2.97
C ASN A 1 1.30 9.74 3.31
N ASP A 2 2.19 9.77 4.29
CA ASP A 2 2.77 11.03 4.77
C ASP A 2 3.67 11.66 3.72
N ILE A 3 4.42 10.83 3.00
CA ILE A 3 5.27 11.30 1.92
C ILE A 3 4.41 11.86 0.80
N CYS A 4 3.41 11.08 0.43
CA CYS A 4 2.46 11.43 -0.62
C CYS A 4 1.81 12.78 -0.34
N LEU A 5 1.49 12.99 0.93
CA LEU A 5 0.90 14.24 1.39
C LEU A 5 1.85 15.40 1.14
N ARG A 6 3.06 15.26 1.64
CA ARG A 6 4.08 16.30 1.52
C ARG A 6 4.41 16.58 0.05
N LYS A 7 4.26 15.57 -0.79
CA LYS A 7 4.50 15.69 -2.23
C LYS A 7 3.40 16.48 -2.94
N ASN A 8 2.45 16.96 -2.14
CA ASN A 8 1.33 17.75 -2.64
C ASN A 8 0.46 16.88 -3.57
N TRP A 9 0.32 15.63 -3.22
CA TRP A 9 -0.53 14.71 -3.95
C TRP A 9 -1.83 14.49 -3.19
N PRO A 10 -2.87 14.01 -3.88
CA PRO A 10 -4.11 13.61 -3.22
C PRO A 10 -3.90 12.36 -2.37
N MET A 11 -4.94 11.91 -1.69
CA MET A 11 -4.83 10.79 -0.78
C MET A 11 -4.64 9.48 -1.55
N PRO A 12 -3.60 8.71 -1.21
CA PRO A 12 -3.31 7.44 -1.87
C PRO A 12 -4.42 6.43 -1.67
N SER A 13 -4.46 5.45 -2.54
CA SER A 13 -5.47 4.42 -2.48
C SER A 13 -5.01 3.28 -1.58
N TYR A 14 -5.91 2.75 -0.79
CA TYR A 14 -5.60 1.66 0.10
C TYR A 14 -6.74 0.65 0.03
N ARG A 15 -6.46 -0.52 -0.54
CA ARG A 15 -7.50 -1.51 -0.80
C ARG A 15 -7.03 -2.90 -0.42
N CYS A 16 -7.71 -3.52 0.53
CA CYS A 16 -7.38 -4.88 0.93
C CYS A 16 -7.57 -5.85 -0.23
N VAL A 17 -6.47 -6.46 -0.64
CA VAL A 17 -6.48 -7.33 -1.81
C VAL A 17 -6.86 -8.75 -1.43
N LYS A 18 -6.33 -9.23 -0.31
CA LYS A 18 -6.60 -10.59 0.12
C LYS A 18 -6.79 -10.66 1.63
N GLU A 19 -7.87 -11.32 2.02
CA GLU A 19 -8.13 -11.61 3.43
C GLU A 19 -7.76 -13.06 3.72
N GLY A 20 -7.43 -13.39 4.97
CA GLY A 20 -6.92 -14.71 5.24
C GLY A 20 -7.97 -15.80 5.10
N GLY A 21 -8.93 -15.81 6.01
CA GLY A 21 -9.85 -16.94 6.08
C GLY A 21 -9.88 -17.56 7.46
N PRO A 22 -9.61 -18.87 7.53
CA PRO A 22 -9.53 -19.62 8.79
C PRO A 22 -8.39 -19.18 9.71
N ALA A 23 -8.02 -20.02 10.67
CA ALA A 23 -6.97 -19.68 11.62
C ALA A 23 -5.58 -19.87 11.01
N HIS A 24 -5.37 -21.00 10.34
CA HIS A 24 -4.06 -21.30 9.76
C HIS A 24 -3.77 -20.38 8.59
N ALA A 25 -4.83 -19.87 7.98
CA ALA A 25 -4.71 -18.93 6.90
C ALA A 25 -5.46 -17.67 7.27
N LYS A 26 -4.77 -16.73 7.89
CA LYS A 26 -5.38 -15.50 8.36
C LYS A 26 -4.60 -14.33 7.80
N ARG A 27 -3.86 -14.59 6.73
CA ARG A 27 -2.91 -13.62 6.22
C ARG A 27 -3.62 -12.57 5.38
N PHE A 28 -3.19 -11.33 5.57
CA PHE A 28 -3.75 -10.21 4.87
C PHE A 28 -2.73 -9.69 3.88
N THR A 29 -3.17 -9.48 2.66
CA THR A 29 -2.32 -8.99 1.61
C THR A 29 -2.99 -7.82 0.92
N PHE A 30 -2.32 -6.69 0.85
CA PHE A 30 -2.92 -5.48 0.31
C PHE A 30 -1.90 -4.75 -0.56
N GLY A 31 -2.38 -3.98 -1.53
CA GLY A 31 -1.49 -3.22 -2.39
C GLY A 31 -1.87 -1.75 -2.45
N VAL A 32 -0.87 -0.87 -2.43
CA VAL A 32 -1.11 0.57 -2.37
C VAL A 32 -0.79 1.21 -3.71
N ARG A 33 -1.35 2.39 -3.95
CA ARG A 33 -1.02 3.15 -5.14
C ARG A 33 -1.13 4.64 -4.81
N VAL A 34 -0.29 5.46 -5.42
CA VAL A 34 -0.28 6.90 -5.16
C VAL A 34 -0.48 7.68 -6.46
N ASN A 35 -0.96 8.92 -6.34
CA ASN A 35 -1.18 9.76 -7.50
C ASN A 35 0.03 10.66 -7.73
N THR A 36 1.00 10.10 -8.41
CA THR A 36 2.21 10.85 -8.73
C THR A 36 1.94 11.78 -9.89
N SER A 37 1.82 13.06 -9.58
CA SER A 37 1.47 14.11 -10.53
C SER A 37 2.22 13.97 -11.87
N ASP A 38 3.44 13.48 -11.81
CA ASP A 38 4.26 13.29 -13.01
C ASP A 38 3.65 12.28 -13.99
N ARG A 39 3.09 11.19 -13.48
CA ARG A 39 2.59 10.11 -14.34
C ARG A 39 1.15 9.72 -13.98
N GLY A 40 0.85 9.73 -12.69
CA GLY A 40 -0.46 9.36 -12.21
C GLY A 40 -0.39 8.23 -11.20
N TRP A 41 -1.43 7.41 -11.21
CA TRP A 41 -1.47 6.23 -10.34
C TRP A 41 -0.20 5.39 -10.50
N THR A 42 0.52 5.23 -9.40
CA THR A 42 1.73 4.42 -9.36
C THR A 42 1.39 2.94 -9.51
N ASP A 43 2.41 2.13 -9.76
CA ASP A 43 2.21 0.69 -9.79
C ASP A 43 1.83 0.22 -8.40
N GLU A 44 0.80 -0.60 -8.35
CA GLU A 44 0.25 -1.04 -7.10
C GLU A 44 1.25 -1.91 -6.36
N CYS A 45 1.67 -1.42 -5.20
CA CYS A 45 2.71 -2.05 -4.41
C CYS A 45 2.09 -2.93 -3.33
N ILE A 46 2.14 -4.24 -3.54
CA ILE A 46 1.55 -5.19 -2.62
C ILE A 46 2.53 -5.58 -1.51
N GLY A 47 2.02 -5.54 -0.29
CA GLY A 47 2.82 -5.91 0.87
C GLY A 47 2.78 -7.41 1.10
N GLU A 48 3.41 -7.85 2.18
CA GLU A 48 3.53 -9.28 2.45
C GLU A 48 2.37 -9.76 3.33
N PRO A 49 2.08 -11.07 3.28
CA PRO A 49 1.08 -11.70 4.15
C PRO A 49 1.27 -11.35 5.62
N MET A 50 0.41 -10.49 6.14
CA MET A 50 0.49 -10.07 7.53
C MET A 50 -0.66 -10.66 8.32
N PRO A 51 -0.44 -11.02 9.60
CA PRO A 51 -1.45 -11.64 10.45
C PRO A 51 -2.47 -10.66 11.03
N SER A 52 -2.50 -9.44 10.51
CA SER A 52 -3.44 -8.43 10.94
C SER A 52 -3.64 -7.46 9.80
N VAL A 53 -4.88 -7.00 9.64
CA VAL A 53 -5.23 -6.15 8.51
C VAL A 53 -4.62 -4.76 8.70
N LYS A 54 -4.32 -4.41 9.93
CA LYS A 54 -3.65 -3.15 10.22
C LYS A 54 -2.20 -3.23 9.79
N LYS A 55 -1.58 -4.39 10.02
CA LYS A 55 -0.18 -4.62 9.67
C LYS A 55 -0.06 -4.82 8.16
N ALA A 56 -1.16 -5.24 7.55
CA ALA A 56 -1.23 -5.41 6.11
C ALA A 56 -0.90 -4.09 5.42
N LYS A 57 -1.62 -3.03 5.81
CA LYS A 57 -1.38 -1.69 5.32
C LYS A 57 0.08 -1.29 5.49
N ASP A 58 0.57 -1.40 6.72
CA ASP A 58 1.94 -0.99 7.05
C ASP A 58 2.97 -1.69 6.18
N SER A 59 2.83 -3.00 5.97
CA SER A 59 3.79 -3.73 5.16
C SER A 59 3.85 -3.17 3.74
N ALA A 60 2.69 -2.93 3.16
CA ALA A 60 2.63 -2.40 1.81
C ALA A 60 3.14 -0.97 1.77
N ALA A 61 2.80 -0.23 2.82
CA ALA A 61 3.25 1.15 2.99
C ALA A 61 4.78 1.25 2.99
N VAL A 62 5.46 0.26 3.56
CA VAL A 62 6.92 0.24 3.58
C VAL A 62 7.49 0.16 2.17
N LEU A 63 6.82 -0.62 1.33
CA LEU A 63 7.25 -0.79 -0.06
C LEU A 63 6.83 0.42 -0.86
N LEU A 64 5.81 1.11 -0.36
CA LEU A 64 5.37 2.37 -0.90
C LEU A 64 6.40 3.46 -0.62
N LEU A 65 6.82 3.54 0.63
CA LEU A 65 7.77 4.56 1.09
C LEU A 65 9.04 4.58 0.25
N GLU A 66 9.46 3.43 -0.22
CA GLU A 66 10.67 3.35 -1.02
C GLU A 66 10.40 3.79 -2.45
N LEU A 67 9.21 3.50 -2.95
CA LEU A 67 8.84 3.85 -4.32
C LEU A 67 8.81 5.37 -4.47
N LEU A 68 8.08 6.03 -3.58
CA LEU A 68 7.98 7.49 -3.61
C LEU A 68 9.30 8.14 -3.17
N ASN A 69 10.22 7.31 -2.71
CA ASN A 69 11.55 7.79 -2.34
C ASN A 69 12.50 7.61 -3.52
N LYS A 70 12.01 6.97 -4.57
CA LYS A 70 12.80 6.69 -5.76
C LYS A 70 12.23 7.43 -6.96
N THR A 71 11.77 8.64 -6.72
CA THR A 71 11.17 9.47 -7.75
C THR A 71 11.13 10.93 -7.30
N ASN A 1 2.75 7.97 4.78
CA ASN A 1 1.91 9.01 4.11
C ASN A 1 2.65 10.33 3.99
N ASP A 2 3.71 10.51 4.79
CA ASP A 2 4.46 11.76 4.82
C ASP A 2 5.03 12.12 3.46
N ILE A 3 5.64 11.14 2.82
CA ILE A 3 6.27 11.35 1.51
C ILE A 3 5.24 11.80 0.49
N CYS A 4 4.11 11.10 0.44
CA CYS A 4 3.05 11.42 -0.50
C CYS A 4 2.47 12.79 -0.20
N LEU A 5 2.23 13.04 1.07
CA LEU A 5 1.68 14.30 1.55
C LEU A 5 2.61 15.46 1.20
N ARG A 6 3.88 15.24 1.44
CA ARG A 6 4.91 16.26 1.23
C ARG A 6 5.02 16.62 -0.24
N LYS A 7 4.81 15.64 -1.11
CA LYS A 7 4.90 15.84 -2.55
C LYS A 7 3.69 16.61 -3.09
N ASN A 8 2.82 17.01 -2.17
CA ASN A 8 1.62 17.78 -2.50
C ASN A 8 0.66 16.92 -3.31
N TRP A 9 0.70 15.63 -3.04
CA TRP A 9 -0.25 14.69 -3.64
C TRP A 9 -1.41 14.50 -2.69
N PRO A 10 -2.56 14.02 -3.19
CA PRO A 10 -3.70 13.65 -2.34
C PRO A 10 -3.38 12.41 -1.51
N MET A 11 -4.35 11.88 -0.80
CA MET A 11 -4.15 10.68 0.00
C MET A 11 -4.11 9.46 -0.92
N PRO A 12 -3.29 8.46 -0.59
CA PRO A 12 -3.15 7.26 -1.41
C PRO A 12 -4.35 6.32 -1.28
N SER A 13 -4.42 5.37 -2.19
CA SER A 13 -5.48 4.37 -2.18
C SER A 13 -5.11 3.22 -1.27
N TYR A 14 -6.09 2.65 -0.59
CA TYR A 14 -5.84 1.56 0.35
C TYR A 14 -6.99 0.57 0.28
N ARG A 15 -6.73 -0.61 -0.26
CA ARG A 15 -7.78 -1.61 -0.44
C ARG A 15 -7.19 -3.03 -0.42
N CYS A 16 -7.78 -3.88 0.40
CA CYS A 16 -7.29 -5.24 0.57
C CYS A 16 -7.44 -6.06 -0.70
N VAL A 17 -6.34 -6.62 -1.16
CA VAL A 17 -6.34 -7.44 -2.36
C VAL A 17 -6.73 -8.87 -2.01
N LYS A 18 -6.27 -9.34 -0.87
CA LYS A 18 -6.56 -10.71 -0.44
C LYS A 18 -6.94 -10.74 1.03
N GLU A 19 -8.03 -11.44 1.31
CA GLU A 19 -8.49 -11.69 2.66
C GLU A 19 -8.08 -13.11 3.06
N GLY A 20 -7.90 -13.33 4.36
CA GLY A 20 -7.42 -14.61 4.81
C GLY A 20 -8.54 -15.62 4.98
N GLY A 21 -8.17 -16.89 5.07
CA GLY A 21 -9.14 -17.95 5.23
C GLY A 21 -9.67 -18.07 6.65
N PRO A 22 -9.90 -19.30 7.11
CA PRO A 22 -10.43 -19.59 8.44
C PRO A 22 -9.68 -18.86 9.57
N ALA A 23 -8.48 -19.32 9.88
CA ALA A 23 -7.63 -18.67 10.88
C ALA A 23 -6.18 -19.02 10.64
N HIS A 24 -5.94 -20.25 10.21
CA HIS A 24 -4.59 -20.72 9.89
C HIS A 24 -4.08 -20.05 8.61
N ALA A 25 -4.97 -19.35 7.92
CA ALA A 25 -4.62 -18.65 6.69
C ALA A 25 -5.16 -17.23 6.72
N LYS A 26 -5.30 -16.67 7.91
CA LYS A 26 -5.85 -15.32 8.08
C LYS A 26 -4.81 -14.25 7.76
N ARG A 27 -3.82 -14.60 6.96
CA ARG A 27 -2.82 -13.63 6.56
C ARG A 27 -3.35 -12.85 5.36
N PHE A 28 -3.23 -11.54 5.44
CA PHE A 28 -3.82 -10.65 4.45
C PHE A 28 -2.75 -10.01 3.59
N THR A 29 -3.12 -9.74 2.35
CA THR A 29 -2.24 -9.10 1.41
C THR A 29 -2.97 -7.92 0.78
N PHE A 30 -2.33 -6.75 0.77
CA PHE A 30 -2.98 -5.55 0.29
C PHE A 30 -1.98 -4.77 -0.56
N GLY A 31 -2.46 -3.97 -1.51
CA GLY A 31 -1.58 -3.18 -2.35
C GLY A 31 -1.94 -1.70 -2.33
N VAL A 32 -0.93 -0.84 -2.28
CA VAL A 32 -1.15 0.61 -2.20
C VAL A 32 -0.81 1.24 -3.54
N ARG A 33 -1.35 2.43 -3.80
CA ARG A 33 -0.98 3.19 -4.97
C ARG A 33 -1.08 4.68 -4.65
N VAL A 34 -0.24 5.49 -5.29
CA VAL A 34 -0.23 6.93 -5.07
C VAL A 34 -0.39 7.68 -6.40
N ASN A 35 -0.93 8.89 -6.34
CA ASN A 35 -1.14 9.70 -7.53
C ASN A 35 0.05 10.61 -7.78
N THR A 36 1.05 10.06 -8.46
CA THR A 36 2.24 10.81 -8.81
C THR A 36 1.92 11.79 -9.92
N SER A 37 1.96 13.08 -9.58
CA SER A 37 1.60 14.15 -10.51
C SER A 37 2.31 14.01 -11.86
N ASP A 38 3.48 13.39 -11.86
CA ASP A 38 4.27 13.23 -13.08
C ASP A 38 3.82 12.04 -13.93
N ARG A 39 3.16 11.05 -13.33
CA ARG A 39 2.82 9.83 -14.06
C ARG A 39 1.38 9.41 -13.81
N GLY A 40 0.95 9.48 -12.56
CA GLY A 40 -0.38 9.06 -12.18
C GLY A 40 -0.36 8.00 -11.11
N TRP A 41 -1.39 7.17 -11.09
CA TRP A 41 -1.43 6.03 -10.19
C TRP A 41 -0.17 5.17 -10.35
N THR A 42 0.55 5.02 -9.26
CA THR A 42 1.77 4.22 -9.25
C THR A 42 1.44 2.74 -9.35
N ASP A 43 2.43 1.95 -9.74
CA ASP A 43 2.28 0.51 -9.77
C ASP A 43 1.97 0.01 -8.37
N GLU A 44 0.91 -0.77 -8.28
CA GLU A 44 0.38 -1.22 -7.01
C GLU A 44 1.44 -1.91 -6.19
N CYS A 45 1.65 -1.40 -4.99
CA CYS A 45 2.66 -1.93 -4.09
C CYS A 45 2.03 -2.92 -3.13
N ILE A 46 2.16 -4.20 -3.45
CA ILE A 46 1.59 -5.27 -2.65
C ILE A 46 2.46 -5.54 -1.43
N GLY A 47 1.83 -5.50 -0.27
CA GLY A 47 2.52 -5.76 0.98
C GLY A 47 2.65 -7.23 1.28
N GLU A 48 3.23 -7.52 2.43
CA GLU A 48 3.52 -8.89 2.84
C GLU A 48 2.29 -9.49 3.52
N PRO A 49 2.08 -10.81 3.36
CA PRO A 49 0.99 -11.52 4.04
C PRO A 49 1.05 -11.32 5.55
N MET A 50 0.15 -10.51 6.06
CA MET A 50 0.17 -10.12 7.46
C MET A 50 -1.04 -10.70 8.20
N PRO A 51 -0.82 -11.17 9.44
CA PRO A 51 -1.90 -11.74 10.26
C PRO A 51 -2.82 -10.68 10.88
N SER A 52 -2.67 -9.44 10.45
CA SER A 52 -3.50 -8.34 10.94
C SER A 52 -3.60 -7.26 9.88
N VAL A 53 -4.81 -6.73 9.71
CA VAL A 53 -5.08 -5.78 8.62
C VAL A 53 -4.36 -4.46 8.83
N LYS A 54 -4.01 -4.17 10.08
CA LYS A 54 -3.37 -2.90 10.41
C LYS A 54 -1.93 -2.91 9.95
N LYS A 55 -1.23 -4.01 10.22
CA LYS A 55 0.17 -4.13 9.83
C LYS A 55 0.26 -4.52 8.36
N ALA A 56 -0.84 -5.03 7.82
CA ALA A 56 -0.93 -5.31 6.39
C ALA A 56 -0.70 -4.04 5.59
N LYS A 57 -1.51 -3.02 5.86
CA LYS A 57 -1.33 -1.70 5.27
C LYS A 57 0.12 -1.22 5.43
N ASP A 58 0.63 -1.33 6.64
CA ASP A 58 2.01 -0.93 6.94
C ASP A 58 3.02 -1.56 6.00
N SER A 59 2.97 -2.88 5.85
CA SER A 59 3.96 -3.58 5.04
C SER A 59 3.93 -3.11 3.58
N ALA A 60 2.74 -2.89 3.06
CA ALA A 60 2.59 -2.41 1.70
C ALA A 60 3.08 -0.97 1.59
N ALA A 61 2.68 -0.15 2.57
CA ALA A 61 3.07 1.25 2.65
C ALA A 61 4.59 1.41 2.67
N VAL A 62 5.30 0.48 3.32
CA VAL A 62 6.76 0.55 3.37
C VAL A 62 7.36 0.37 1.98
N LEU A 63 6.75 -0.51 1.19
CA LEU A 63 7.22 -0.78 -0.16
C LEU A 63 6.79 0.36 -1.08
N LEU A 64 5.71 1.01 -0.68
CA LEU A 64 5.23 2.20 -1.34
C LEU A 64 6.16 3.39 -1.08
N LEU A 65 6.40 3.67 0.19
CA LEU A 65 7.18 4.84 0.62
C LEU A 65 8.56 4.89 -0.02
N GLU A 66 9.11 3.75 -0.34
CA GLU A 66 10.42 3.71 -0.99
C GLU A 66 10.29 4.09 -2.46
N LEU A 67 9.18 3.73 -3.07
CA LEU A 67 8.93 3.98 -4.48
C LEU A 67 8.82 5.48 -4.73
N LEU A 68 7.98 6.14 -3.92
CA LEU A 68 7.75 7.57 -4.07
C LEU A 68 8.98 8.37 -3.71
N ASN A 69 9.79 7.82 -2.82
CA ASN A 69 11.01 8.50 -2.39
C ASN A 69 12.14 8.14 -3.35
N LYS A 70 11.77 7.36 -4.38
CA LYS A 70 12.67 6.93 -5.44
C LYS A 70 13.68 5.91 -4.95
N THR A 71 13.63 4.73 -5.54
CA THR A 71 14.46 3.62 -5.10
C THR A 71 14.92 2.81 -6.30
N ASN A 1 1.64 8.89 5.49
CA ASN A 1 0.95 9.75 4.50
C ASN A 1 1.73 11.02 4.22
N ASP A 2 2.68 11.36 5.09
CA ASP A 2 3.40 12.64 5.02
C ASP A 2 4.22 12.75 3.74
N ILE A 3 4.84 11.64 3.34
CA ILE A 3 5.62 11.61 2.10
C ILE A 3 4.75 12.02 0.91
N CYS A 4 3.52 11.52 0.90
CA CYS A 4 2.58 11.80 -0.16
C CYS A 4 2.04 13.22 -0.01
N LEU A 5 1.81 13.60 1.24
CA LEU A 5 1.29 14.93 1.57
C LEU A 5 2.26 16.01 1.09
N ARG A 6 3.50 15.86 1.48
CA ARG A 6 4.57 16.80 1.12
C ARG A 6 4.70 16.94 -0.39
N LYS A 7 4.53 15.84 -1.10
CA LYS A 7 4.67 15.81 -2.55
C LYS A 7 3.49 16.47 -3.25
N ASN A 8 2.61 17.05 -2.45
CA ASN A 8 1.42 17.74 -2.93
C ASN A 8 0.45 16.76 -3.57
N TRP A 9 0.52 15.51 -3.13
CA TRP A 9 -0.40 14.49 -3.57
C TRP A 9 -1.47 14.29 -2.51
N PRO A 10 -2.66 13.83 -2.91
CA PRO A 10 -3.73 13.50 -1.96
C PRO A 10 -3.44 12.18 -1.26
N MET A 11 -4.25 11.80 -0.29
CA MET A 11 -4.03 10.58 0.47
C MET A 11 -4.11 9.36 -0.44
N PRO A 12 -3.07 8.50 -0.39
CA PRO A 12 -3.00 7.27 -1.20
C PRO A 12 -4.20 6.34 -1.01
N SER A 13 -4.31 5.40 -1.92
CA SER A 13 -5.36 4.41 -1.87
C SER A 13 -4.88 3.21 -1.07
N TYR A 14 -5.76 2.62 -0.29
CA TYR A 14 -5.40 1.46 0.52
C TYR A 14 -6.57 0.49 0.50
N ARG A 15 -6.39 -0.64 -0.19
CA ARG A 15 -7.46 -1.60 -0.42
C ARG A 15 -6.87 -3.01 -0.48
N CYS A 16 -7.29 -3.88 0.44
CA CYS A 16 -6.75 -5.23 0.48
C CYS A 16 -7.22 -6.05 -0.72
N VAL A 17 -6.27 -6.67 -1.39
CA VAL A 17 -6.57 -7.47 -2.58
C VAL A 17 -6.95 -8.88 -2.20
N LYS A 18 -6.37 -9.38 -1.13
CA LYS A 18 -6.69 -10.71 -0.62
C LYS A 18 -6.82 -10.67 0.90
N GLU A 19 -7.96 -11.12 1.40
CA GLU A 19 -8.21 -11.18 2.84
C GLU A 19 -9.18 -12.31 3.16
N GLY A 20 -9.18 -12.77 4.41
CA GLY A 20 -10.16 -13.76 4.82
C GLY A 20 -9.59 -15.15 4.92
N GLY A 21 -10.09 -15.91 5.87
CA GLY A 21 -9.63 -17.27 6.07
C GLY A 21 -9.94 -17.74 7.48
N PRO A 22 -9.89 -19.07 7.73
CA PRO A 22 -10.14 -19.65 9.05
C PRO A 22 -9.43 -18.89 10.18
N ALA A 23 -8.12 -19.09 10.27
CA ALA A 23 -7.29 -18.34 11.21
C ALA A 23 -5.85 -18.33 10.71
N HIS A 24 -5.37 -19.48 10.27
CA HIS A 24 -4.04 -19.59 9.68
C HIS A 24 -4.01 -18.93 8.31
N ALA A 25 -5.19 -18.55 7.82
CA ALA A 25 -5.29 -17.90 6.52
C ALA A 25 -5.92 -16.52 6.65
N LYS A 26 -5.94 -16.03 7.88
CA LYS A 26 -6.46 -14.70 8.18
C LYS A 26 -5.42 -13.65 7.84
N ARG A 27 -4.50 -14.02 6.97
CA ARG A 27 -3.44 -13.12 6.56
C ARG A 27 -3.95 -12.20 5.46
N PHE A 28 -3.48 -10.98 5.48
CA PHE A 28 -3.95 -9.96 4.57
C PHE A 28 -2.84 -9.60 3.59
N THR A 29 -3.20 -9.58 2.33
CA THR A 29 -2.29 -9.18 1.27
C THR A 29 -2.91 -7.98 0.57
N PHE A 30 -2.22 -6.86 0.54
CA PHE A 30 -2.82 -5.63 0.08
C PHE A 30 -1.84 -4.89 -0.84
N GLY A 31 -2.36 -4.11 -1.77
CA GLY A 31 -1.51 -3.34 -2.67
C GLY A 31 -1.83 -1.86 -2.63
N VAL A 32 -0.80 -1.02 -2.62
CA VAL A 32 -0.99 0.42 -2.46
C VAL A 32 -0.76 1.11 -3.79
N ARG A 33 -1.35 2.28 -3.96
CA ARG A 33 -1.15 3.08 -5.14
C ARG A 33 -1.23 4.56 -4.77
N VAL A 34 -0.40 5.38 -5.38
CA VAL A 34 -0.39 6.82 -5.12
C VAL A 34 -0.58 7.58 -6.42
N ASN A 35 -1.12 8.80 -6.34
CA ASN A 35 -1.32 9.62 -7.53
C ASN A 35 -0.11 10.52 -7.75
N THR A 36 0.88 9.95 -8.38
CA THR A 36 2.09 10.69 -8.70
C THR A 36 1.80 11.73 -9.76
N SER A 37 1.98 12.97 -9.36
CA SER A 37 1.68 14.12 -10.17
C SER A 37 2.31 14.06 -11.56
N ASP A 38 3.42 13.34 -11.69
CA ASP A 38 4.12 13.23 -12.96
C ASP A 38 3.62 12.06 -13.81
N ARG A 39 2.92 11.10 -13.24
CA ARG A 39 2.51 9.92 -13.99
C ARG A 39 1.08 9.49 -13.67
N GLY A 40 0.74 9.47 -12.39
CA GLY A 40 -0.57 9.03 -11.97
C GLY A 40 -0.51 7.91 -10.96
N TRP A 41 -1.53 7.07 -10.98
CA TRP A 41 -1.57 5.91 -10.11
C TRP A 41 -0.32 5.06 -10.29
N THR A 42 0.45 4.93 -9.20
CA THR A 42 1.67 4.14 -9.20
C THR A 42 1.39 2.66 -9.42
N ASP A 43 2.42 1.90 -9.73
CA ASP A 43 2.29 0.45 -9.82
C ASP A 43 1.89 -0.09 -8.47
N GLU A 44 0.93 -0.99 -8.47
CA GLU A 44 0.37 -1.53 -7.25
C GLU A 44 1.44 -2.20 -6.40
N CYS A 45 1.71 -1.61 -5.27
CA CYS A 45 2.73 -2.10 -4.37
C CYS A 45 2.11 -3.07 -3.38
N ILE A 46 2.24 -4.36 -3.67
CA ILE A 46 1.70 -5.39 -2.83
C ILE A 46 2.66 -5.67 -1.68
N GLY A 47 2.15 -5.60 -0.46
CA GLY A 47 2.95 -5.88 0.71
C GLY A 47 3.01 -7.37 1.00
N GLU A 48 3.57 -7.71 2.15
CA GLU A 48 3.68 -9.10 2.54
C GLU A 48 2.42 -9.52 3.29
N PRO A 49 1.98 -10.77 3.11
CA PRO A 49 0.81 -11.31 3.84
C PRO A 49 0.99 -11.18 5.35
N MET A 50 0.20 -10.30 5.95
CA MET A 50 0.33 -10.00 7.37
C MET A 50 -0.88 -10.52 8.11
N PRO A 51 -0.70 -11.07 9.31
CA PRO A 51 -1.78 -11.70 10.08
C PRO A 51 -2.68 -10.68 10.80
N SER A 52 -2.64 -9.43 10.38
CA SER A 52 -3.45 -8.38 10.98
C SER A 52 -3.62 -7.24 9.99
N VAL A 53 -4.84 -6.70 9.94
CA VAL A 53 -5.25 -5.79 8.87
C VAL A 53 -4.51 -4.46 8.94
N LYS A 54 -4.27 -3.97 10.14
CA LYS A 54 -3.65 -2.66 10.32
C LYS A 54 -2.18 -2.70 9.94
N LYS A 55 -1.50 -3.77 10.29
CA LYS A 55 -0.08 -3.91 9.99
C LYS A 55 0.11 -4.36 8.54
N ALA A 56 -0.95 -4.90 7.95
CA ALA A 56 -0.94 -5.26 6.54
C ALA A 56 -0.72 -4.03 5.68
N LYS A 57 -1.59 -3.02 5.84
CA LYS A 57 -1.47 -1.79 5.09
C LYS A 57 -0.12 -1.13 5.34
N ASP A 58 0.30 -1.11 6.61
CA ASP A 58 1.61 -0.57 6.98
C ASP A 58 2.74 -1.23 6.19
N SER A 59 2.72 -2.56 6.12
CA SER A 59 3.79 -3.30 5.44
C SER A 59 3.93 -2.87 3.98
N ALA A 60 2.80 -2.78 3.29
CA ALA A 60 2.81 -2.42 1.88
C ALA A 60 3.22 -0.96 1.71
N ALA A 61 2.69 -0.10 2.58
CA ALA A 61 3.01 1.31 2.59
C ALA A 61 4.51 1.55 2.73
N VAL A 62 5.21 0.67 3.50
CA VAL A 62 6.65 0.78 3.66
C VAL A 62 7.36 0.58 2.31
N LEU A 63 6.81 -0.32 1.50
CA LEU A 63 7.37 -0.62 0.19
C LEU A 63 7.05 0.54 -0.75
N LEU A 64 5.88 1.12 -0.54
CA LEU A 64 5.42 2.26 -1.29
C LEU A 64 6.31 3.47 -1.06
N LEU A 65 6.68 3.68 0.20
CA LEU A 65 7.57 4.79 0.57
C LEU A 65 8.92 4.67 -0.14
N GLU A 66 9.30 3.45 -0.47
CA GLU A 66 10.52 3.21 -1.23
C GLU A 66 10.35 3.68 -2.67
N LEU A 67 9.17 3.42 -3.21
CA LEU A 67 8.83 3.80 -4.58
C LEU A 67 8.79 5.30 -4.69
N LEU A 68 8.13 5.92 -3.73
CA LEU A 68 8.00 7.37 -3.66
C LEU A 68 9.32 8.03 -3.32
N ASN A 69 10.27 7.23 -2.89
CA ASN A 69 11.62 7.72 -2.59
C ASN A 69 12.47 7.66 -3.86
N LYS A 70 11.91 7.05 -4.89
CA LYS A 70 12.62 6.86 -6.14
C LYS A 70 12.09 7.85 -7.18
N THR A 71 11.84 9.07 -6.73
CA THR A 71 11.34 10.12 -7.59
C THR A 71 11.75 11.49 -7.04
N ASN A 1 2.18 8.30 5.33
CA ASN A 1 1.37 9.18 4.46
C ASN A 1 2.04 10.54 4.29
N ASP A 2 2.95 10.86 5.22
CA ASP A 2 3.60 12.17 5.25
C ASP A 2 4.39 12.43 3.97
N ILE A 3 5.09 11.41 3.52
CA ILE A 3 5.93 11.52 2.32
C ILE A 3 5.08 11.87 1.10
N CYS A 4 3.89 11.29 1.03
CA CYS A 4 2.98 11.55 -0.08
C CYS A 4 2.39 12.95 0.05
N LEU A 5 2.08 13.32 1.27
CA LEU A 5 1.53 14.63 1.57
C LEU A 5 2.52 15.72 1.17
N ARG A 6 3.75 15.56 1.64
CA ARG A 6 4.86 16.46 1.30
C ARG A 6 5.04 16.57 -0.21
N LYS A 7 4.82 15.45 -0.90
CA LYS A 7 5.01 15.38 -2.35
C LYS A 7 3.89 16.11 -3.09
N ASN A 8 3.00 16.71 -2.33
CA ASN A 8 1.88 17.46 -2.85
C ASN A 8 0.91 16.57 -3.62
N TRP A 9 0.90 15.29 -3.27
CA TRP A 9 -0.03 14.35 -3.88
C TRP A 9 -1.24 14.18 -2.99
N PRO A 10 -2.39 13.81 -3.58
CA PRO A 10 -3.59 13.48 -2.82
C PRO A 10 -3.43 12.14 -2.10
N MET A 11 -4.36 11.83 -1.21
CA MET A 11 -4.28 10.64 -0.39
C MET A 11 -4.31 9.38 -1.24
N PRO A 12 -3.37 8.46 -1.01
CA PRO A 12 -3.27 7.21 -1.78
C PRO A 12 -4.43 6.26 -1.53
N SER A 13 -4.54 5.27 -2.40
CA SER A 13 -5.57 4.27 -2.30
C SER A 13 -5.10 3.12 -1.41
N TYR A 14 -6.00 2.60 -0.60
CA TYR A 14 -5.67 1.50 0.30
C TYR A 14 -6.82 0.50 0.30
N ARG A 15 -6.60 -0.69 -0.26
CA ARG A 15 -7.67 -1.69 -0.37
C ARG A 15 -7.07 -3.09 -0.29
N CYS A 16 -7.55 -3.89 0.65
CA CYS A 16 -7.08 -5.25 0.82
C CYS A 16 -7.36 -6.07 -0.44
N VAL A 17 -6.30 -6.60 -1.03
CA VAL A 17 -6.41 -7.36 -2.27
C VAL A 17 -6.83 -8.80 -1.96
N LYS A 18 -6.29 -9.33 -0.89
CA LYS A 18 -6.63 -10.68 -0.43
C LYS A 18 -6.83 -10.66 1.08
N GLU A 19 -8.00 -11.08 1.51
CA GLU A 19 -8.33 -11.10 2.93
C GLU A 19 -9.32 -12.22 3.25
N GLY A 20 -9.09 -12.91 4.35
CA GLY A 20 -10.03 -13.93 4.79
C GLY A 20 -9.83 -15.27 4.11
N GLY A 21 -10.10 -15.30 2.82
CA GLY A 21 -9.95 -16.54 2.06
C GLY A 21 -10.88 -17.62 2.55
N PRO A 22 -10.55 -18.90 2.28
CA PRO A 22 -11.31 -20.05 2.77
C PRO A 22 -11.44 -20.04 4.30
N ALA A 23 -10.30 -20.05 4.98
CA ALA A 23 -10.26 -20.06 6.44
C ALA A 23 -8.82 -19.95 6.92
N HIS A 24 -7.97 -20.80 6.34
CA HIS A 24 -6.54 -20.82 6.67
C HIS A 24 -5.78 -19.69 5.97
N ALA A 25 -6.52 -18.69 5.52
CA ALA A 25 -5.91 -17.59 4.78
C ALA A 25 -6.20 -16.26 5.45
N LYS A 26 -5.95 -16.20 6.76
CA LYS A 26 -6.20 -14.99 7.51
C LYS A 26 -4.96 -14.10 7.47
N ARG A 27 -4.06 -14.41 6.57
CA ARG A 27 -2.99 -13.49 6.24
C ARG A 27 -3.52 -12.56 5.17
N PHE A 28 -3.30 -11.28 5.35
CA PHE A 28 -3.91 -10.31 4.49
C PHE A 28 -2.85 -9.69 3.61
N THR A 29 -3.15 -9.65 2.32
CA THR A 29 -2.22 -9.18 1.33
C THR A 29 -2.85 -7.98 0.64
N PHE A 30 -2.24 -6.83 0.74
CA PHE A 30 -2.85 -5.61 0.26
C PHE A 30 -1.85 -4.86 -0.62
N GLY A 31 -2.36 -4.07 -1.55
CA GLY A 31 -1.50 -3.30 -2.42
C GLY A 31 -1.88 -1.84 -2.42
N VAL A 32 -0.88 -0.96 -2.38
CA VAL A 32 -1.15 0.47 -2.32
C VAL A 32 -0.85 1.09 -3.66
N ARG A 33 -1.49 2.20 -3.95
CA ARG A 33 -1.18 2.96 -5.13
C ARG A 33 -1.30 4.44 -4.78
N VAL A 34 -0.41 5.24 -5.30
CA VAL A 34 -0.41 6.67 -5.02
C VAL A 34 -0.65 7.45 -6.31
N ASN A 35 -1.22 8.65 -6.19
CA ASN A 35 -1.49 9.47 -7.35
C ASN A 35 -0.35 10.45 -7.56
N THR A 36 0.67 9.96 -8.21
CA THR A 36 1.84 10.76 -8.52
C THR A 36 1.49 11.78 -9.57
N SER A 37 1.57 13.05 -9.20
CA SER A 37 1.31 14.15 -10.12
C SER A 37 2.15 13.98 -11.38
N ASP A 38 3.29 13.34 -11.23
CA ASP A 38 4.19 13.03 -12.33
C ASP A 38 3.56 12.08 -13.36
N ARG A 39 3.10 10.91 -12.92
CA ARG A 39 2.66 9.88 -13.86
C ARG A 39 1.22 9.45 -13.60
N GLY A 40 0.81 9.46 -12.34
CA GLY A 40 -0.53 9.03 -11.97
C GLY A 40 -0.51 7.90 -10.97
N TRP A 41 -1.52 7.06 -11.03
CA TRP A 41 -1.57 5.88 -10.18
C TRP A 41 -0.30 5.04 -10.33
N THR A 42 0.42 4.90 -9.23
CA THR A 42 1.65 4.14 -9.20
C THR A 42 1.38 2.65 -9.40
N ASP A 43 2.45 1.89 -9.60
CA ASP A 43 2.34 0.44 -9.65
C ASP A 43 1.92 -0.04 -8.28
N GLU A 44 0.85 -0.82 -8.24
CA GLU A 44 0.28 -1.27 -6.98
C GLU A 44 1.31 -2.05 -6.19
N CYS A 45 1.67 -1.49 -5.06
CA CYS A 45 2.69 -2.07 -4.21
C CYS A 45 2.05 -3.06 -3.27
N ILE A 46 2.12 -4.33 -3.65
CA ILE A 46 1.59 -5.40 -2.85
C ILE A 46 2.54 -5.72 -1.72
N GLY A 47 2.05 -5.59 -0.49
CA GLY A 47 2.88 -5.86 0.66
C GLY A 47 2.97 -7.33 0.97
N GLU A 48 3.45 -7.65 2.16
CA GLU A 48 3.59 -9.02 2.59
C GLU A 48 2.34 -9.45 3.33
N PRO A 49 1.90 -10.70 3.15
CA PRO A 49 0.72 -11.24 3.84
C PRO A 49 0.86 -11.12 5.36
N MET A 50 0.00 -10.31 5.96
CA MET A 50 0.09 -10.01 7.39
C MET A 50 -1.18 -10.48 8.10
N PRO A 51 -1.05 -11.08 9.29
CA PRO A 51 -2.19 -11.66 10.01
C PRO A 51 -3.11 -10.61 10.67
N SER A 52 -2.92 -9.34 10.31
CA SER A 52 -3.73 -8.26 10.85
C SER A 52 -3.78 -7.12 9.85
N VAL A 53 -4.97 -6.54 9.69
CA VAL A 53 -5.24 -5.58 8.61
C VAL A 53 -4.44 -4.29 8.75
N LYS A 54 -4.18 -3.87 9.98
CA LYS A 54 -3.47 -2.61 10.22
C LYS A 54 -2.01 -2.71 9.79
N LYS A 55 -1.37 -3.84 10.11
CA LYS A 55 0.03 -4.03 9.78
C LYS A 55 0.18 -4.46 8.32
N ALA A 56 -0.92 -4.96 7.74
CA ALA A 56 -0.94 -5.25 6.32
C ALA A 56 -0.67 -4.00 5.50
N LYS A 57 -1.49 -2.97 5.69
CA LYS A 57 -1.29 -1.67 5.06
C LYS A 57 0.09 -1.12 5.39
N ASP A 58 0.45 -1.20 6.66
CA ASP A 58 1.79 -0.79 7.12
C ASP A 58 2.90 -1.41 6.27
N SER A 59 2.84 -2.72 6.07
CA SER A 59 3.85 -3.44 5.32
C SER A 59 3.97 -2.91 3.88
N ALA A 60 2.84 -2.73 3.22
CA ALA A 60 2.83 -2.29 1.83
C ALA A 60 3.33 -0.84 1.72
N ALA A 61 2.94 -0.03 2.70
CA ALA A 61 3.36 1.36 2.77
C ALA A 61 4.87 1.51 2.85
N VAL A 62 5.56 0.53 3.44
CA VAL A 62 7.02 0.55 3.51
C VAL A 62 7.62 0.43 2.11
N LEU A 63 6.92 -0.31 1.25
CA LEU A 63 7.32 -0.46 -0.14
C LEU A 63 7.01 0.82 -0.89
N LEU A 64 5.97 1.51 -0.46
CA LEU A 64 5.59 2.80 -0.99
C LEU A 64 6.71 3.81 -0.76
N LEU A 65 7.26 3.76 0.44
CA LEU A 65 8.34 4.66 0.82
C LEU A 65 9.54 4.52 -0.12
N GLU A 66 9.78 3.30 -0.58
CA GLU A 66 10.88 3.04 -1.49
C GLU A 66 10.60 3.66 -2.86
N LEU A 67 9.36 3.48 -3.32
CA LEU A 67 8.92 4.01 -4.60
C LEU A 67 9.00 5.53 -4.57
N LEU A 68 8.47 6.09 -3.50
CA LEU A 68 8.46 7.54 -3.29
C LEU A 68 9.88 8.09 -3.20
N ASN A 69 10.80 7.31 -2.67
CA ASN A 69 12.19 7.73 -2.57
C ASN A 69 12.90 7.60 -3.92
N LYS A 70 12.21 7.01 -4.88
CA LYS A 70 12.76 6.79 -6.21
C LYS A 70 12.00 7.62 -7.23
N THR A 71 11.67 8.83 -6.86
CA THR A 71 10.94 9.73 -7.72
C THR A 71 11.90 10.64 -8.49
N ASN A 1 1.15 8.76 4.93
CA ASN A 1 0.42 9.67 4.01
C ASN A 1 1.03 11.06 3.99
N ASP A 2 1.84 11.40 5.00
CA ASP A 2 2.42 12.74 5.10
C ASP A 2 3.36 13.02 3.94
N ILE A 3 4.11 12.00 3.53
CA ILE A 3 5.05 12.13 2.42
C ILE A 3 4.30 12.40 1.12
N CYS A 4 3.16 11.74 0.96
CA CYS A 4 2.35 11.89 -0.25
C CYS A 4 1.69 13.25 -0.26
N LEU A 5 1.21 13.64 0.92
CA LEU A 5 0.56 14.92 1.12
C LEU A 5 1.55 16.05 0.83
N ARG A 6 2.78 15.88 1.32
CA ARG A 6 3.83 16.86 1.14
C ARG A 6 4.14 17.08 -0.33
N LYS A 7 4.03 16.02 -1.11
CA LYS A 7 4.31 16.05 -2.54
C LYS A 7 3.18 16.76 -3.30
N ASN A 8 2.20 17.24 -2.54
CA ASN A 8 1.04 17.93 -3.09
C ASN A 8 0.17 16.95 -3.88
N TRP A 9 0.26 15.68 -3.49
CA TRP A 9 -0.57 14.64 -4.05
C TRP A 9 -1.83 14.48 -3.19
N PRO A 10 -2.89 13.86 -3.73
CA PRO A 10 -4.08 13.54 -2.95
C PRO A 10 -3.82 12.37 -2.00
N MET A 11 -4.87 11.84 -1.39
CA MET A 11 -4.73 10.71 -0.50
C MET A 11 -4.57 9.43 -1.32
N PRO A 12 -3.59 8.59 -0.98
CA PRO A 12 -3.32 7.35 -1.70
C PRO A 12 -4.46 6.34 -1.57
N SER A 13 -4.44 5.35 -2.43
CA SER A 13 -5.44 4.31 -2.41
C SER A 13 -5.00 3.20 -1.47
N TYR A 14 -5.94 2.65 -0.73
CA TYR A 14 -5.65 1.60 0.21
C TYR A 14 -6.78 0.58 0.17
N ARG A 15 -6.51 -0.62 -0.33
CA ARG A 15 -7.54 -1.63 -0.50
C ARG A 15 -6.92 -3.03 -0.45
N CYS A 16 -7.47 -3.89 0.39
CA CYS A 16 -6.99 -5.26 0.50
C CYS A 16 -7.21 -6.02 -0.81
N VAL A 17 -6.14 -6.57 -1.36
CA VAL A 17 -6.23 -7.30 -2.61
C VAL A 17 -6.69 -8.73 -2.36
N LYS A 18 -6.26 -9.27 -1.23
CA LYS A 18 -6.72 -10.57 -0.79
C LYS A 18 -6.96 -10.57 0.72
N GLU A 19 -8.16 -10.95 1.12
CA GLU A 19 -8.51 -11.08 2.53
C GLU A 19 -9.60 -12.13 2.69
N GLY A 20 -9.51 -12.94 3.73
CA GLY A 20 -10.52 -13.95 3.98
C GLY A 20 -10.42 -15.13 3.03
N GLY A 21 -11.55 -15.59 2.52
CA GLY A 21 -11.54 -16.74 1.65
C GLY A 21 -12.19 -17.95 2.30
N PRO A 22 -11.61 -19.13 2.09
CA PRO A 22 -12.09 -20.39 2.66
C PRO A 22 -12.26 -20.30 4.18
N ALA A 23 -11.13 -20.20 4.89
CA ALA A 23 -11.12 -20.09 6.34
C ALA A 23 -9.69 -19.93 6.86
N HIS A 24 -8.79 -20.75 6.32
CA HIS A 24 -7.39 -20.75 6.77
C HIS A 24 -6.64 -19.51 6.32
N ALA A 25 -7.12 -18.88 5.27
CA ALA A 25 -6.41 -17.78 4.65
C ALA A 25 -6.79 -16.44 5.28
N LYS A 26 -6.57 -16.34 6.59
CA LYS A 26 -6.85 -15.09 7.29
C LYS A 26 -5.59 -14.23 7.34
N ARG A 27 -4.65 -14.54 6.46
CA ARG A 27 -3.53 -13.66 6.24
C ARG A 27 -3.99 -12.60 5.27
N PHE A 28 -3.58 -11.37 5.48
CA PHE A 28 -4.11 -10.28 4.69
C PHE A 28 -3.04 -9.73 3.78
N THR A 29 -3.37 -9.60 2.52
CA THR A 29 -2.46 -9.09 1.51
C THR A 29 -3.08 -7.87 0.88
N PHE A 30 -2.39 -6.75 0.87
CA PHE A 30 -2.95 -5.51 0.39
C PHE A 30 -1.93 -4.82 -0.53
N GLY A 31 -2.43 -4.03 -1.49
CA GLY A 31 -1.54 -3.30 -2.39
C GLY A 31 -1.87 -1.82 -2.44
N VAL A 32 -0.85 -0.97 -2.45
CA VAL A 32 -1.06 0.47 -2.40
C VAL A 32 -0.79 1.09 -3.75
N ARG A 33 -1.34 2.27 -3.99
CA ARG A 33 -1.02 3.05 -5.17
C ARG A 33 -1.14 4.52 -4.82
N VAL A 34 -0.31 5.34 -5.44
CA VAL A 34 -0.30 6.78 -5.18
C VAL A 34 -0.49 7.58 -6.47
N ASN A 35 -1.04 8.78 -6.35
CA ASN A 35 -1.29 9.63 -7.51
C ASN A 35 -0.12 10.58 -7.74
N THR A 36 0.87 10.07 -8.42
CA THR A 36 2.04 10.86 -8.75
C THR A 36 1.67 11.87 -9.83
N SER A 37 1.59 13.14 -9.43
CA SER A 37 1.14 14.20 -10.31
C SER A 37 1.86 14.19 -11.67
N ASP A 38 3.10 13.69 -11.68
CA ASP A 38 3.90 13.67 -12.90
C ASP A 38 3.67 12.41 -13.72
N ARG A 39 3.07 11.37 -13.15
CA ARG A 39 2.89 10.10 -13.85
C ARG A 39 1.46 9.59 -13.73
N GLY A 40 0.97 9.55 -12.50
CA GLY A 40 -0.37 9.10 -12.22
C GLY A 40 -0.40 8.00 -11.19
N TRP A 41 -1.45 7.20 -11.20
CA TRP A 41 -1.53 6.03 -10.35
C TRP A 41 -0.28 5.17 -10.51
N THR A 42 0.45 5.01 -9.43
CA THR A 42 1.67 4.22 -9.41
C THR A 42 1.36 2.74 -9.56
N ASP A 43 2.41 1.95 -9.79
CA ASP A 43 2.27 0.51 -9.83
C ASP A 43 1.90 0.01 -8.46
N GLU A 44 0.81 -0.74 -8.41
CA GLU A 44 0.26 -1.21 -7.15
C GLU A 44 1.25 -2.09 -6.42
N CYS A 45 1.64 -1.63 -5.24
CA CYS A 45 2.66 -2.29 -4.45
C CYS A 45 2.02 -3.18 -3.38
N ILE A 46 2.01 -4.48 -3.65
CA ILE A 46 1.47 -5.45 -2.72
C ILE A 46 2.44 -5.68 -1.56
N GLY A 47 1.92 -5.55 -0.35
CA GLY A 47 2.73 -5.75 0.84
C GLY A 47 2.83 -7.19 1.25
N GLU A 48 3.21 -7.40 2.50
CA GLU A 48 3.44 -8.74 3.02
C GLU A 48 2.18 -9.29 3.68
N PRO A 49 1.80 -10.53 3.33
CA PRO A 49 0.66 -11.21 3.96
C PRO A 49 0.77 -11.20 5.47
N MET A 50 -0.07 -10.42 6.12
CA MET A 50 0.03 -10.19 7.55
C MET A 50 -1.11 -10.83 8.32
N PRO A 51 -0.87 -11.19 9.58
CA PRO A 51 -1.89 -11.78 10.45
C PRO A 51 -2.79 -10.72 11.10
N SER A 52 -2.63 -9.47 10.71
CA SER A 52 -3.47 -8.39 11.21
C SER A 52 -3.57 -7.28 10.17
N VAL A 53 -4.77 -6.69 10.08
CA VAL A 53 -5.06 -5.68 9.06
C VAL A 53 -4.18 -4.45 9.21
N LYS A 54 -3.84 -4.13 10.45
CA LYS A 54 -3.00 -2.98 10.73
C LYS A 54 -1.60 -3.19 10.19
N LYS A 55 -1.11 -4.42 10.26
CA LYS A 55 0.22 -4.77 9.76
C LYS A 55 0.22 -4.83 8.25
N ALA A 56 -0.93 -5.20 7.69
CA ALA A 56 -1.08 -5.32 6.24
C ALA A 56 -0.76 -3.99 5.56
N LYS A 57 -1.53 -2.95 5.89
CA LYS A 57 -1.32 -1.60 5.37
C LYS A 57 0.14 -1.17 5.58
N ASP A 58 0.61 -1.34 6.80
CA ASP A 58 1.98 -0.99 7.17
C ASP A 58 3.02 -1.59 6.24
N SER A 59 2.96 -2.90 6.02
CA SER A 59 3.99 -3.59 5.24
C SER A 59 4.05 -3.08 3.80
N ALA A 60 2.88 -2.85 3.20
CA ALA A 60 2.80 -2.37 1.82
C ALA A 60 3.30 -0.93 1.74
N ALA A 61 2.90 -0.13 2.72
CA ALA A 61 3.33 1.26 2.85
C ALA A 61 4.85 1.37 2.84
N VAL A 62 5.54 0.37 3.41
CA VAL A 62 7.01 0.37 3.45
C VAL A 62 7.59 0.34 2.04
N LEU A 63 6.94 -0.41 1.16
CA LEU A 63 7.40 -0.51 -0.22
C LEU A 63 7.06 0.77 -0.96
N LEU A 64 5.98 1.38 -0.51
CA LEU A 64 5.51 2.65 -1.06
C LEU A 64 6.50 3.76 -0.73
N LEU A 65 6.98 3.75 0.51
CA LEU A 65 7.97 4.72 0.95
C LEU A 65 9.25 4.60 0.14
N GLU A 66 9.54 3.40 -0.34
CA GLU A 66 10.70 3.17 -1.17
C GLU A 66 10.45 3.70 -2.58
N LEU A 67 9.23 3.51 -3.06
CA LEU A 67 8.82 4.01 -4.36
C LEU A 67 8.91 5.53 -4.38
N LEU A 68 8.32 6.14 -3.35
CA LEU A 68 8.34 7.59 -3.16
C LEU A 68 9.76 8.12 -2.92
N ASN A 69 10.69 7.22 -2.61
CA ASN A 69 12.07 7.61 -2.40
C ASN A 69 12.88 7.40 -3.68
N LYS A 70 12.22 6.80 -4.66
CA LYS A 70 12.84 6.52 -5.95
C LYS A 70 12.17 7.34 -7.04
N THR A 71 11.75 8.53 -6.67
CA THR A 71 11.08 9.42 -7.59
C THR A 71 11.19 10.87 -7.09
N ASN A 1 0.96 8.52 4.87
CA ASN A 1 0.20 9.70 4.38
C ASN A 1 1.08 10.96 4.35
N ASP A 2 2.15 10.99 5.13
CA ASP A 2 2.97 12.19 5.24
C ASP A 2 3.68 12.48 3.93
N ILE A 3 4.30 11.46 3.37
CA ILE A 3 5.02 11.57 2.11
C ILE A 3 4.07 12.06 1.02
N CYS A 4 2.88 11.49 1.01
CA CYS A 4 1.86 11.81 0.04
C CYS A 4 1.39 13.24 0.21
N LEU A 5 1.18 13.60 1.47
CA LEU A 5 0.69 14.92 1.84
C LEU A 5 1.69 16.00 1.46
N ARG A 6 2.93 15.83 1.90
CA ARG A 6 3.99 16.79 1.64
C ARG A 6 4.21 16.98 0.14
N LYS A 7 4.06 15.91 -0.62
CA LYS A 7 4.24 15.94 -2.07
C LYS A 7 3.07 16.63 -2.78
N ASN A 8 2.10 17.04 -1.97
CA ASN A 8 0.90 17.73 -2.43
C ASN A 8 0.10 16.83 -3.38
N TRP A 9 0.08 15.56 -3.07
CA TRP A 9 -0.74 14.60 -3.79
C TRP A 9 -2.06 14.42 -3.05
N PRO A 10 -3.08 13.90 -3.72
CA PRO A 10 -4.32 13.51 -3.05
C PRO A 10 -4.08 12.31 -2.14
N MET A 11 -5.10 11.86 -1.43
CA MET A 11 -4.96 10.79 -0.48
C MET A 11 -4.88 9.45 -1.20
N PRO A 12 -3.79 8.70 -0.96
CA PRO A 12 -3.53 7.42 -1.63
C PRO A 12 -4.63 6.38 -1.44
N SER A 13 -4.59 5.37 -2.29
CA SER A 13 -5.58 4.30 -2.26
C SER A 13 -5.14 3.19 -1.32
N TYR A 14 -6.10 2.60 -0.62
CA TYR A 14 -5.82 1.52 0.30
C TYR A 14 -6.95 0.50 0.23
N ARG A 15 -6.67 -0.69 -0.29
CA ARG A 15 -7.68 -1.72 -0.47
C ARG A 15 -7.01 -3.09 -0.50
N CYS A 16 -7.52 -4.02 0.29
CA CYS A 16 -6.91 -5.34 0.39
C CYS A 16 -7.12 -6.14 -0.89
N VAL A 17 -6.04 -6.73 -1.38
CA VAL A 17 -6.08 -7.52 -2.60
C VAL A 17 -6.49 -8.95 -2.28
N LYS A 18 -6.12 -9.41 -1.09
CA LYS A 18 -6.45 -10.76 -0.66
C LYS A 18 -6.76 -10.79 0.84
N GLU A 19 -7.90 -11.35 1.17
CA GLU A 19 -8.32 -11.53 2.55
C GLU A 19 -9.22 -12.75 2.67
N GLY A 20 -9.04 -13.53 3.73
CA GLY A 20 -9.94 -14.62 4.02
C GLY A 20 -9.67 -15.89 3.22
N GLY A 21 -10.30 -16.97 3.64
CA GLY A 21 -10.13 -18.26 3.00
C GLY A 21 -10.60 -19.38 3.88
N PRO A 22 -10.01 -20.59 3.75
CA PRO A 22 -10.37 -21.75 4.57
C PRO A 22 -10.27 -21.44 6.07
N ALA A 23 -9.06 -21.24 6.55
CA ALA A 23 -8.82 -20.86 7.95
C ALA A 23 -7.37 -20.43 8.11
N HIS A 24 -6.48 -21.12 7.41
CA HIS A 24 -5.06 -20.75 7.37
C HIS A 24 -4.84 -19.59 6.40
N ALA A 25 -5.91 -18.87 6.07
CA ALA A 25 -5.84 -17.81 5.08
C ALA A 25 -6.36 -16.49 5.63
N LYS A 26 -6.21 -16.30 6.94
CA LYS A 26 -6.58 -15.03 7.55
C LYS A 26 -5.36 -14.11 7.56
N ARG A 27 -4.39 -14.44 6.72
CA ARG A 27 -3.30 -13.54 6.45
C ARG A 27 -3.74 -12.61 5.34
N PHE A 28 -3.47 -11.33 5.50
CA PHE A 28 -4.01 -10.34 4.61
C PHE A 28 -2.93 -9.75 3.74
N THR A 29 -3.22 -9.64 2.46
CA THR A 29 -2.28 -9.12 1.49
C THR A 29 -2.91 -7.94 0.78
N PHE A 30 -2.29 -6.77 0.86
CA PHE A 30 -2.88 -5.55 0.37
C PHE A 30 -1.88 -4.80 -0.50
N GLY A 31 -2.37 -3.98 -1.44
CA GLY A 31 -1.48 -3.21 -2.28
C GLY A 31 -1.84 -1.74 -2.30
N VAL A 32 -0.85 -0.87 -2.29
CA VAL A 32 -1.09 0.57 -2.24
C VAL A 32 -0.80 1.19 -3.59
N ARG A 33 -1.42 2.32 -3.86
CA ARG A 33 -1.13 3.08 -5.07
C ARG A 33 -1.28 4.56 -4.74
N VAL A 34 -0.43 5.38 -5.30
CA VAL A 34 -0.45 6.81 -5.02
C VAL A 34 -0.57 7.60 -6.33
N ASN A 35 -1.08 8.83 -6.23
CA ASN A 35 -1.22 9.69 -7.38
C ASN A 35 0.02 10.57 -7.53
N THR A 36 1.02 10.00 -8.16
CA THR A 36 2.25 10.72 -8.41
C THR A 36 2.05 11.66 -9.58
N SER A 37 1.88 12.94 -9.27
CA SER A 37 1.49 13.96 -10.23
C SER A 37 2.24 13.86 -11.57
N ASP A 38 3.51 13.46 -11.51
CA ASP A 38 4.33 13.36 -12.71
C ASP A 38 3.88 12.21 -13.64
N ARG A 39 3.26 11.18 -13.10
CA ARG A 39 2.91 10.00 -13.89
C ARG A 39 1.44 9.59 -13.65
N GLY A 40 1.02 9.63 -12.40
CA GLY A 40 -0.30 9.21 -12.03
C GLY A 40 -0.29 8.10 -11.00
N TRP A 41 -1.31 7.26 -11.06
CA TRP A 41 -1.37 6.08 -10.20
C TRP A 41 -0.08 5.26 -10.29
N THR A 42 0.59 5.10 -9.15
CA THR A 42 1.79 4.29 -9.07
C THR A 42 1.44 2.82 -9.27
N ASP A 43 2.42 2.03 -9.69
CA ASP A 43 2.21 0.59 -9.77
C ASP A 43 1.92 0.05 -8.37
N GLU A 44 0.79 -0.64 -8.27
CA GLU A 44 0.25 -1.04 -6.99
C GLU A 44 1.23 -1.92 -6.23
N CYS A 45 1.65 -1.44 -5.08
CA CYS A 45 2.68 -2.08 -4.29
C CYS A 45 2.06 -3.01 -3.25
N ILE A 46 2.10 -4.30 -3.55
CA ILE A 46 1.56 -5.31 -2.66
C ILE A 46 2.51 -5.58 -1.49
N GLY A 47 1.98 -5.51 -0.29
CA GLY A 47 2.75 -5.79 0.90
C GLY A 47 2.79 -7.27 1.21
N GLU A 48 3.26 -7.61 2.39
CA GLU A 48 3.36 -9.00 2.79
C GLU A 48 2.05 -9.47 3.40
N PRO A 49 1.71 -10.76 3.22
CA PRO A 49 0.59 -11.39 3.91
C PRO A 49 0.78 -11.31 5.42
N MET A 50 -0.01 -10.47 6.07
CA MET A 50 0.17 -10.16 7.48
C MET A 50 -1.04 -10.67 8.27
N PRO A 51 -0.83 -11.07 9.53
CA PRO A 51 -1.88 -11.65 10.36
C PRO A 51 -2.81 -10.61 10.99
N SER A 52 -2.67 -9.35 10.60
CA SER A 52 -3.50 -8.27 11.12
C SER A 52 -3.59 -7.15 10.09
N VAL A 53 -4.79 -6.60 9.92
CA VAL A 53 -5.07 -5.66 8.84
C VAL A 53 -4.28 -4.36 8.97
N LYS A 54 -3.97 -3.96 10.20
CA LYS A 54 -3.25 -2.72 10.44
C LYS A 54 -1.82 -2.79 9.92
N LYS A 55 -1.16 -3.91 10.18
CA LYS A 55 0.23 -4.08 9.79
C LYS A 55 0.34 -4.48 8.32
N ALA A 56 -0.76 -4.98 7.75
CA ALA A 56 -0.80 -5.29 6.33
C ALA A 56 -0.59 -4.03 5.52
N LYS A 57 -1.37 -3.01 5.85
CA LYS A 57 -1.23 -1.68 5.28
C LYS A 57 0.20 -1.19 5.42
N ASP A 58 0.70 -1.27 6.65
CA ASP A 58 2.06 -0.83 6.98
C ASP A 58 3.11 -1.47 6.06
N SER A 59 3.02 -2.79 5.86
CA SER A 59 4.02 -3.50 5.08
C SER A 59 4.00 -3.06 3.61
N ALA A 60 2.80 -2.84 3.07
CA ALA A 60 2.68 -2.38 1.69
C ALA A 60 3.13 -0.94 1.58
N ALA A 61 2.64 -0.09 2.48
CA ALA A 61 2.99 1.32 2.52
C ALA A 61 4.49 1.53 2.59
N VAL A 62 5.20 0.69 3.35
CA VAL A 62 6.64 0.86 3.52
C VAL A 62 7.40 0.50 2.25
N LEU A 63 6.81 -0.38 1.45
CA LEU A 63 7.36 -0.71 0.14
C LEU A 63 7.03 0.39 -0.85
N LEU A 64 5.87 0.98 -0.65
CA LEU A 64 5.42 2.12 -1.43
C LEU A 64 6.32 3.33 -1.19
N LEU A 65 6.73 3.49 0.06
CA LEU A 65 7.65 4.57 0.44
C LEU A 65 8.98 4.44 -0.28
N GLU A 66 9.33 3.22 -0.68
CA GLU A 66 10.53 2.99 -1.47
C GLU A 66 10.33 3.54 -2.88
N LEU A 67 9.12 3.37 -3.40
CA LEU A 67 8.75 3.86 -4.71
C LEU A 67 8.76 5.38 -4.70
N LEU A 68 8.15 5.95 -3.66
CA LEU A 68 8.08 7.38 -3.47
C LEU A 68 9.45 7.97 -3.13
N ASN A 69 10.40 7.11 -2.79
CA ASN A 69 11.77 7.52 -2.54
C ASN A 69 12.53 7.61 -3.85
N LYS A 70 11.84 7.22 -4.92
CA LYS A 70 12.39 7.25 -6.26
C LYS A 70 11.56 8.17 -7.14
N THR A 71 11.26 9.34 -6.61
CA THR A 71 10.44 10.31 -7.32
C THR A 71 11.26 11.53 -7.71
N ASN A 1 1.76 8.41 4.73
CA ASN A 1 0.98 9.52 4.15
C ASN A 1 1.81 10.80 4.10
N ASP A 2 2.88 10.85 4.89
CA ASP A 2 3.65 12.08 5.06
C ASP A 2 4.26 12.55 3.75
N ILE A 3 4.85 11.60 3.03
CA ILE A 3 5.46 11.90 1.74
C ILE A 3 4.42 12.35 0.72
N CYS A 4 3.34 11.59 0.61
CA CYS A 4 2.30 11.87 -0.38
C CYS A 4 1.66 13.23 -0.11
N LEU A 5 1.45 13.51 1.17
CA LEU A 5 0.87 14.76 1.61
C LEU A 5 1.77 15.93 1.23
N ARG A 6 3.04 15.81 1.61
CA ARG A 6 4.03 16.85 1.35
C ARG A 6 4.22 17.09 -0.15
N LYS A 7 4.05 16.03 -0.92
CA LYS A 7 4.17 16.10 -2.38
C LYS A 7 2.98 16.82 -2.99
N ASN A 8 2.06 17.22 -2.14
CA ASN A 8 0.85 17.92 -2.52
C ASN A 8 0.00 17.10 -3.48
N TRP A 9 0.12 15.79 -3.38
CA TRP A 9 -0.72 14.88 -4.14
C TRP A 9 -2.02 14.65 -3.39
N PRO A 10 -3.05 14.14 -4.08
CA PRO A 10 -4.27 13.70 -3.42
C PRO A 10 -3.99 12.47 -2.55
N MET A 11 -4.99 12.02 -1.79
CA MET A 11 -4.77 11.00 -0.80
C MET A 11 -4.70 9.60 -1.43
N PRO A 12 -3.68 8.82 -1.04
CA PRO A 12 -3.43 7.47 -1.58
C PRO A 12 -4.60 6.52 -1.40
N SER A 13 -4.63 5.51 -2.26
CA SER A 13 -5.65 4.47 -2.21
C SER A 13 -5.19 3.32 -1.33
N TYR A 14 -6.11 2.72 -0.61
CA TYR A 14 -5.79 1.59 0.25
C TYR A 14 -6.94 0.57 0.19
N ARG A 15 -6.69 -0.59 -0.43
CA ARG A 15 -7.73 -1.59 -0.62
C ARG A 15 -7.14 -3.00 -0.53
N CYS A 16 -7.70 -3.82 0.34
CA CYS A 16 -7.22 -5.19 0.52
C CYS A 16 -7.44 -6.02 -0.74
N VAL A 17 -6.37 -6.63 -1.22
CA VAL A 17 -6.48 -7.47 -2.40
C VAL A 17 -6.86 -8.90 -2.03
N LYS A 18 -6.31 -9.39 -0.93
CA LYS A 18 -6.62 -10.72 -0.43
C LYS A 18 -6.72 -10.72 1.09
N GLU A 19 -7.81 -11.29 1.60
CA GLU A 19 -7.98 -11.45 3.04
C GLU A 19 -8.79 -12.72 3.34
N GLY A 20 -8.54 -13.30 4.51
CA GLY A 20 -9.31 -14.45 4.94
C GLY A 20 -9.07 -15.69 4.09
N GLY A 21 -9.93 -16.69 4.27
CA GLY A 21 -9.79 -17.93 3.56
C GLY A 21 -10.49 -19.05 4.29
N PRO A 22 -10.00 -20.29 4.14
CA PRO A 22 -10.55 -21.46 4.84
C PRO A 22 -10.68 -21.23 6.34
N ALA A 23 -9.54 -20.91 6.96
CA ALA A 23 -9.47 -20.60 8.38
C ALA A 23 -8.05 -20.24 8.75
N HIS A 24 -7.12 -21.09 8.35
CA HIS A 24 -5.69 -20.90 8.62
C HIS A 24 -5.07 -19.87 7.68
N ALA A 25 -5.91 -19.05 7.06
CA ALA A 25 -5.44 -18.07 6.09
C ALA A 25 -5.90 -16.67 6.45
N LYS A 26 -5.75 -16.31 7.73
CA LYS A 26 -6.13 -14.98 8.20
C LYS A 26 -5.02 -13.97 7.94
N ARG A 27 -4.13 -14.32 7.02
CA ARG A 27 -3.07 -13.39 6.65
C ARG A 27 -3.60 -12.46 5.56
N PHE A 28 -3.22 -11.21 5.63
CA PHE A 28 -3.78 -10.19 4.76
C PHE A 28 -2.74 -9.71 3.77
N THR A 29 -3.17 -9.58 2.53
CA THR A 29 -2.32 -9.07 1.47
C THR A 29 -3.02 -7.89 0.83
N PHE A 30 -2.35 -6.75 0.71
CA PHE A 30 -2.97 -5.56 0.19
C PHE A 30 -1.97 -4.78 -0.66
N GLY A 31 -2.46 -3.99 -1.61
CA GLY A 31 -1.58 -3.19 -2.45
C GLY A 31 -1.95 -1.72 -2.45
N VAL A 32 -0.96 -0.83 -2.41
CA VAL A 32 -1.19 0.61 -2.33
C VAL A 32 -0.89 1.26 -3.66
N ARG A 33 -1.44 2.44 -3.88
CA ARG A 33 -1.07 3.24 -5.03
C ARG A 33 -1.20 4.72 -4.66
N VAL A 34 -0.36 5.54 -5.26
CA VAL A 34 -0.38 6.98 -5.00
C VAL A 34 -0.51 7.74 -6.32
N ASN A 35 -1.01 8.97 -6.27
CA ASN A 35 -1.18 9.78 -7.47
C ASN A 35 0.05 10.64 -7.68
N THR A 36 1.07 10.05 -8.27
CA THR A 36 2.29 10.78 -8.55
C THR A 36 2.07 11.72 -9.72
N SER A 37 1.99 13.01 -9.43
CA SER A 37 1.65 14.02 -10.41
C SER A 37 2.44 13.88 -11.72
N ASP A 38 3.66 13.37 -11.63
CA ASP A 38 4.52 13.22 -12.81
C ASP A 38 4.19 11.98 -13.65
N ARG A 39 3.42 11.03 -13.12
CA ARG A 39 3.09 9.82 -13.87
C ARG A 39 1.64 9.40 -13.66
N GLY A 40 1.18 9.50 -12.42
CA GLY A 40 -0.17 9.10 -12.07
C GLY A 40 -0.19 8.04 -10.99
N TRP A 41 -1.24 7.24 -10.98
CA TRP A 41 -1.33 6.10 -10.07
C TRP A 41 -0.09 5.23 -10.18
N THR A 42 0.61 5.07 -9.07
CA THR A 42 1.81 4.26 -9.01
C THR A 42 1.48 2.78 -9.16
N ASP A 43 2.46 1.98 -9.59
CA ASP A 43 2.29 0.54 -9.67
C ASP A 43 1.92 0.01 -8.29
N GLU A 44 0.88 -0.81 -8.25
CA GLU A 44 0.29 -1.24 -7.00
C GLU A 44 1.29 -2.03 -6.17
N CYS A 45 1.66 -1.42 -5.06
CA CYS A 45 2.66 -1.97 -4.17
C CYS A 45 2.01 -2.94 -3.20
N ILE A 46 2.13 -4.22 -3.52
CA ILE A 46 1.57 -5.25 -2.70
C ILE A 46 2.47 -5.55 -1.52
N GLY A 47 1.90 -5.55 -0.32
CA GLY A 47 2.65 -5.91 0.86
C GLY A 47 2.65 -7.41 1.05
N GLU A 48 3.38 -7.88 2.05
CA GLU A 48 3.45 -9.31 2.30
C GLU A 48 2.30 -9.74 3.17
N PRO A 49 1.84 -11.00 3.02
CA PRO A 49 0.78 -11.56 3.86
C PRO A 49 1.08 -11.37 5.35
N MET A 50 0.32 -10.51 5.99
CA MET A 50 0.52 -10.17 7.39
C MET A 50 -0.67 -10.65 8.20
N PRO A 51 -0.44 -11.21 9.39
CA PRO A 51 -1.50 -11.81 10.21
C PRO A 51 -2.42 -10.78 10.89
N SER A 52 -2.35 -9.52 10.46
CA SER A 52 -3.20 -8.47 11.04
C SER A 52 -3.33 -7.32 10.04
N VAL A 53 -4.53 -6.72 10.02
CA VAL A 53 -4.92 -5.75 9.00
C VAL A 53 -4.09 -4.47 9.06
N LYS A 54 -3.81 -3.98 10.26
CA LYS A 54 -3.07 -2.73 10.42
C LYS A 54 -1.65 -2.86 9.88
N LYS A 55 -1.01 -3.98 10.17
CA LYS A 55 0.36 -4.19 9.74
C LYS A 55 0.41 -4.65 8.28
N ALA A 56 -0.73 -5.15 7.79
CA ALA A 56 -0.87 -5.46 6.37
C ALA A 56 -0.72 -4.20 5.54
N LYS A 57 -1.55 -3.19 5.85
CA LYS A 57 -1.49 -1.89 5.20
C LYS A 57 -0.08 -1.32 5.32
N ASP A 58 0.41 -1.29 6.56
CA ASP A 58 1.74 -0.76 6.86
C ASP A 58 2.83 -1.43 6.04
N SER A 59 2.76 -2.74 5.89
CA SER A 59 3.78 -3.48 5.14
C SER A 59 3.80 -3.05 3.68
N ALA A 60 2.64 -2.88 3.09
CA ALA A 60 2.56 -2.43 1.71
C ALA A 60 3.00 -0.98 1.60
N ALA A 61 2.51 -0.16 2.52
CA ALA A 61 2.83 1.26 2.56
C ALA A 61 4.33 1.52 2.67
N VAL A 62 5.05 0.69 3.44
CA VAL A 62 6.48 0.90 3.63
C VAL A 62 7.24 0.61 2.33
N LEU A 63 6.71 -0.32 1.54
CA LEU A 63 7.28 -0.65 0.25
C LEU A 63 6.92 0.45 -0.75
N LEU A 64 5.76 1.02 -0.53
CA LEU A 64 5.28 2.14 -1.30
C LEU A 64 6.16 3.38 -1.07
N LEU A 65 6.50 3.61 0.19
CA LEU A 65 7.34 4.74 0.57
C LEU A 65 8.70 4.68 -0.12
N GLU A 66 9.15 3.47 -0.41
CA GLU A 66 10.39 3.28 -1.12
C GLU A 66 10.25 3.68 -2.59
N LEU A 67 9.10 3.36 -3.16
CA LEU A 67 8.81 3.65 -4.53
C LEU A 67 8.51 5.13 -4.72
N LEU A 68 7.75 5.64 -3.77
CA LEU A 68 7.32 7.01 -3.73
C LEU A 68 8.50 7.96 -3.55
N ASN A 69 9.43 7.54 -2.71
CA ASN A 69 10.69 8.24 -2.52
C ASN A 69 11.54 8.16 -3.79
N LYS A 70 10.99 7.41 -4.75
CA LYS A 70 11.66 7.05 -5.99
C LYS A 70 12.90 6.23 -5.74
N THR A 71 13.32 5.49 -6.74
CA THR A 71 14.24 4.39 -6.52
C THR A 71 15.44 4.49 -7.46
N ASN A 1 1.78 8.55 4.85
CA ASN A 1 0.96 9.61 4.23
C ASN A 1 1.74 10.91 4.10
N ASP A 2 2.82 11.06 4.87
CA ASP A 2 3.57 12.32 4.90
C ASP A 2 4.25 12.59 3.56
N ILE A 3 4.88 11.57 3.02
CA ILE A 3 5.60 11.68 1.76
C ILE A 3 4.66 12.07 0.64
N CYS A 4 3.47 11.46 0.63
CA CYS A 4 2.48 11.72 -0.41
C CYS A 4 1.89 13.11 -0.22
N LEU A 5 1.63 13.46 1.03
CA LEU A 5 1.06 14.76 1.37
C LEU A 5 2.00 15.88 0.94
N ARG A 6 3.24 15.78 1.40
CA ARG A 6 4.27 16.78 1.12
C ARG A 6 4.50 16.95 -0.37
N LYS A 7 4.36 15.86 -1.11
CA LYS A 7 4.59 15.86 -2.57
C LYS A 7 3.48 16.57 -3.32
N ASN A 8 2.56 17.13 -2.56
CA ASN A 8 1.43 17.88 -3.08
C ASN A 8 0.53 16.97 -3.92
N TRP A 9 0.37 15.75 -3.46
CA TRP A 9 -0.52 14.80 -4.09
C TRP A 9 -1.79 14.65 -3.27
N PRO A 10 -2.86 14.06 -3.85
CA PRO A 10 -4.05 13.70 -3.09
C PRO A 10 -3.78 12.49 -2.18
N MET A 11 -4.82 11.94 -1.58
CA MET A 11 -4.65 10.80 -0.69
C MET A 11 -4.58 9.51 -1.49
N PRO A 12 -3.64 8.62 -1.15
CA PRO A 12 -3.42 7.35 -1.87
C PRO A 12 -4.57 6.36 -1.68
N SER A 13 -4.54 5.32 -2.49
CA SER A 13 -5.54 4.26 -2.42
C SER A 13 -5.09 3.17 -1.45
N TYR A 14 -6.03 2.63 -0.69
CA TYR A 14 -5.74 1.59 0.28
C TYR A 14 -6.90 0.60 0.33
N ARG A 15 -6.68 -0.62 -0.14
CA ARG A 15 -7.74 -1.62 -0.19
C ARG A 15 -7.15 -3.02 -0.21
N CYS A 16 -7.62 -3.87 0.70
CA CYS A 16 -7.12 -5.23 0.80
C CYS A 16 -7.48 -6.04 -0.44
N VAL A 17 -6.46 -6.61 -1.08
CA VAL A 17 -6.65 -7.35 -2.32
C VAL A 17 -6.98 -8.80 -2.06
N LYS A 18 -6.36 -9.37 -1.03
CA LYS A 18 -6.59 -10.76 -0.67
C LYS A 18 -6.76 -10.91 0.83
N GLU A 19 -7.88 -11.46 1.23
CA GLU A 19 -8.22 -11.64 2.64
C GLU A 19 -9.14 -12.85 2.80
N GLY A 20 -8.97 -13.60 3.89
CA GLY A 20 -9.92 -14.65 4.21
C GLY A 20 -9.61 -15.99 3.57
N GLY A 21 -10.55 -16.90 3.69
CA GLY A 21 -10.36 -18.27 3.26
C GLY A 21 -11.07 -19.22 4.20
N PRO A 22 -10.63 -20.48 4.28
CA PRO A 22 -11.21 -21.47 5.21
C PRO A 22 -11.23 -20.97 6.65
N ALA A 23 -10.03 -20.77 7.21
CA ALA A 23 -9.88 -20.24 8.57
C ALA A 23 -8.42 -19.92 8.82
N HIS A 24 -7.56 -20.83 8.38
CA HIS A 24 -6.10 -20.64 8.49
C HIS A 24 -5.57 -19.70 7.42
N ALA A 25 -6.47 -18.92 6.82
CA ALA A 25 -6.09 -18.05 5.72
C ALA A 25 -6.46 -16.61 6.04
N LYS A 26 -6.32 -16.25 7.30
CA LYS A 26 -6.63 -14.92 7.76
C LYS A 26 -5.42 -14.01 7.61
N ARG A 27 -4.49 -14.42 6.77
CA ARG A 27 -3.37 -13.58 6.42
C ARG A 27 -3.80 -12.64 5.32
N PHE A 28 -3.45 -11.38 5.47
CA PHE A 28 -3.98 -10.35 4.61
C PHE A 28 -2.90 -9.82 3.70
N THR A 29 -3.26 -9.65 2.44
CA THR A 29 -2.36 -9.09 1.45
C THR A 29 -3.06 -7.88 0.85
N PHE A 30 -2.36 -6.76 0.77
CA PHE A 30 -2.97 -5.52 0.31
C PHE A 30 -1.99 -4.78 -0.61
N GLY A 31 -2.51 -4.01 -1.54
CA GLY A 31 -1.66 -3.25 -2.44
C GLY A 31 -2.01 -1.78 -2.44
N VAL A 32 -0.98 -0.92 -2.41
CA VAL A 32 -1.19 0.52 -2.34
C VAL A 32 -0.87 1.14 -3.68
N ARG A 33 -1.42 2.31 -3.94
CA ARG A 33 -1.04 3.08 -5.11
C ARG A 33 -1.18 4.55 -4.79
N VAL A 34 -0.33 5.36 -5.39
CA VAL A 34 -0.33 6.80 -5.14
C VAL A 34 -0.45 7.57 -6.45
N ASN A 35 -0.99 8.79 -6.38
CA ASN A 35 -1.18 9.61 -7.57
C ASN A 35 0.03 10.53 -7.74
N THR A 36 1.06 9.97 -8.35
CA THR A 36 2.26 10.74 -8.64
C THR A 36 1.94 11.76 -9.73
N SER A 37 1.83 13.02 -9.34
CA SER A 37 1.31 14.08 -10.20
C SER A 37 1.87 14.00 -11.63
N ASP A 38 3.18 13.80 -11.74
CA ASP A 38 3.85 13.81 -13.04
C ASP A 38 3.71 12.49 -13.81
N ARG A 39 3.15 11.46 -13.19
CA ARG A 39 2.99 10.16 -13.87
C ARG A 39 1.58 9.60 -13.69
N GLY A 40 1.11 9.60 -12.46
CA GLY A 40 -0.22 9.11 -12.15
C GLY A 40 -0.21 8.00 -11.13
N TRP A 41 -1.23 7.17 -11.18
CA TRP A 41 -1.29 5.99 -10.33
C TRP A 41 0.00 5.16 -10.47
N THR A 42 0.71 5.04 -9.36
CA THR A 42 1.95 4.26 -9.32
C THR A 42 1.65 2.77 -9.49
N ASP A 43 2.72 1.99 -9.69
CA ASP A 43 2.58 0.55 -9.69
C ASP A 43 2.10 0.10 -8.33
N GLU A 44 1.05 -0.71 -8.33
CA GLU A 44 0.43 -1.14 -7.10
C GLU A 44 1.42 -1.92 -6.25
N CYS A 45 1.66 -1.39 -5.07
CA CYS A 45 2.65 -1.96 -4.15
C CYS A 45 1.99 -2.95 -3.22
N ILE A 46 2.12 -4.22 -3.56
CA ILE A 46 1.56 -5.29 -2.76
C ILE A 46 2.48 -5.59 -1.58
N GLY A 47 1.92 -5.52 -0.38
CA GLY A 47 2.69 -5.81 0.81
C GLY A 47 2.80 -7.29 1.08
N GLU A 48 3.39 -7.63 2.22
CA GLU A 48 3.54 -9.02 2.59
C GLU A 48 2.26 -9.51 3.27
N PRO A 49 1.97 -10.81 3.17
CA PRO A 49 0.83 -11.41 3.85
C PRO A 49 0.98 -11.33 5.36
N MET A 50 0.17 -10.49 5.99
CA MET A 50 0.31 -10.22 7.40
C MET A 50 -0.93 -10.70 8.14
N PRO A 51 -0.77 -11.25 9.34
CA PRO A 51 -1.88 -11.82 10.11
C PRO A 51 -2.73 -10.78 10.84
N SER A 52 -2.61 -9.52 10.42
CA SER A 52 -3.38 -8.44 10.99
C SER A 52 -3.51 -7.31 9.97
N VAL A 53 -4.69 -6.71 9.92
CA VAL A 53 -5.01 -5.70 8.90
C VAL A 53 -4.22 -4.42 9.14
N LYS A 54 -3.80 -4.21 10.37
CA LYS A 54 -3.11 -2.99 10.74
C LYS A 54 -1.68 -3.00 10.20
N LYS A 55 -1.02 -4.15 10.35
CA LYS A 55 0.35 -4.31 9.86
C LYS A 55 0.34 -4.63 8.37
N ALA A 56 -0.81 -5.07 7.85
CA ALA A 56 -0.96 -5.29 6.43
C ALA A 56 -0.74 -4.00 5.65
N LYS A 57 -1.53 -2.97 5.97
CA LYS A 57 -1.36 -1.63 5.40
C LYS A 57 0.08 -1.17 5.58
N ASP A 58 0.58 -1.28 6.82
CA ASP A 58 1.95 -0.89 7.15
C ASP A 58 2.98 -1.52 6.23
N SER A 59 2.91 -2.84 6.06
CA SER A 59 3.88 -3.56 5.24
C SER A 59 3.91 -3.00 3.82
N ALA A 60 2.75 -2.79 3.24
CA ALA A 60 2.66 -2.31 1.87
C ALA A 60 3.13 -0.86 1.78
N ALA A 61 2.71 -0.04 2.74
CA ALA A 61 3.10 1.36 2.81
C ALA A 61 4.61 1.53 2.83
N VAL A 62 5.32 0.66 3.57
CA VAL A 62 6.78 0.74 3.68
C VAL A 62 7.43 0.51 2.31
N LEU A 63 6.83 -0.37 1.52
CA LEU A 63 7.32 -0.66 0.18
C LEU A 63 6.99 0.49 -0.76
N LEU A 64 5.82 1.06 -0.53
CA LEU A 64 5.33 2.19 -1.30
C LEU A 64 6.23 3.42 -1.09
N LEU A 65 6.59 3.66 0.17
CA LEU A 65 7.45 4.78 0.50
C LEU A 65 8.83 4.65 -0.16
N GLU A 66 9.19 3.44 -0.55
CA GLU A 66 10.42 3.22 -1.29
C GLU A 66 10.25 3.65 -2.74
N LEU A 67 9.07 3.37 -3.28
CA LEU A 67 8.74 3.74 -4.65
C LEU A 67 8.67 5.25 -4.75
N LEU A 68 8.06 5.85 -3.75
CA LEU A 68 7.92 7.29 -3.63
C LEU A 68 9.26 7.96 -3.35
N ASN A 69 10.22 7.18 -2.90
CA ASN A 69 11.57 7.67 -2.68
C ASN A 69 12.36 7.51 -3.98
N LYS A 70 11.67 6.98 -4.99
CA LYS A 70 12.20 6.69 -6.31
C LYS A 70 12.97 5.38 -6.29
N THR A 71 12.92 4.66 -7.40
CA THR A 71 13.41 3.30 -7.45
C THR A 71 14.01 2.99 -8.82
#